data_6UEE
#
_entry.id   6UEE
#
_cell.length_a   80.310
_cell.length_b   82.560
_cell.length_c   221.890
_cell.angle_alpha   90.000
_cell.angle_beta   90.000
_cell.angle_gamma   90.000
#
_symmetry.space_group_name_H-M   'P 21 21 21'
#
loop_
_entity.id
_entity.type
_entity.pdbx_description
1 polymer 'Acyl-[acyl-carrier-protein]--UDP-N-acetylglucosamine O-acyltransferase'
2 non-polymer '4-(naphthalen-1-yl)-4-oxobutanoic acid'
3 non-polymer GLYCEROL
4 water water
#
_entity_poly.entity_id   1
_entity_poly.type   'polypeptide(L)'
_entity_poly.pdbx_seq_one_letter_code
;MSLIDPRAIIDPSARLAADVQVGPWSIVGAEVEIGEGTVIGPHVVLKGPTKIGKHNRIYQFSSVGEDTPDLKYKGEPTRL
VIGDHNVIREGVTIHRGTVQDRAETTIGDHNLIMAYAHIGHDSVIGNHCILVNNTALAGHVHVDDWAILSGYTLVHQYCR
IGAHSFSGMGSAIGKDVPAYVTVFGNPAEARSMNFEGMRRRGFSSEAIHALRRAYKVVYRQGHTVEEALAELAESAAQFP
EVAVFRDSIQSATRGITR
;
_entity_poly.pdbx_strand_id   A,B,C,D,E,F
#
loop_
_chem_comp.id
_chem_comp.type
_chem_comp.name
_chem_comp.formula
GOL non-polymer GLYCEROL 'C3 H8 O3'
Q5M non-polymer '4-(naphthalen-1-yl)-4-oxobutanoic acid' 'C14 H12 O3'
#
# COMPACT_ATOMS: atom_id res chain seq x y z
N MET A 1 -7.62 -12.33 44.62
CA MET A 1 -7.76 -12.28 43.14
C MET A 1 -8.32 -13.62 42.58
N SER A 2 -9.34 -14.23 43.20
CA SER A 2 -9.93 -15.52 42.70
C SER A 2 -11.12 -15.26 41.78
N LEU A 3 -11.09 -15.84 40.58
CA LEU A 3 -12.21 -15.78 39.61
C LEU A 3 -12.23 -17.07 38.79
N ILE A 4 -13.18 -17.94 39.09
CA ILE A 4 -13.39 -19.21 38.35
C ILE A 4 -14.57 -18.96 37.41
N ASP A 5 -14.31 -18.85 36.11
CA ASP A 5 -15.39 -18.62 35.13
C ASP A 5 -16.31 -19.85 35.15
N PRO A 6 -17.63 -19.69 35.34
CA PRO A 6 -18.52 -20.85 35.40
C PRO A 6 -18.67 -21.60 34.07
N ARG A 7 -18.22 -21.03 32.95
CA ARG A 7 -18.20 -21.76 31.66
C ARG A 7 -16.99 -22.71 31.60
N ALA A 8 -16.10 -22.69 32.59
CA ALA A 8 -14.99 -23.67 32.74
C ALA A 8 -15.53 -24.97 33.34
N ILE A 9 -14.93 -26.11 32.98
CA ILE A 9 -15.24 -27.45 33.57
C ILE A 9 -14.12 -27.77 34.56
N ILE A 10 -14.45 -27.70 35.84
CA ILE A 10 -13.51 -28.05 36.95
C ILE A 10 -13.91 -29.46 37.40
N ASP A 11 -13.03 -30.45 37.24
CA ASP A 11 -13.30 -31.82 37.75
C ASP A 11 -13.45 -31.74 39.26
N PRO A 12 -14.33 -32.57 39.89
CA PRO A 12 -14.43 -32.61 41.35
C PRO A 12 -13.13 -33.00 42.08
N SER A 13 -12.24 -33.76 41.46
CA SER A 13 -10.95 -34.19 42.08
C SER A 13 -9.84 -33.15 41.80
N ALA A 14 -10.10 -32.10 41.02
CA ALA A 14 -9.16 -30.98 40.79
C ALA A 14 -9.06 -30.16 42.09
N ARG A 15 -7.90 -29.58 42.36
CA ARG A 15 -7.66 -28.72 43.54
C ARG A 15 -7.16 -27.35 43.06
N LEU A 16 -7.89 -26.29 43.42
CA LEU A 16 -7.52 -24.87 43.20
C LEU A 16 -7.09 -24.25 44.53
N ALA A 17 -6.01 -23.47 44.51
CA ALA A 17 -5.51 -22.68 45.67
C ALA A 17 -6.12 -21.27 45.66
N ALA A 18 -5.78 -20.49 46.68
CA ALA A 18 -6.11 -19.05 46.85
C ALA A 18 -5.73 -18.29 45.59
N ASP A 19 -6.62 -17.42 45.12
CA ASP A 19 -6.32 -16.39 44.10
C ASP A 19 -6.03 -17.06 42.76
N VAL A 20 -6.56 -18.26 42.50
CA VAL A 20 -6.45 -18.92 41.17
C VAL A 20 -7.55 -18.34 40.28
N GLN A 21 -7.24 -18.11 39.01
CA GLN A 21 -8.21 -17.70 37.98
C GLN A 21 -8.25 -18.78 36.89
N VAL A 22 -9.45 -19.07 36.39
CA VAL A 22 -9.69 -19.99 35.25
C VAL A 22 -10.68 -19.32 34.29
N GLY A 23 -10.26 -19.07 33.06
CA GLY A 23 -11.04 -18.41 32.00
C GLY A 23 -12.12 -19.31 31.43
N PRO A 24 -13.08 -18.75 30.65
CA PRO A 24 -14.17 -19.51 30.07
C PRO A 24 -13.70 -20.59 29.08
N TRP A 25 -14.42 -21.72 29.07
CA TRP A 25 -14.31 -22.87 28.13
C TRP A 25 -12.98 -23.59 28.32
N SER A 26 -12.40 -23.50 29.52
CA SER A 26 -11.18 -24.24 29.88
C SER A 26 -11.59 -25.49 30.64
N ILE A 27 -10.75 -26.51 30.61
CA ILE A 27 -10.98 -27.79 31.33
C ILE A 27 -9.87 -27.95 32.36
N VAL A 28 -10.25 -28.04 33.64
CA VAL A 28 -9.32 -28.43 34.72
C VAL A 28 -9.66 -29.87 35.11
N GLY A 29 -8.81 -30.81 34.65
CA GLY A 29 -9.12 -32.25 34.60
C GLY A 29 -8.92 -32.89 35.95
N ALA A 30 -9.31 -34.16 36.07
CA ALA A 30 -9.14 -35.00 37.28
C ALA A 30 -7.67 -34.99 37.68
N GLU A 31 -7.42 -34.88 38.99
CA GLU A 31 -6.08 -34.89 39.65
C GLU A 31 -5.20 -33.79 39.06
N VAL A 32 -5.77 -32.63 38.75
CA VAL A 32 -4.97 -31.41 38.46
C VAL A 32 -4.99 -30.52 39.70
N GLU A 33 -3.83 -30.09 40.16
CA GLU A 33 -3.66 -29.19 41.33
C GLU A 33 -3.02 -27.87 40.84
N ILE A 34 -3.70 -26.74 41.06
CA ILE A 34 -3.23 -25.38 40.67
C ILE A 34 -2.92 -24.57 41.94
N GLY A 35 -1.68 -24.09 42.06
CA GLY A 35 -1.15 -23.36 43.23
C GLY A 35 -1.52 -21.90 43.21
N GLU A 36 -1.26 -21.22 44.32
CA GLU A 36 -1.72 -19.83 44.66
C GLU A 36 -1.41 -18.86 43.53
N GLY A 37 -2.40 -18.09 43.08
CA GLY A 37 -2.21 -16.94 42.18
C GLY A 37 -2.00 -17.35 40.73
N THR A 38 -2.12 -18.64 40.41
CA THR A 38 -1.93 -19.10 39.01
C THR A 38 -3.18 -18.70 38.23
N VAL A 39 -2.94 -18.16 37.03
CA VAL A 39 -3.97 -17.64 36.09
C VAL A 39 -3.98 -18.53 34.85
N ILE A 40 -5.09 -19.21 34.64
CA ILE A 40 -5.38 -20.03 33.45
C ILE A 40 -6.32 -19.25 32.55
N GLY A 41 -5.92 -19.07 31.30
CA GLY A 41 -6.70 -18.32 30.31
C GLY A 41 -7.93 -19.10 29.86
N PRO A 42 -8.60 -18.59 28.80
CA PRO A 42 -9.75 -19.26 28.24
C PRO A 42 -9.22 -20.34 27.29
N HIS A 43 -10.04 -21.34 26.99
CA HIS A 43 -9.75 -22.38 25.97
C HIS A 43 -8.43 -23.10 26.31
N VAL A 44 -8.17 -23.35 27.59
CA VAL A 44 -6.98 -24.15 28.05
C VAL A 44 -7.47 -25.56 28.36
N VAL A 45 -6.70 -26.57 27.98
CA VAL A 45 -6.98 -27.98 28.40
C VAL A 45 -5.88 -28.41 29.37
N LEU A 46 -6.23 -28.59 30.64
CA LEU A 46 -5.33 -29.12 31.70
C LEU A 46 -5.76 -30.55 31.99
N LYS A 47 -4.84 -31.52 31.89
N LYS A 47 -4.83 -31.51 31.94
CA LYS A 47 -5.09 -32.95 32.25
CA LYS A 47 -5.08 -32.94 32.26
C LYS A 47 -4.10 -33.38 33.33
C LYS A 47 -4.06 -33.42 33.30
N GLY A 48 -4.45 -34.40 34.13
CA GLY A 48 -3.65 -34.86 35.27
C GLY A 48 -3.26 -36.33 35.15
N PRO A 49 -2.62 -36.92 36.17
CA PRO A 49 -2.13 -36.18 37.33
C PRO A 49 -1.05 -35.11 37.04
N THR A 50 -1.36 -33.87 37.43
CA THR A 50 -0.54 -32.66 37.18
C THR A 50 -0.54 -31.78 38.44
N LYS A 51 0.62 -31.30 38.84
CA LYS A 51 0.75 -30.28 39.92
C LYS A 51 1.37 -29.02 39.30
N ILE A 52 0.66 -27.89 39.42
CA ILE A 52 1.14 -26.56 38.95
C ILE A 52 1.31 -25.68 40.19
N GLY A 53 2.45 -25.01 40.32
CA GLY A 53 2.78 -24.18 41.49
C GLY A 53 2.15 -22.80 41.43
N LYS A 54 2.85 -21.82 41.99
CA LYS A 54 2.28 -20.50 42.31
C LYS A 54 2.61 -19.53 41.18
N HIS A 55 1.67 -18.61 40.93
CA HIS A 55 1.89 -17.38 40.14
C HIS A 55 2.35 -17.73 38.73
N ASN A 56 1.85 -18.84 38.19
CA ASN A 56 2.02 -19.23 36.77
C ASN A 56 0.97 -18.53 35.90
N ARG A 57 1.18 -18.52 34.60
CA ARG A 57 0.23 -17.98 33.60
C ARG A 57 0.20 -18.91 32.39
N ILE A 58 -0.97 -19.46 32.10
CA ILE A 58 -1.16 -20.41 30.97
C ILE A 58 -2.17 -19.78 30.01
N TYR A 59 -1.76 -19.57 28.76
CA TYR A 59 -2.57 -18.92 27.71
C TYR A 59 -3.42 -19.92 26.93
N GLN A 60 -4.46 -19.36 26.31
CA GLN A 60 -5.44 -20.04 25.42
C GLN A 60 -4.80 -21.03 24.45
N PHE A 61 -5.55 -22.11 24.21
CA PHE A 61 -5.34 -23.13 23.15
C PHE A 61 -4.18 -24.08 23.54
N SER A 62 -3.60 -23.90 24.70
CA SER A 62 -2.54 -24.77 25.29
C SER A 62 -3.17 -26.09 25.75
N SER A 63 -2.42 -27.18 25.63
CA SER A 63 -2.81 -28.52 26.12
C SER A 63 -1.73 -28.98 27.09
N VAL A 64 -2.00 -28.83 28.39
CA VAL A 64 -0.97 -29.01 29.46
C VAL A 64 -1.33 -30.27 30.27
N GLY A 65 -0.46 -31.28 30.22
CA GLY A 65 -0.64 -32.56 30.93
C GLY A 65 -1.34 -33.59 30.07
N GLU A 66 -1.27 -33.48 28.74
CA GLU A 66 -1.82 -34.51 27.82
C GLU A 66 -0.92 -35.75 27.85
N ASP A 67 -1.42 -36.86 27.32
CA ASP A 67 -0.68 -38.14 27.11
C ASP A 67 0.15 -38.04 25.83
N THR A 68 1.38 -38.57 25.82
CA THR A 68 2.21 -38.65 24.58
C THR A 68 1.46 -39.51 23.58
N PRO A 69 1.39 -39.09 22.29
CA PRO A 69 0.47 -39.69 21.33
C PRO A 69 0.71 -41.16 20.97
N ASP A 70 1.95 -41.59 20.78
CA ASP A 70 2.25 -42.96 20.31
C ASP A 70 1.61 -43.96 21.29
N LEU A 71 0.48 -44.57 20.91
CA LEU A 71 -0.35 -45.47 21.76
C LEU A 71 0.47 -46.69 22.20
N LYS A 72 1.79 -46.66 21.94
CA LYS A 72 2.81 -47.67 22.36
C LYS A 72 3.43 -47.27 23.72
N TYR A 73 3.11 -46.08 24.24
CA TYR A 73 3.57 -45.60 25.58
C TYR A 73 2.44 -45.75 26.62
N LYS A 74 1.50 -46.71 26.42
CA LYS A 74 0.08 -46.67 26.90
C LYS A 74 -0.10 -47.07 28.38
N GLY A 75 0.70 -46.54 29.31
CA GLY A 75 0.65 -46.85 30.75
C GLY A 75 0.27 -45.65 31.60
N GLU A 76 -0.15 -45.86 32.84
CA GLU A 76 -0.58 -44.82 33.81
C GLU A 76 -0.36 -45.38 35.22
N PRO A 77 -0.24 -44.58 36.30
CA PRO A 77 -0.29 -43.12 36.24
C PRO A 77 1.07 -42.51 35.86
N THR A 78 1.05 -41.40 35.12
CA THR A 78 2.25 -40.61 34.76
C THR A 78 1.95 -39.15 35.13
N ARG A 79 2.99 -38.40 35.53
CA ARG A 79 2.84 -37.09 36.20
C ARG A 79 3.39 -35.95 35.32
N LEU A 80 2.83 -34.76 35.52
CA LEU A 80 3.51 -33.50 35.14
C LEU A 80 3.62 -32.63 36.40
N VAL A 81 4.81 -32.08 36.63
CA VAL A 81 5.10 -31.14 37.75
C VAL A 81 5.64 -29.83 37.16
N ILE A 82 4.92 -28.75 37.42
CA ILE A 82 5.30 -27.38 37.02
C ILE A 82 5.49 -26.56 38.29
N GLY A 83 6.61 -25.82 38.40
CA GLY A 83 6.90 -24.97 39.57
C GLY A 83 6.14 -23.64 39.54
N ASP A 84 6.84 -22.55 39.83
CA ASP A 84 6.27 -21.22 40.14
C ASP A 84 6.78 -20.19 39.14
N HIS A 85 5.96 -19.16 38.88
CA HIS A 85 6.34 -17.95 38.10
C HIS A 85 6.69 -18.34 36.66
N ASN A 86 6.01 -19.35 36.12
CA ASN A 86 6.24 -19.81 34.72
C ASN A 86 5.22 -19.10 33.84
N VAL A 87 5.60 -18.75 32.63
CA VAL A 87 4.68 -18.29 31.55
C VAL A 87 4.66 -19.33 30.43
N ILE A 88 3.46 -19.79 30.12
CA ILE A 88 3.17 -20.78 29.05
C ILE A 88 2.20 -20.09 28.09
N ARG A 89 2.70 -19.76 26.90
CA ARG A 89 1.97 -18.88 25.95
C ARG A 89 0.99 -19.70 25.11
N GLU A 90 0.43 -19.06 24.09
CA GLU A 90 -0.67 -19.58 23.26
C GLU A 90 -0.29 -20.97 22.73
N GLY A 91 -1.18 -21.95 22.84
CA GLY A 91 -1.08 -23.17 22.03
C GLY A 91 0.08 -24.09 22.41
N VAL A 92 0.70 -23.92 23.57
CA VAL A 92 1.83 -24.77 24.03
C VAL A 92 1.30 -26.18 24.33
N THR A 93 2.00 -27.23 23.89
CA THR A 93 1.69 -28.63 24.29
C THR A 93 2.74 -29.10 25.29
N ILE A 94 2.30 -29.60 26.44
CA ILE A 94 3.18 -30.21 27.48
C ILE A 94 2.61 -31.61 27.79
N HIS A 95 3.43 -32.65 27.70
CA HIS A 95 2.99 -34.06 27.82
C HIS A 95 3.53 -34.61 29.14
N ARG A 96 2.74 -35.46 29.79
CA ARG A 96 3.13 -36.10 31.07
C ARG A 96 4.20 -37.17 30.81
N GLY A 97 4.77 -37.73 31.88
CA GLY A 97 5.83 -38.76 31.78
C GLY A 97 5.35 -40.06 31.14
N THR A 98 6.24 -41.06 31.10
CA THR A 98 5.92 -42.43 30.65
C THR A 98 6.43 -43.40 31.71
N VAL A 99 5.72 -44.50 31.93
CA VAL A 99 6.09 -45.52 32.96
C VAL A 99 7.41 -46.19 32.55
N GLN A 100 7.70 -46.25 31.26
CA GLN A 100 8.93 -46.83 30.65
C GLN A 100 10.07 -45.80 30.61
N ASP A 101 10.01 -44.72 31.41
CA ASP A 101 11.15 -43.79 31.69
C ASP A 101 10.98 -43.15 33.08
N ARG A 102 10.70 -41.84 33.16
CA ARG A 102 10.76 -41.06 34.44
C ARG A 102 9.41 -41.15 35.15
N ALA A 103 8.36 -41.53 34.43
CA ALA A 103 6.95 -41.43 34.83
C ALA A 103 6.60 -39.96 35.19
N GLU A 104 7.40 -38.98 34.74
CA GLU A 104 7.18 -37.56 35.11
C GLU A 104 7.88 -36.63 34.10
N THR A 105 7.17 -35.58 33.72
CA THR A 105 7.73 -34.39 33.05
C THR A 105 7.83 -33.29 34.11
N THR A 106 8.98 -32.66 34.24
CA THR A 106 9.29 -31.69 35.31
C THR A 106 9.68 -30.33 34.70
N ILE A 107 9.05 -29.27 35.21
CA ILE A 107 9.40 -27.86 34.88
C ILE A 107 9.58 -27.12 36.20
N GLY A 108 10.67 -26.35 36.34
CA GLY A 108 10.96 -25.59 37.58
C GLY A 108 10.27 -24.25 37.59
N ASP A 109 11.02 -23.19 37.86
CA ASP A 109 10.53 -21.83 38.17
C ASP A 109 11.01 -20.81 37.13
N HIS A 110 10.23 -19.75 36.88
CA HIS A 110 10.65 -18.53 36.14
C HIS A 110 10.98 -18.85 34.68
N ASN A 111 10.30 -19.84 34.11
CA ASN A 111 10.52 -20.23 32.69
C ASN A 111 9.50 -19.50 31.80
N LEU A 112 9.92 -19.20 30.58
CA LEU A 112 9.06 -18.60 29.53
C LEU A 112 8.99 -19.64 28.40
N ILE A 113 7.79 -20.18 28.17
CA ILE A 113 7.54 -21.13 27.06
C ILE A 113 6.59 -20.42 26.08
N MET A 114 7.14 -20.00 24.93
CA MET A 114 6.40 -19.14 23.99
C MET A 114 5.54 -19.98 23.05
N ALA A 115 4.68 -19.33 22.28
CA ALA A 115 3.55 -19.93 21.54
C ALA A 115 3.96 -21.20 20.78
N TYR A 116 3.19 -22.28 20.98
CA TYR A 116 3.24 -23.50 20.14
C TYR A 116 4.52 -24.31 20.41
N ALA A 117 5.23 -24.02 21.48
CA ALA A 117 6.38 -24.83 21.88
C ALA A 117 5.81 -26.20 22.32
N HIS A 118 6.62 -27.24 22.17
CA HIS A 118 6.27 -28.62 22.56
C HIS A 118 7.28 -29.14 23.60
N ILE A 119 6.78 -29.63 24.73
CA ILE A 119 7.61 -30.28 25.78
C ILE A 119 7.18 -31.76 25.86
N GLY A 120 8.05 -32.63 25.36
CA GLY A 120 7.78 -34.07 25.17
C GLY A 120 7.85 -34.81 26.49
N HIS A 121 7.17 -35.95 26.57
CA HIS A 121 7.16 -36.91 27.71
C HIS A 121 8.55 -37.00 28.37
N ASP A 122 8.57 -36.89 29.69
CA ASP A 122 9.77 -37.18 30.54
C ASP A 122 10.86 -36.13 30.33
N SER A 123 10.58 -34.95 29.77
CA SER A 123 11.56 -33.85 29.71
C SER A 123 11.72 -33.22 31.10
N VAL A 124 12.88 -32.64 31.40
CA VAL A 124 13.13 -31.90 32.67
C VAL A 124 13.60 -30.51 32.27
N ILE A 125 12.86 -29.46 32.62
CA ILE A 125 13.31 -28.05 32.44
C ILE A 125 13.62 -27.47 33.83
N GLY A 126 14.78 -26.84 33.98
CA GLY A 126 15.19 -26.16 35.22
C GLY A 126 14.49 -24.80 35.36
N ASN A 127 15.27 -23.75 35.62
CA ASN A 127 14.78 -22.43 36.09
C ASN A 127 15.22 -21.38 35.10
N HIS A 128 14.38 -20.38 34.83
CA HIS A 128 14.79 -19.18 34.08
C HIS A 128 15.15 -19.51 32.63
N CYS A 129 14.57 -20.58 32.07
CA CYS A 129 14.79 -21.00 30.67
C CYS A 129 13.82 -20.23 29.77
N ILE A 130 14.23 -19.99 28.52
CA ILE A 130 13.33 -19.48 27.43
C ILE A 130 13.30 -20.46 26.26
N LEU A 131 12.13 -21.01 25.98
CA LEU A 131 11.79 -21.78 24.76
C LEU A 131 10.92 -20.89 23.88
N VAL A 132 11.52 -20.35 22.84
CA VAL A 132 10.88 -19.39 21.90
C VAL A 132 9.93 -20.21 21.01
N ASN A 133 8.98 -19.54 20.37
CA ASN A 133 7.91 -20.10 19.49
C ASN A 133 8.34 -21.40 18.83
N ASN A 134 7.54 -22.46 19.00
CA ASN A 134 7.56 -23.70 18.19
C ASN A 134 8.84 -24.50 18.46
N THR A 135 9.54 -24.20 19.55
CA THR A 135 10.63 -25.07 20.06
C THR A 135 9.98 -26.42 20.39
N ALA A 136 10.63 -27.52 20.05
CA ALA A 136 10.07 -28.87 20.26
C ALA A 136 11.14 -29.74 20.94
N LEU A 137 10.84 -30.16 22.17
CA LEU A 137 11.63 -31.13 22.95
C LEU A 137 11.00 -32.50 22.73
N ALA A 138 11.63 -33.35 21.91
CA ALA A 138 11.02 -34.62 21.41
C ALA A 138 10.60 -35.55 22.57
N GLY A 139 11.33 -35.53 23.69
CA GLY A 139 11.13 -36.47 24.81
C GLY A 139 12.42 -36.70 25.58
N HIS A 140 12.34 -36.82 26.90
CA HIS A 140 13.50 -37.13 27.78
C HIS A 140 14.56 -36.05 27.56
N VAL A 141 14.18 -34.79 27.33
CA VAL A 141 15.16 -33.68 27.18
C VAL A 141 15.34 -32.97 28.53
N HIS A 142 16.60 -32.76 28.92
CA HIS A 142 17.06 -32.01 30.13
C HIS A 142 17.56 -30.64 29.65
N VAL A 143 16.87 -29.56 30.04
CA VAL A 143 17.26 -28.15 29.77
C VAL A 143 17.64 -27.51 31.11
N ASP A 144 18.91 -27.18 31.27
CA ASP A 144 19.42 -26.67 32.56
C ASP A 144 19.22 -25.15 32.60
N ASP A 145 19.51 -24.51 33.73
CA ASP A 145 19.01 -23.15 34.01
C ASP A 145 19.55 -22.13 32.99
N TRP A 146 18.72 -21.12 32.66
CA TRP A 146 19.09 -19.93 31.84
C TRP A 146 19.31 -20.28 30.37
N ALA A 147 19.12 -21.54 29.98
CA ALA A 147 19.20 -21.95 28.56
C ALA A 147 18.17 -21.13 27.77
N ILE A 148 18.49 -20.82 26.51
CA ILE A 148 17.56 -20.14 25.57
C ILE A 148 17.59 -20.97 24.29
N LEU A 149 16.41 -21.44 23.88
CA LEU A 149 16.25 -22.15 22.60
C LEU A 149 15.44 -21.22 21.69
N SER A 150 16.07 -20.72 20.63
CA SER A 150 15.46 -19.74 19.69
C SER A 150 14.35 -20.44 18.91
N GLY A 151 13.50 -19.65 18.24
CA GLY A 151 12.27 -20.13 17.60
C GLY A 151 12.53 -21.36 16.75
N TYR A 152 11.71 -22.40 16.90
CA TYR A 152 11.69 -23.58 16.00
C TYR A 152 12.95 -24.43 16.22
N THR A 153 13.55 -24.36 17.39
CA THR A 153 14.69 -25.25 17.79
C THR A 153 14.08 -26.62 18.04
N LEU A 154 14.47 -27.62 17.25
CA LEU A 154 14.13 -29.05 17.44
C LEU A 154 15.21 -29.73 18.29
N VAL A 155 14.81 -30.56 19.25
CA VAL A 155 15.75 -31.29 20.12
C VAL A 155 15.38 -32.78 20.11
N HIS A 156 16.30 -33.63 19.62
CA HIS A 156 16.15 -35.11 19.61
C HIS A 156 16.01 -35.60 21.06
N GLN A 157 15.37 -36.75 21.22
CA GLN A 157 15.14 -37.42 22.53
C GLN A 157 16.49 -37.63 23.23
N TYR A 158 16.52 -37.48 24.56
CA TYR A 158 17.63 -37.86 25.47
C TYR A 158 18.73 -36.78 25.48
N CYS A 159 18.71 -35.78 24.60
CA CYS A 159 19.71 -34.68 24.62
C CYS A 159 19.56 -33.82 25.87
N ARG A 160 20.71 -33.39 26.38
CA ARG A 160 20.90 -32.42 27.48
C ARG A 160 21.29 -31.06 26.87
N ILE A 161 20.56 -30.01 27.27
CA ILE A 161 20.84 -28.58 26.93
C ILE A 161 21.44 -27.94 28.19
N GLY A 162 22.72 -27.57 28.14
CA GLY A 162 23.49 -27.07 29.30
C GLY A 162 23.04 -25.69 29.74
N ALA A 163 23.39 -25.35 30.99
CA ALA A 163 23.06 -24.05 31.64
C ALA A 163 23.60 -22.92 30.76
N HIS A 164 22.79 -21.88 30.57
CA HIS A 164 23.17 -20.61 29.87
C HIS A 164 23.48 -20.86 28.38
N SER A 165 23.13 -22.01 27.81
CA SER A 165 23.46 -22.31 26.39
C SER A 165 22.47 -21.55 25.51
N PHE A 166 22.75 -21.52 24.21
CA PHE A 166 21.94 -20.82 23.20
C PHE A 166 21.87 -21.62 21.91
N SER A 167 20.66 -21.81 21.40
CA SER A 167 20.40 -22.31 20.03
C SER A 167 19.88 -21.15 19.16
N GLY A 168 20.41 -21.00 17.94
CA GLY A 168 19.86 -20.09 16.91
C GLY A 168 18.59 -20.64 16.30
N MET A 169 17.79 -19.80 15.66
CA MET A 169 16.44 -20.24 15.21
C MET A 169 16.59 -21.37 14.18
N GLY A 170 15.70 -22.35 14.24
CA GLY A 170 15.70 -23.48 13.29
C GLY A 170 16.83 -24.46 13.56
N SER A 171 17.58 -24.33 14.66
CA SER A 171 18.63 -25.32 15.04
C SER A 171 17.97 -26.70 15.16
N ALA A 172 18.61 -27.77 14.70
CA ALA A 172 18.19 -29.15 14.96
C ALA A 172 19.29 -29.87 15.74
N ILE A 173 19.03 -30.11 17.02
CA ILE A 173 20.02 -30.60 18.02
C ILE A 173 19.86 -32.11 18.17
N GLY A 174 20.92 -32.87 17.84
CA GLY A 174 21.00 -34.34 17.89
C GLY A 174 22.01 -34.83 18.92
N LYS A 175 22.90 -33.97 19.44
CA LYS A 175 23.80 -34.32 20.57
C LYS A 175 23.67 -33.28 21.67
N ASP A 176 24.22 -33.57 22.86
CA ASP A 176 24.20 -32.66 24.02
C ASP A 176 24.82 -31.33 23.62
N VAL A 177 24.26 -30.24 24.16
CA VAL A 177 24.87 -28.89 24.06
C VAL A 177 25.51 -28.60 25.40
N PRO A 178 26.85 -28.49 25.49
CA PRO A 178 27.46 -28.17 26.77
C PRO A 178 26.93 -26.83 27.29
N ALA A 179 27.01 -26.62 28.60
CA ALA A 179 26.74 -25.32 29.25
C ALA A 179 27.47 -24.19 28.49
N TYR A 180 26.77 -23.06 28.31
CA TYR A 180 27.26 -21.76 27.78
C TYR A 180 27.45 -21.79 26.28
N VAL A 181 27.33 -22.94 25.62
CA VAL A 181 27.71 -23.07 24.19
C VAL A 181 26.56 -22.55 23.33
N THR A 182 26.92 -21.95 22.18
CA THR A 182 25.99 -21.43 21.14
C THR A 182 26.03 -22.42 19.96
N VAL A 183 24.86 -22.88 19.54
CA VAL A 183 24.75 -23.85 18.40
C VAL A 183 23.77 -23.27 17.38
N PHE A 184 24.01 -23.56 16.11
CA PHE A 184 23.26 -23.06 14.94
C PHE A 184 23.19 -24.21 13.93
N GLY A 185 22.10 -24.29 13.18
CA GLY A 185 22.00 -25.08 11.96
C GLY A 185 21.25 -26.39 12.13
N ASN A 186 20.95 -27.03 11.01
CA ASN A 186 20.39 -28.39 10.92
C ASN A 186 21.32 -29.19 10.02
N PRO A 187 22.18 -30.10 10.56
CA PRO A 187 22.26 -30.36 12.00
C PRO A 187 23.03 -29.29 12.79
N ALA A 188 22.82 -29.22 14.11
CA ALA A 188 23.33 -28.16 15.00
C ALA A 188 24.86 -28.28 15.10
N GLU A 189 25.54 -27.14 15.11
CA GLU A 189 27.02 -27.02 15.15
C GLU A 189 27.40 -25.97 16.20
N ALA A 190 28.42 -26.26 17.01
CA ALA A 190 28.93 -25.34 18.04
C ALA A 190 29.56 -24.15 17.33
N ARG A 191 29.28 -22.93 17.77
CA ARG A 191 29.90 -21.73 17.16
C ARG A 191 30.85 -21.11 18.17
N SER A 192 30.32 -20.66 19.30
CA SER A 192 31.04 -19.94 20.37
C SER A 192 30.39 -20.23 21.72
N MET A 193 30.51 -19.28 22.63
CA MET A 193 29.85 -19.32 23.95
C MET A 193 28.92 -18.13 24.06
N ASN A 194 27.90 -18.26 24.88
CA ASN A 194 26.89 -17.22 25.16
C ASN A 194 27.52 -16.13 26.03
N PHE A 195 28.56 -15.45 25.55
CA PHE A 195 29.36 -14.45 26.32
C PHE A 195 28.43 -13.30 26.75
N GLU A 196 27.51 -12.92 25.84
CA GLU A 196 26.44 -11.93 26.08
C GLU A 196 25.57 -12.35 27.26
N GLY A 197 25.11 -13.61 27.28
CA GLY A 197 24.34 -14.16 28.40
C GLY A 197 25.12 -14.12 29.72
N MET A 198 26.40 -14.55 29.71
CA MET A 198 27.28 -14.47 30.90
C MET A 198 27.33 -13.02 31.41
N ARG A 199 27.45 -12.05 30.50
CA ARG A 199 27.62 -10.62 30.88
C ARG A 199 26.33 -10.14 31.54
N ARG A 200 25.21 -10.22 30.82
CA ARG A 200 23.84 -9.82 31.29
C ARG A 200 23.55 -10.41 32.69
N ARG A 201 24.07 -11.59 33.03
CA ARG A 201 23.74 -12.27 34.31
C ARG A 201 24.93 -12.14 35.29
N GLY A 202 25.84 -11.20 35.07
CA GLY A 202 26.78 -10.68 36.07
C GLY A 202 28.00 -11.57 36.27
N PHE A 203 28.45 -12.29 35.24
CA PHE A 203 29.67 -13.15 35.30
C PHE A 203 30.91 -12.24 35.32
N SER A 204 31.82 -12.49 36.26
CA SER A 204 33.15 -11.82 36.38
C SER A 204 33.90 -11.96 35.05
N SER A 205 34.78 -11.01 34.74
CA SER A 205 35.64 -11.04 33.54
C SER A 205 36.62 -12.21 33.65
N GLU A 206 37.02 -12.57 34.86
CA GLU A 206 37.94 -13.72 35.09
C GLU A 206 37.17 -14.99 34.73
N ALA A 207 35.92 -15.12 35.19
CA ALA A 207 35.06 -16.29 34.93
C ALA A 207 34.92 -16.45 33.42
N ILE A 208 34.61 -15.35 32.73
CA ILE A 208 34.32 -15.35 31.26
C ILE A 208 35.59 -15.73 30.50
N HIS A 209 36.75 -15.23 30.90
CA HIS A 209 38.00 -15.62 30.21
C HIS A 209 38.32 -17.09 30.46
N ALA A 210 38.11 -17.58 31.68
CA ALA A 210 38.36 -19.00 32.03
C ALA A 210 37.43 -19.89 31.20
N LEU A 211 36.22 -19.41 30.86
CA LEU A 211 35.26 -20.19 30.02
C LEU A 211 35.69 -20.14 28.55
N ARG A 212 36.25 -19.03 28.07
CA ARG A 212 36.85 -18.91 26.71
C ARG A 212 38.00 -19.92 26.61
N ARG A 213 38.87 -19.98 27.62
CA ARG A 213 39.96 -20.98 27.67
C ARG A 213 39.32 -22.37 27.69
N ALA A 214 38.32 -22.58 28.56
CA ALA A 214 37.64 -23.88 28.74
C ALA A 214 37.08 -24.37 27.40
N TYR A 215 36.47 -23.50 26.60
CA TYR A 215 35.93 -23.81 25.25
C TYR A 215 37.04 -24.36 24.34
N LYS A 216 38.15 -23.62 24.23
CA LYS A 216 39.37 -24.04 23.47
C LYS A 216 39.81 -25.43 23.92
N VAL A 217 39.94 -25.62 25.23
CA VAL A 217 40.43 -26.91 25.80
C VAL A 217 39.61 -28.06 25.21
N VAL A 218 38.30 -27.89 25.05
CA VAL A 218 37.39 -29.00 24.67
C VAL A 218 37.29 -29.13 23.14
N TYR A 219 37.29 -28.03 22.39
CA TYR A 219 36.86 -27.97 20.96
C TYR A 219 38.04 -27.94 19.98
N ARG A 220 39.18 -27.37 20.36
CA ARG A 220 40.21 -26.88 19.38
C ARG A 220 41.54 -27.64 19.50
N GLN A 221 41.77 -28.38 20.59
CA GLN A 221 43.14 -28.82 20.98
C GLN A 221 43.33 -30.31 20.73
N GLY A 222 42.34 -30.99 20.14
CA GLY A 222 42.43 -32.39 19.69
C GLY A 222 42.49 -33.36 20.85
N HIS A 223 42.22 -32.89 22.07
CA HIS A 223 42.22 -33.73 23.32
C HIS A 223 41.07 -34.74 23.26
N THR A 224 41.28 -35.97 23.74
CA THR A 224 40.20 -36.88 24.21
C THR A 224 39.50 -36.21 25.40
N VAL A 225 38.17 -36.32 25.47
CA VAL A 225 37.35 -35.69 26.56
C VAL A 225 37.94 -36.04 27.94
N GLU A 226 38.47 -37.26 28.16
CA GLU A 226 39.17 -37.61 29.44
C GLU A 226 40.34 -36.63 29.64
N GLU A 227 41.13 -36.41 28.59
CA GLU A 227 42.25 -35.42 28.58
C GLU A 227 41.68 -34.04 28.89
N ALA A 228 40.57 -33.66 28.27
CA ALA A 228 39.91 -32.34 28.47
C ALA A 228 39.47 -32.16 29.94
N LEU A 229 38.79 -33.15 30.51
CA LEU A 229 38.33 -33.12 31.92
C LEU A 229 39.54 -32.83 32.83
N ALA A 230 40.65 -33.56 32.65
CA ALA A 230 41.87 -33.45 33.49
C ALA A 230 42.48 -32.06 33.30
N GLU A 231 42.47 -31.53 32.09
CA GLU A 231 43.00 -30.18 31.78
C GLU A 231 42.15 -29.13 32.52
N LEU A 232 40.83 -29.31 32.51
CA LEU A 232 39.86 -28.33 33.09
C LEU A 232 39.85 -28.42 34.62
N ALA A 233 40.41 -29.49 35.22
CA ALA A 233 40.22 -29.81 36.65
C ALA A 233 40.50 -28.58 37.52
N GLU A 234 41.56 -27.85 37.20
CA GLU A 234 42.11 -26.75 38.05
C GLU A 234 41.23 -25.49 37.94
N SER A 235 40.93 -25.04 36.72
CA SER A 235 40.05 -23.89 36.42
C SER A 235 38.67 -24.15 37.01
N ALA A 236 38.21 -25.41 36.93
CA ALA A 236 36.94 -25.90 37.53
C ALA A 236 36.93 -25.74 39.05
N ALA A 237 38.03 -26.08 39.74
CA ALA A 237 38.15 -25.84 41.20
C ALA A 237 38.13 -24.32 41.49
N GLN A 238 38.75 -23.47 40.66
CA GLN A 238 38.77 -21.98 40.86
C GLN A 238 37.37 -21.38 40.61
N PHE A 239 36.75 -21.70 39.47
CA PHE A 239 35.53 -21.04 38.94
C PHE A 239 34.36 -22.01 38.96
N PRO A 240 33.38 -21.87 39.89
CA PRO A 240 32.12 -22.59 39.79
C PRO A 240 31.53 -22.54 38.37
N GLU A 241 31.72 -21.43 37.65
CA GLU A 241 31.19 -21.23 36.27
C GLU A 241 31.88 -22.23 35.34
N VAL A 242 33.19 -22.46 35.50
CA VAL A 242 33.93 -23.46 34.68
C VAL A 242 33.52 -24.89 35.08
N ALA A 243 33.32 -25.15 36.37
CA ALA A 243 32.88 -26.48 36.88
C ALA A 243 31.52 -26.83 36.24
N VAL A 244 30.63 -25.87 36.11
CA VAL A 244 29.33 -26.08 35.41
C VAL A 244 29.63 -26.55 33.98
N PHE A 245 30.60 -25.94 33.30
CA PHE A 245 30.95 -26.35 31.92
C PHE A 245 31.52 -27.77 31.95
N ARG A 246 32.48 -28.02 32.85
CA ARG A 246 33.16 -29.34 32.97
C ARG A 246 32.11 -30.43 33.22
N ASP A 247 31.17 -30.22 34.15
CA ASP A 247 30.12 -31.19 34.56
C ASP A 247 29.26 -31.54 33.33
N SER A 248 28.93 -30.55 32.48
CA SER A 248 28.10 -30.77 31.26
C SER A 248 28.86 -31.67 30.27
N ILE A 249 30.18 -31.55 30.19
CA ILE A 249 31.01 -32.40 29.28
C ILE A 249 31.00 -33.83 29.82
N GLN A 250 31.37 -33.99 31.10
CA GLN A 250 31.44 -35.25 31.88
C GLN A 250 30.16 -36.07 31.73
N SER A 251 29.00 -35.47 31.99
CA SER A 251 27.70 -36.19 32.05
C SER A 251 27.08 -36.35 30.65
N ALA A 252 27.80 -35.96 29.58
CA ALA A 252 27.26 -36.04 28.20
C ALA A 252 27.06 -37.52 27.80
N THR A 253 25.81 -37.91 27.50
CA THR A 253 25.32 -39.33 27.46
C THR A 253 25.68 -40.01 26.13
N ARG A 254 25.67 -39.29 25.02
CA ARG A 254 26.19 -39.79 23.70
C ARG A 254 26.81 -38.62 22.92
N GLY A 255 27.92 -38.07 23.44
CA GLY A 255 28.75 -37.07 22.74
C GLY A 255 28.26 -35.65 22.95
N ILE A 256 29.10 -34.67 22.62
CA ILE A 256 28.75 -33.22 22.68
C ILE A 256 28.56 -32.72 21.24
N THR A 257 27.71 -31.72 21.07
CA THR A 257 27.58 -30.98 19.79
C THR A 257 28.97 -30.44 19.45
N ARG A 258 29.52 -30.82 18.30
CA ARG A 258 30.86 -30.38 17.80
C ARG A 258 30.67 -29.25 16.80
N SER B 2 -28.98 -14.34 14.87
CA SER B 2 -28.36 -12.99 14.66
C SER B 2 -26.87 -13.17 14.38
N LEU B 3 -26.13 -12.07 14.14
CA LEU B 3 -24.77 -12.09 13.52
C LEU B 3 -23.68 -12.25 14.58
N ILE B 4 -23.80 -11.59 15.74
CA ILE B 4 -23.01 -11.87 16.98
C ILE B 4 -23.60 -13.13 17.63
N ASP B 5 -22.87 -14.25 17.63
CA ASP B 5 -23.32 -15.50 18.32
C ASP B 5 -23.52 -15.15 19.80
N PRO B 6 -24.63 -15.60 20.43
CA PRO B 6 -24.88 -15.27 21.84
C PRO B 6 -23.92 -15.99 22.81
N ARG B 7 -23.10 -16.93 22.32
CA ARG B 7 -22.08 -17.63 23.13
C ARG B 7 -20.72 -16.90 23.04
N ALA B 8 -20.68 -15.80 22.30
CA ALA B 8 -19.50 -14.91 22.18
C ALA B 8 -19.49 -13.99 23.40
N ILE B 9 -18.30 -13.51 23.78
CA ILE B 9 -18.05 -12.48 24.82
C ILE B 9 -17.66 -11.20 24.10
N ILE B 10 -18.53 -10.20 24.09
CA ILE B 10 -18.20 -8.85 23.54
C ILE B 10 -18.04 -7.89 24.71
N ASP B 11 -16.84 -7.35 24.92
CA ASP B 11 -16.63 -6.28 25.93
C ASP B 11 -17.55 -5.10 25.59
N PRO B 12 -18.19 -4.48 26.61
CA PRO B 12 -18.98 -3.27 26.39
C PRO B 12 -18.23 -2.15 25.66
N SER B 13 -16.91 -2.02 25.86
CA SER B 13 -16.06 -0.96 25.25
C SER B 13 -15.67 -1.28 23.79
N ALA B 14 -16.07 -2.43 23.25
CA ALA B 14 -15.77 -2.83 21.86
C ALA B 14 -16.69 -2.07 20.89
N ARG B 15 -16.22 -1.69 19.71
CA ARG B 15 -17.05 -1.03 18.66
C ARG B 15 -17.13 -1.96 17.44
N LEU B 16 -18.33 -2.47 17.11
CA LEU B 16 -18.60 -3.37 15.96
C LEU B 16 -19.57 -2.73 14.95
N ALA B 17 -19.14 -2.53 13.70
CA ALA B 17 -20.01 -2.14 12.56
C ALA B 17 -21.16 -3.13 12.46
N ALA B 18 -22.32 -2.71 11.93
CA ALA B 18 -23.64 -3.35 12.20
C ALA B 18 -23.68 -4.77 11.64
N ASP B 19 -22.98 -5.04 10.53
CA ASP B 19 -23.03 -6.35 9.81
C ASP B 19 -21.84 -7.26 10.17
N VAL B 20 -21.07 -6.95 11.22
CA VAL B 20 -19.95 -7.82 11.71
C VAL B 20 -20.54 -9.12 12.26
N GLN B 21 -19.96 -10.26 11.87
CA GLN B 21 -20.28 -11.61 12.42
C GLN B 21 -19.18 -12.01 13.41
N VAL B 22 -19.59 -12.63 14.52
CA VAL B 22 -18.68 -13.26 15.53
C VAL B 22 -19.25 -14.65 15.83
N GLY B 23 -18.44 -15.69 15.71
CA GLY B 23 -18.88 -17.08 15.95
C GLY B 23 -18.87 -17.40 17.44
N PRO B 24 -19.41 -18.58 17.83
CA PRO B 24 -19.45 -18.98 19.24
C PRO B 24 -18.07 -19.12 19.89
N TRP B 25 -18.00 -18.82 21.19
CA TRP B 25 -16.85 -18.97 22.12
C TRP B 25 -15.68 -18.12 21.63
N SER B 26 -15.96 -17.04 20.93
CA SER B 26 -14.97 -16.03 20.55
C SER B 26 -15.05 -14.89 21.56
N ILE B 27 -13.93 -14.22 21.82
CA ILE B 27 -13.86 -13.04 22.73
C ILE B 27 -13.50 -11.79 21.91
N VAL B 28 -14.32 -10.76 22.03
CA VAL B 28 -13.93 -9.41 21.51
C VAL B 28 -13.64 -8.53 22.73
N GLY B 29 -12.37 -8.32 23.03
CA GLY B 29 -11.93 -7.70 24.29
C GLY B 29 -12.19 -6.21 24.29
N ALA B 30 -11.91 -5.57 25.43
CA ALA B 30 -11.96 -4.11 25.67
C ALA B 30 -11.14 -3.39 24.61
N GLU B 31 -11.70 -2.34 24.03
CA GLU B 31 -11.04 -1.42 23.06
C GLU B 31 -10.63 -2.19 21.80
N VAL B 32 -11.43 -3.18 21.39
CA VAL B 32 -11.29 -3.82 20.05
C VAL B 32 -12.33 -3.19 19.13
N GLU B 33 -11.89 -2.61 18.00
CA GLU B 33 -12.79 -2.06 16.96
C GLU B 33 -12.77 -3.00 15.75
N ILE B 34 -13.94 -3.36 15.23
CA ILE B 34 -14.10 -4.26 14.05
C ILE B 34 -14.97 -3.58 12.98
N GLY B 35 -14.43 -3.42 11.78
CA GLY B 35 -15.08 -2.70 10.68
C GLY B 35 -16.04 -3.57 9.89
N GLU B 36 -16.78 -2.94 8.99
CA GLU B 36 -17.92 -3.46 8.19
C GLU B 36 -17.54 -4.75 7.47
N GLY B 37 -18.42 -5.76 7.48
CA GLY B 37 -18.28 -6.98 6.66
C GLY B 37 -17.27 -7.99 7.20
N THR B 38 -16.56 -7.69 8.30
CA THR B 38 -15.54 -8.62 8.88
C THR B 38 -16.29 -9.80 9.50
N VAL B 39 -15.83 -11.03 9.25
CA VAL B 39 -16.31 -12.29 9.90
C VAL B 39 -15.25 -12.80 10.89
N ILE B 40 -15.56 -12.82 12.19
CA ILE B 40 -14.75 -13.53 13.22
C ILE B 40 -15.35 -14.91 13.38
N GLY B 41 -14.56 -15.97 13.16
CA GLY B 41 -15.04 -17.34 13.33
C GLY B 41 -15.21 -17.68 14.81
N PRO B 42 -15.45 -18.98 15.10
CA PRO B 42 -15.54 -19.44 16.49
C PRO B 42 -14.13 -19.57 17.09
N HIS B 43 -14.05 -19.61 18.42
CA HIS B 43 -12.80 -19.93 19.17
C HIS B 43 -11.71 -18.91 18.85
N VAL B 44 -12.05 -17.64 18.63
CA VAL B 44 -11.07 -16.54 18.37
C VAL B 44 -10.95 -15.69 19.64
N VAL B 45 -9.75 -15.27 19.97
CA VAL B 45 -9.47 -14.31 21.07
C VAL B 45 -8.99 -13.05 20.39
N LEU B 46 -9.74 -11.96 20.54
CA LEU B 46 -9.29 -10.60 20.17
C LEU B 46 -8.99 -9.83 21.44
N LYS B 47 -7.80 -9.25 21.55
CA LYS B 47 -7.49 -8.30 22.65
C LYS B 47 -7.12 -6.95 22.03
N GLY B 48 -7.32 -5.87 22.79
CA GLY B 48 -7.02 -4.51 22.34
C GLY B 48 -5.98 -3.86 23.23
N PRO B 49 -5.67 -2.56 22.99
CA PRO B 49 -6.34 -1.79 21.94
C PRO B 49 -5.96 -2.18 20.51
N THR B 50 -6.96 -2.53 19.70
CA THR B 50 -6.82 -3.12 18.35
C THR B 50 -7.93 -2.59 17.43
N LYS B 51 -7.55 -2.16 16.24
CA LYS B 51 -8.49 -1.76 15.17
C LYS B 51 -8.37 -2.77 14.02
N ILE B 52 -9.46 -3.45 13.70
CA ILE B 52 -9.58 -4.30 12.48
C ILE B 52 -10.52 -3.58 11.52
N GLY B 53 -10.19 -3.50 10.23
CA GLY B 53 -10.98 -2.80 9.21
C GLY B 53 -12.10 -3.67 8.67
N LYS B 54 -12.34 -3.55 7.38
CA LYS B 54 -13.55 -4.06 6.69
C LYS B 54 -13.22 -5.32 5.91
N HIS B 55 -14.20 -6.22 5.85
CA HIS B 55 -14.27 -7.40 4.94
C HIS B 55 -13.12 -8.37 5.24
N ASN B 56 -12.69 -8.48 6.50
CA ASN B 56 -11.63 -9.43 6.94
C ASN B 56 -12.26 -10.77 7.32
N ARG B 57 -11.45 -11.82 7.42
CA ARG B 57 -11.91 -13.14 7.87
C ARG B 57 -10.86 -13.66 8.87
N ILE B 58 -11.30 -14.01 10.10
CA ILE B 58 -10.35 -14.46 11.16
C ILE B 58 -10.79 -15.84 11.65
N TYR B 59 -9.95 -16.85 11.45
CA TYR B 59 -10.33 -18.27 11.64
C TYR B 59 -10.12 -18.67 13.11
N GLN B 60 -10.79 -19.76 13.49
CA GLN B 60 -10.69 -20.47 14.79
C GLN B 60 -9.26 -20.50 15.31
N PHE B 61 -9.15 -20.33 16.63
CA PHE B 61 -7.95 -20.60 17.48
C PHE B 61 -6.90 -19.51 17.28
N SER B 62 -7.25 -18.41 16.58
CA SER B 62 -6.36 -17.25 16.39
C SER B 62 -6.35 -16.39 17.65
N SER B 63 -5.18 -15.89 18.04
CA SER B 63 -4.95 -14.91 19.13
C SER B 63 -4.44 -13.63 18.48
N VAL B 64 -5.34 -12.67 18.30
CA VAL B 64 -5.04 -11.38 17.63
C VAL B 64 -5.06 -10.28 18.70
N GLY B 65 -3.92 -9.64 18.95
CA GLY B 65 -3.81 -8.48 19.86
C GLY B 65 -3.31 -8.83 21.25
N GLU B 66 -2.74 -10.02 21.48
CA GLU B 66 -2.05 -10.37 22.75
C GLU B 66 -0.82 -9.48 22.94
N ASP B 67 -0.44 -9.27 24.19
CA ASP B 67 0.88 -8.72 24.60
C ASP B 67 1.99 -9.67 24.14
N THR B 68 3.08 -9.13 23.62
CA THR B 68 4.32 -9.90 23.40
C THR B 68 4.80 -10.40 24.76
N PRO B 69 5.35 -11.63 24.84
CA PRO B 69 6.01 -12.09 26.05
C PRO B 69 7.40 -11.44 26.18
N ASP B 70 7.85 -10.78 25.11
CA ASP B 70 9.18 -10.12 25.05
C ASP B 70 9.39 -9.35 26.36
N LEU B 71 10.53 -9.57 27.01
CA LEU B 71 10.82 -9.14 28.40
C LEU B 71 10.72 -7.61 28.53
N LYS B 72 11.04 -6.89 27.45
CA LYS B 72 11.07 -5.41 27.41
C LYS B 72 9.64 -4.82 27.34
N TYR B 73 8.60 -5.61 27.11
CA TYR B 73 7.19 -5.15 27.23
C TYR B 73 6.85 -5.14 28.73
N LYS B 74 6.38 -4.01 29.25
CA LYS B 74 6.00 -3.86 30.68
C LYS B 74 4.58 -3.28 30.76
N GLY B 75 3.66 -3.81 29.97
CA GLY B 75 2.21 -3.55 30.07
C GLY B 75 1.79 -2.17 29.55
N GLU B 76 2.59 -1.54 28.66
CA GLU B 76 2.26 -0.20 28.08
C GLU B 76 1.02 -0.33 27.19
N PRO B 77 0.25 0.76 26.95
CA PRO B 77 -1.01 0.68 26.21
C PRO B 77 -0.84 0.69 24.68
N THR B 78 -0.09 -0.26 24.14
CA THR B 78 0.30 -0.33 22.72
C THR B 78 -0.85 -0.91 21.89
N ARG B 79 -0.73 -0.84 20.56
CA ARG B 79 -1.86 -0.97 19.63
C ARG B 79 -1.54 -2.01 18.53
N LEU B 80 -2.61 -2.57 17.97
CA LEU B 80 -2.55 -3.41 16.75
C LEU B 80 -3.54 -2.81 15.75
N VAL B 81 -3.08 -2.56 14.51
CA VAL B 81 -3.96 -2.11 13.41
C VAL B 81 -3.90 -3.09 12.24
N ILE B 82 -5.06 -3.60 11.87
CA ILE B 82 -5.28 -4.44 10.65
C ILE B 82 -6.22 -3.66 9.72
N GLY B 83 -5.85 -3.51 8.44
CA GLY B 83 -6.70 -2.89 7.41
C GLY B 83 -7.86 -3.77 6.97
N ASP B 84 -8.04 -3.88 5.65
CA ASP B 84 -9.25 -4.41 4.96
C ASP B 84 -8.87 -5.61 4.10
N HIS B 85 -9.78 -6.56 3.96
CA HIS B 85 -9.76 -7.63 2.94
C HIS B 85 -8.62 -8.62 3.25
N ASN B 86 -8.31 -8.80 4.52
CA ASN B 86 -7.28 -9.75 5.00
C ASN B 86 -7.93 -11.09 5.33
N VAL B 87 -7.19 -12.17 5.16
CA VAL B 87 -7.57 -13.52 5.67
C VAL B 87 -6.51 -13.96 6.69
N ILE B 88 -6.93 -14.12 7.96
CA ILE B 88 -6.09 -14.69 9.05
C ILE B 88 -6.60 -16.11 9.32
N ARG B 89 -5.80 -17.13 9.00
CA ARG B 89 -6.24 -18.55 9.05
C ARG B 89 -6.10 -19.09 10.47
N GLU B 90 -6.28 -20.40 10.59
CA GLU B 90 -6.32 -21.17 11.85
C GLU B 90 -5.10 -20.86 12.69
N GLY B 91 -5.30 -20.43 13.92
CA GLY B 91 -4.28 -20.46 14.99
C GLY B 91 -3.21 -19.42 14.82
N VAL B 92 -3.46 -18.38 14.04
CA VAL B 92 -2.47 -17.28 13.81
C VAL B 92 -2.31 -16.52 15.13
N THR B 93 -1.09 -16.10 15.47
CA THR B 93 -0.84 -15.20 16.62
C THR B 93 -0.38 -13.86 16.04
N ILE B 94 -1.00 -12.77 16.49
CA ILE B 94 -0.56 -11.37 16.20
C ILE B 94 -0.45 -10.64 17.54
N HIS B 95 0.73 -10.08 17.83
CA HIS B 95 0.98 -9.32 19.08
C HIS B 95 1.00 -7.82 18.77
N ARG B 96 0.61 -7.04 19.78
CA ARG B 96 0.57 -5.55 19.72
C ARG B 96 2.01 -5.05 19.84
N GLY B 97 2.20 -3.75 19.63
CA GLY B 97 3.52 -3.10 19.62
C GLY B 97 4.13 -2.95 21.00
N THR B 98 5.30 -2.31 21.03
CA THR B 98 6.05 -1.90 22.26
C THR B 98 6.39 -0.41 22.11
N VAL B 99 6.50 0.28 23.24
CA VAL B 99 6.76 1.76 23.28
C VAL B 99 8.21 2.01 22.85
N GLN B 100 9.10 1.05 23.09
CA GLN B 100 10.52 1.10 22.64
C GLN B 100 10.59 1.35 21.13
N ASP B 101 9.58 0.94 20.36
CA ASP B 101 9.55 1.12 18.88
C ASP B 101 8.48 2.19 18.53
N ARG B 102 7.40 1.86 17.83
CA ARG B 102 6.36 2.88 17.51
C ARG B 102 5.03 2.53 18.20
N ALA B 103 5.02 1.57 19.13
CA ALA B 103 3.86 1.31 19.99
C ALA B 103 2.73 0.70 19.18
N GLU B 104 3.02 0.21 17.97
CA GLU B 104 1.99 -0.37 17.09
C GLU B 104 2.54 -1.50 16.23
N THR B 105 1.76 -2.58 16.11
CA THR B 105 1.87 -3.62 15.05
C THR B 105 0.87 -3.25 13.96
N THR B 106 1.33 -3.18 12.70
CA THR B 106 0.52 -2.64 11.58
C THR B 106 0.43 -3.69 10.47
N ILE B 107 -0.80 -4.03 10.07
CA ILE B 107 -1.09 -4.87 8.88
C ILE B 107 -1.95 -4.04 7.93
N GLY B 108 -1.63 -4.05 6.63
CA GLY B 108 -2.40 -3.34 5.58
C GLY B 108 -3.60 -4.14 5.07
N ASP B 109 -3.68 -4.32 3.75
CA ASP B 109 -4.88 -4.80 3.03
C ASP B 109 -4.54 -6.02 2.14
N HIS B 110 -5.53 -6.87 1.90
CA HIS B 110 -5.51 -7.98 0.91
C HIS B 110 -4.39 -8.97 1.23
N ASN B 111 -4.12 -9.19 2.51
CA ASN B 111 -3.07 -10.10 3.00
C ASN B 111 -3.69 -11.46 3.31
N LEU B 112 -2.93 -12.52 3.03
CA LEU B 112 -3.27 -13.93 3.31
C LEU B 112 -2.24 -14.42 4.34
N ILE B 113 -2.68 -14.59 5.58
CA ILE B 113 -1.83 -15.05 6.70
C ILE B 113 -2.30 -16.45 7.09
N MET B 114 -1.55 -17.47 6.68
CA MET B 114 -1.99 -18.88 6.76
C MET B 114 -1.71 -19.47 8.16
N ALA B 115 -2.21 -20.69 8.39
CA ALA B 115 -2.35 -21.32 9.72
C ALA B 115 -1.03 -21.24 10.51
N TYR B 116 -1.11 -20.79 11.77
CA TYR B 116 -0.07 -20.84 12.83
C TYR B 116 1.10 -19.92 12.47
N ALA B 117 0.88 -19.03 11.50
CA ALA B 117 1.77 -17.88 11.26
C ALA B 117 1.82 -17.08 12.56
N HIS B 118 2.90 -16.37 12.75
CA HIS B 118 3.15 -15.50 13.94
C HIS B 118 3.62 -14.14 13.42
N ILE B 119 2.90 -13.09 13.84
CA ILE B 119 3.29 -11.68 13.54
C ILE B 119 3.67 -11.02 14.87
N GLY B 120 5.00 -10.88 15.09
CA GLY B 120 5.62 -10.40 16.33
C GLY B 120 5.43 -8.89 16.53
N HIS B 121 5.54 -8.46 17.78
CA HIS B 121 5.44 -7.04 18.24
C HIS B 121 6.12 -6.09 17.24
N ASP B 122 5.39 -5.04 16.83
CA ASP B 122 5.95 -3.86 16.09
C ASP B 122 6.20 -4.22 14.61
N SER B 123 5.76 -5.37 14.12
CA SER B 123 5.96 -5.74 12.70
C SER B 123 5.04 -4.84 11.89
N VAL B 124 5.44 -4.50 10.67
CA VAL B 124 4.59 -3.81 9.66
C VAL B 124 4.49 -4.68 8.40
N ILE B 125 3.28 -5.14 8.13
CA ILE B 125 2.93 -5.78 6.83
C ILE B 125 2.17 -4.78 5.95
N GLY B 126 2.58 -4.65 4.68
CA GLY B 126 1.91 -3.83 3.66
C GLY B 126 0.65 -4.48 3.13
N ASN B 127 0.54 -4.58 1.80
CA ASN B 127 -0.66 -5.00 1.04
C ASN B 127 -0.33 -6.21 0.18
N HIS B 128 -1.28 -7.14 -0.01
CA HIS B 128 -1.21 -8.28 -0.98
C HIS B 128 -0.03 -9.22 -0.66
N CYS B 129 0.38 -9.32 0.61
CA CYS B 129 1.43 -10.26 1.05
C CYS B 129 0.81 -11.64 1.28
N ILE B 130 1.61 -12.70 1.17
CA ILE B 130 1.22 -14.09 1.61
C ILE B 130 2.27 -14.60 2.59
N LEU B 131 1.84 -14.83 3.83
CA LEU B 131 2.61 -15.57 4.85
C LEU B 131 2.01 -16.96 4.89
N VAL B 132 2.72 -17.94 4.35
CA VAL B 132 2.32 -19.37 4.34
C VAL B 132 2.46 -19.92 5.76
N ASN B 133 1.85 -21.08 6.00
CA ASN B 133 1.80 -21.83 7.29
C ASN B 133 3.07 -21.66 8.10
N ASN B 134 2.95 -21.17 9.35
CA ASN B 134 4.01 -21.24 10.37
C ASN B 134 5.15 -20.28 10.03
N THR B 135 4.91 -19.33 9.13
CA THR B 135 5.85 -18.18 8.99
C THR B 135 5.87 -17.43 10.33
N ALA B 136 7.07 -17.06 10.80
CA ALA B 136 7.26 -16.38 12.09
C ALA B 136 8.10 -15.13 11.89
N LEU B 137 7.49 -13.97 12.12
CA LEU B 137 8.19 -12.66 12.19
C LEU B 137 8.52 -12.37 13.66
N ALA B 138 9.79 -12.43 14.06
CA ALA B 138 10.20 -12.36 15.48
C ALA B 138 9.80 -11.03 16.14
N GLY B 139 9.84 -9.93 15.40
CA GLY B 139 9.42 -8.60 15.91
C GLY B 139 10.08 -7.48 15.10
N HIS B 140 9.41 -6.35 14.99
CA HIS B 140 9.90 -5.14 14.27
C HIS B 140 10.24 -5.52 12.82
N VAL B 141 9.51 -6.47 12.23
CA VAL B 141 9.78 -6.92 10.83
C VAL B 141 8.90 -6.11 9.88
N HIS B 142 9.49 -5.61 8.79
CA HIS B 142 8.80 -4.81 7.76
C HIS B 142 8.63 -5.68 6.53
N VAL B 143 7.41 -6.02 6.17
CA VAL B 143 7.13 -6.82 4.94
C VAL B 143 6.38 -5.94 3.95
N ASP B 144 7.04 -5.64 2.82
CA ASP B 144 6.52 -4.70 1.80
C ASP B 144 5.60 -5.49 0.86
N ASP B 145 4.86 -4.75 0.04
CA ASP B 145 3.73 -5.24 -0.79
C ASP B 145 4.16 -6.42 -1.66
N TRP B 146 3.29 -7.43 -1.71
CA TRP B 146 3.32 -8.61 -2.62
C TRP B 146 4.38 -9.62 -2.22
N ALA B 147 5.14 -9.41 -1.13
CA ALA B 147 6.11 -10.41 -0.61
C ALA B 147 5.36 -11.72 -0.34
N ILE B 148 5.96 -12.85 -0.74
CA ILE B 148 5.46 -14.21 -0.42
C ILE B 148 6.53 -14.85 0.47
N LEU B 149 6.16 -15.23 1.69
CA LEU B 149 7.04 -16.04 2.58
C LEU B 149 6.46 -17.45 2.67
N SER B 150 7.17 -18.43 2.11
CA SER B 150 6.76 -19.86 2.06
C SER B 150 6.75 -20.45 3.48
N GLY B 151 6.19 -21.64 3.62
CA GLY B 151 5.85 -22.24 4.92
C GLY B 151 7.08 -22.34 5.79
N TYR B 152 6.93 -22.02 7.08
CA TYR B 152 7.97 -22.22 8.12
C TYR B 152 9.14 -21.28 7.83
N THR B 153 8.86 -20.14 7.18
CA THR B 153 9.86 -19.08 7.00
C THR B 153 10.04 -18.37 8.33
N LEU B 154 11.27 -18.26 8.80
CA LEU B 154 11.62 -17.60 10.08
C LEU B 154 12.26 -16.27 9.75
N VAL B 155 11.83 -15.19 10.40
CA VAL B 155 12.43 -13.84 10.20
C VAL B 155 12.88 -13.24 11.52
N HIS B 156 14.17 -12.93 11.61
CA HIS B 156 14.86 -12.34 12.78
C HIS B 156 14.30 -10.93 13.04
N GLN B 157 14.31 -10.50 14.30
CA GLN B 157 13.92 -9.13 14.74
C GLN B 157 14.56 -8.10 13.79
N TYR B 158 13.81 -7.06 13.41
CA TYR B 158 14.25 -5.85 12.64
C TYR B 158 14.53 -6.09 11.16
N CYS B 159 14.41 -7.32 10.64
CA CYS B 159 14.62 -7.58 9.19
C CYS B 159 13.57 -6.84 8.36
N ARG B 160 13.96 -6.42 7.16
CA ARG B 160 13.08 -5.81 6.15
C ARG B 160 13.01 -6.80 4.98
N ILE B 161 11.79 -7.17 4.60
CA ILE B 161 11.47 -8.07 3.45
C ILE B 161 10.88 -7.16 2.36
N GLY B 162 11.55 -7.07 1.22
CA GLY B 162 11.23 -6.08 0.18
C GLY B 162 10.01 -6.47 -0.61
N ALA B 163 9.47 -5.53 -1.40
CA ALA B 163 8.26 -5.73 -2.24
C ALA B 163 8.58 -6.81 -3.27
N HIS B 164 7.64 -7.73 -3.51
CA HIS B 164 7.69 -8.74 -4.60
C HIS B 164 8.78 -9.78 -4.35
N SER B 165 9.33 -9.83 -3.14
CA SER B 165 10.40 -10.80 -2.77
C SER B 165 9.75 -12.16 -2.51
N PHE B 166 10.53 -13.25 -2.50
CA PHE B 166 10.02 -14.61 -2.27
C PHE B 166 11.01 -15.37 -1.40
N SER B 167 10.51 -16.05 -0.38
CA SER B 167 11.32 -17.01 0.42
C SER B 167 10.78 -18.42 0.18
N GLY B 168 11.69 -19.37 -0.01
CA GLY B 168 11.40 -20.81 -0.12
C GLY B 168 11.08 -21.38 1.24
N MET B 169 10.47 -22.56 1.29
CA MET B 169 9.98 -23.12 2.55
C MET B 169 11.15 -23.45 3.47
N GLY B 170 10.99 -23.19 4.76
CA GLY B 170 11.99 -23.45 5.80
C GLY B 170 13.12 -22.45 5.76
N SER B 171 12.96 -21.32 5.05
CA SER B 171 13.99 -20.25 4.98
C SER B 171 14.15 -19.65 6.37
N ALA B 172 15.39 -19.42 6.78
CA ALA B 172 15.70 -18.70 8.03
C ALA B 172 16.37 -17.40 7.63
N ILE B 173 15.65 -16.28 7.70
CA ILE B 173 16.13 -14.95 7.26
C ILE B 173 16.67 -14.19 8.48
N GLY B 174 17.98 -13.92 8.49
CA GLY B 174 18.65 -13.11 9.51
C GLY B 174 19.08 -11.75 8.97
N LYS B 175 19.13 -11.59 7.64
CA LYS B 175 19.54 -10.33 6.94
C LYS B 175 18.35 -9.86 6.10
N ASP B 176 18.36 -8.59 5.68
CA ASP B 176 17.24 -7.97 4.94
C ASP B 176 17.15 -8.66 3.57
N VAL B 177 15.94 -8.81 3.04
CA VAL B 177 15.72 -9.32 1.65
C VAL B 177 15.35 -8.12 0.79
N PRO B 178 16.24 -7.73 -0.16
CA PRO B 178 15.90 -6.68 -1.11
C PRO B 178 14.59 -6.99 -1.84
N ALA B 179 13.87 -5.96 -2.28
CA ALA B 179 12.70 -6.10 -3.18
C ALA B 179 13.08 -7.04 -4.33
N TYR B 180 12.14 -7.86 -4.78
CA TYR B 180 12.24 -8.71 -5.99
C TYR B 180 13.08 -9.97 -5.74
N VAL B 181 13.82 -10.08 -4.64
CA VAL B 181 14.86 -11.14 -4.49
C VAL B 181 14.19 -12.43 -3.99
N THR B 182 14.64 -13.58 -4.50
CA THR B 182 14.27 -14.93 -3.98
C THR B 182 15.41 -15.44 -3.09
N VAL B 183 15.05 -15.87 -1.88
CA VAL B 183 15.99 -16.45 -0.89
C VAL B 183 15.47 -17.83 -0.47
N PHE B 184 16.38 -18.72 -0.16
CA PHE B 184 16.12 -20.14 0.18
C PHE B 184 17.12 -20.55 1.27
N GLY B 185 16.71 -21.41 2.18
CA GLY B 185 17.63 -22.18 3.04
C GLY B 185 17.78 -21.56 4.42
N ASN B 186 18.52 -22.28 5.26
CA ASN B 186 18.86 -21.88 6.65
C ASN B 186 20.36 -21.97 6.79
N PRO B 187 21.14 -20.86 6.82
CA PRO B 187 20.61 -19.51 6.63
C PRO B 187 20.18 -19.19 5.19
N ALA B 188 19.26 -18.23 5.05
CA ALA B 188 18.73 -17.81 3.73
C ALA B 188 19.88 -17.35 2.85
N GLU B 189 19.79 -17.70 1.56
CA GLU B 189 20.76 -17.36 0.47
C GLU B 189 20.01 -16.77 -0.72
N ALA B 190 20.55 -15.71 -1.30
CA ALA B 190 20.02 -15.05 -2.51
C ALA B 190 20.26 -15.95 -3.73
N ARG B 191 19.22 -16.23 -4.50
N ARG B 191 19.19 -16.33 -4.42
CA ARG B 191 19.31 -17.13 -5.67
CA ARG B 191 19.24 -17.14 -5.67
C ARG B 191 19.11 -16.31 -6.95
C ARG B 191 19.18 -16.17 -6.85
N SER B 192 18.02 -15.55 -7.04
CA SER B 192 17.70 -14.76 -8.24
C SER B 192 16.66 -13.69 -7.86
N MET B 193 15.91 -13.24 -8.85
CA MET B 193 14.78 -12.33 -8.65
C MET B 193 13.49 -13.05 -9.01
N ASN B 194 12.37 -12.53 -8.50
CA ASN B 194 11.04 -13.17 -8.60
C ASN B 194 10.42 -12.76 -9.94
N PHE B 195 10.96 -13.26 -11.04
CA PHE B 195 10.51 -12.93 -12.42
C PHE B 195 9.09 -13.45 -12.66
N GLU B 196 8.75 -14.56 -12.00
CA GLU B 196 7.40 -15.17 -12.12
C GLU B 196 6.38 -14.23 -11.48
N GLY B 197 6.66 -13.69 -10.28
CA GLY B 197 5.83 -12.68 -9.61
C GLY B 197 5.70 -11.36 -10.41
N MET B 198 6.77 -10.94 -11.08
CA MET B 198 6.84 -9.68 -11.87
C MET B 198 5.90 -9.78 -13.08
N ARG B 199 5.96 -10.92 -13.77
CA ARG B 199 5.10 -11.25 -14.93
C ARG B 199 3.65 -11.40 -14.48
N ARG B 200 3.39 -12.04 -13.33
CA ARG B 200 2.03 -12.20 -12.76
C ARG B 200 1.42 -10.82 -12.52
N ARG B 201 2.24 -9.81 -12.21
CA ARG B 201 1.80 -8.43 -11.89
C ARG B 201 1.79 -7.53 -13.14
N GLY B 202 2.22 -8.05 -14.29
CA GLY B 202 2.20 -7.33 -15.59
C GLY B 202 3.31 -6.32 -15.76
N PHE B 203 4.43 -6.47 -15.05
CA PHE B 203 5.63 -5.62 -15.25
C PHE B 203 5.98 -5.60 -16.74
N SER B 204 6.61 -4.50 -17.15
CA SER B 204 7.12 -4.29 -18.52
C SER B 204 8.38 -5.14 -18.73
N SER B 205 8.57 -5.65 -19.94
CA SER B 205 9.80 -6.33 -20.40
C SER B 205 11.00 -5.45 -20.04
N GLU B 206 10.87 -4.14 -20.25
CA GLU B 206 11.97 -3.15 -20.07
C GLU B 206 12.33 -3.03 -18.59
N ALA B 207 11.36 -3.11 -17.67
CA ALA B 207 11.59 -2.97 -16.20
C ALA B 207 12.20 -4.28 -15.67
N ILE B 208 11.69 -5.42 -16.13
CA ILE B 208 12.23 -6.77 -15.76
C ILE B 208 13.72 -6.80 -16.15
N HIS B 209 14.06 -6.44 -17.40
CA HIS B 209 15.45 -6.42 -17.93
C HIS B 209 16.34 -5.51 -17.08
N ALA B 210 15.83 -4.33 -16.70
CA ALA B 210 16.60 -3.35 -15.90
C ALA B 210 16.82 -3.94 -14.49
N LEU B 211 15.89 -4.75 -13.97
CA LEU B 211 16.04 -5.42 -12.64
C LEU B 211 16.99 -6.62 -12.77
N ARG B 212 16.90 -7.42 -13.84
CA ARG B 212 17.88 -8.50 -14.15
C ARG B 212 19.29 -7.91 -14.03
N ARG B 213 19.58 -6.80 -14.72
CA ARG B 213 20.93 -6.15 -14.74
C ARG B 213 21.30 -5.58 -13.36
N ALA B 214 20.32 -5.03 -12.63
CA ALA B 214 20.48 -4.42 -11.29
C ALA B 214 20.91 -5.49 -10.27
N TYR B 215 20.30 -6.69 -10.30
CA TYR B 215 20.71 -7.83 -9.44
C TYR B 215 22.20 -8.09 -9.65
N LYS B 216 22.62 -8.19 -10.93
CA LYS B 216 24.04 -8.47 -11.31
C LYS B 216 24.95 -7.45 -10.63
N VAL B 217 24.54 -6.18 -10.63
CA VAL B 217 25.40 -5.06 -10.14
C VAL B 217 25.62 -5.22 -8.63
N VAL B 218 24.58 -5.59 -7.91
CA VAL B 218 24.67 -5.73 -6.43
C VAL B 218 25.42 -7.03 -6.09
N TYR B 219 25.12 -8.13 -6.79
CA TYR B 219 25.45 -9.50 -6.31
C TYR B 219 26.57 -10.19 -7.09
N ARG B 220 26.92 -9.74 -8.30
CA ARG B 220 27.77 -10.58 -9.20
C ARG B 220 28.96 -9.82 -9.80
N GLN B 221 29.39 -8.69 -9.21
CA GLN B 221 30.47 -7.84 -9.79
C GLN B 221 31.49 -7.46 -8.71
N GLY B 222 31.48 -8.15 -7.57
CA GLY B 222 32.45 -7.95 -6.48
C GLY B 222 32.45 -6.52 -5.95
N HIS B 223 31.44 -5.72 -6.31
CA HIS B 223 31.22 -4.36 -5.75
C HIS B 223 30.93 -4.46 -4.25
N THR B 224 31.45 -3.53 -3.45
CA THR B 224 30.90 -3.24 -2.10
C THR B 224 29.52 -2.64 -2.32
N VAL B 225 28.67 -2.60 -1.28
CA VAL B 225 27.29 -2.07 -1.44
C VAL B 225 27.40 -0.58 -1.78
N GLU B 226 28.32 0.13 -1.12
CA GLU B 226 28.58 1.56 -1.41
C GLU B 226 28.79 1.68 -2.92
N GLU B 227 29.64 0.82 -3.53
CA GLU B 227 29.97 0.87 -4.99
C GLU B 227 28.74 0.50 -5.83
N ALA B 228 28.05 -0.59 -5.49
CA ALA B 228 26.82 -1.07 -6.17
C ALA B 228 25.78 0.06 -6.21
N LEU B 229 25.56 0.74 -5.09
CA LEU B 229 24.58 1.86 -4.98
C LEU B 229 24.97 2.99 -5.94
N ALA B 230 26.25 3.37 -6.01
CA ALA B 230 26.76 4.38 -6.98
C ALA B 230 26.39 3.93 -8.40
N GLU B 231 26.57 2.65 -8.72
CA GLU B 231 26.41 2.09 -10.08
C GLU B 231 24.91 1.96 -10.44
N LEU B 232 24.05 1.72 -9.45
CA LEU B 232 22.57 1.60 -9.64
C LEU B 232 21.94 2.98 -9.91
N ALA B 233 22.58 4.07 -9.47
CA ALA B 233 22.06 5.46 -9.50
C ALA B 233 21.38 5.75 -10.83
N GLU B 234 22.09 5.49 -11.93
CA GLU B 234 21.59 5.77 -13.31
C GLU B 234 20.24 5.05 -13.54
N SER B 235 20.23 3.71 -13.49
CA SER B 235 19.07 2.86 -13.83
C SER B 235 17.93 3.13 -12.83
N ALA B 236 18.28 3.42 -11.56
CA ALA B 236 17.34 3.81 -10.48
C ALA B 236 16.64 5.14 -10.84
N ALA B 237 17.38 6.06 -11.46
CA ALA B 237 16.86 7.34 -11.98
C ALA B 237 15.91 7.09 -13.16
N GLN B 238 16.13 6.01 -13.93
CA GLN B 238 15.32 5.72 -15.14
C GLN B 238 14.06 4.94 -14.75
N PHE B 239 14.18 3.95 -13.87
CA PHE B 239 13.15 2.90 -13.64
C PHE B 239 12.69 2.93 -12.18
N PRO B 240 11.42 3.26 -11.88
CA PRO B 240 10.90 3.15 -10.52
C PRO B 240 11.12 1.75 -9.89
N GLU B 241 10.98 0.68 -10.66
CA GLU B 241 11.25 -0.69 -10.14
C GLU B 241 12.68 -0.76 -9.63
N VAL B 242 13.64 -0.13 -10.31
CA VAL B 242 15.07 -0.21 -9.92
C VAL B 242 15.28 0.71 -8.70
N ALA B 243 14.61 1.87 -8.65
CA ALA B 243 14.51 2.76 -7.46
C ALA B 243 14.06 1.97 -6.22
N VAL B 244 12.99 1.21 -6.33
CA VAL B 244 12.46 0.33 -5.24
C VAL B 244 13.55 -0.66 -4.79
N PHE B 245 14.20 -1.34 -5.74
CA PHE B 245 15.31 -2.29 -5.46
C PHE B 245 16.42 -1.52 -4.73
N ARG B 246 16.86 -0.41 -5.32
CA ARG B 246 17.98 0.40 -4.78
C ARG B 246 17.62 0.94 -3.38
N ASP B 247 16.39 1.44 -3.21
CA ASP B 247 15.92 1.96 -1.89
C ASP B 247 15.96 0.84 -0.82
N SER B 248 15.55 -0.37 -1.20
CA SER B 248 15.52 -1.54 -0.28
C SER B 248 16.94 -1.86 0.17
N ILE B 249 17.94 -1.72 -0.70
CA ILE B 249 19.35 -1.95 -0.33
C ILE B 249 19.85 -0.82 0.59
N GLN B 250 19.58 0.41 0.21
CA GLN B 250 19.93 1.63 1.00
C GLN B 250 19.33 1.55 2.41
N SER B 251 18.16 0.92 2.57
CA SER B 251 17.36 0.90 3.82
C SER B 251 17.59 -0.42 4.57
N ALA B 252 18.47 -1.27 4.03
CA ALA B 252 18.75 -2.62 4.55
C ALA B 252 19.70 -2.52 5.74
N THR B 253 19.18 -2.19 6.92
CA THR B 253 19.97 -1.89 8.14
C THR B 253 20.73 -3.14 8.63
N ARG B 254 20.23 -4.35 8.41
CA ARG B 254 20.90 -5.59 8.90
C ARG B 254 21.87 -6.13 7.84
N GLY B 255 22.09 -5.39 6.76
CA GLY B 255 22.83 -5.89 5.60
C GLY B 255 21.92 -6.68 4.70
N ILE B 256 22.34 -6.93 3.46
CA ILE B 256 21.49 -7.65 2.46
C ILE B 256 21.84 -9.14 2.51
N THR B 257 20.84 -9.98 2.29
CA THR B 257 21.00 -11.45 2.13
C THR B 257 21.86 -11.70 0.89
N ARG B 258 22.95 -12.46 1.02
CA ARG B 258 23.82 -12.82 -0.14
C ARG B 258 23.71 -14.32 -0.44
N LEU C 3 -23.21 -38.67 25.41
CA LEU C 3 -22.15 -39.03 24.42
C LEU C 3 -21.79 -37.80 23.59
N ILE C 4 -22.80 -37.16 23.00
CA ILE C 4 -22.70 -35.81 22.38
C ILE C 4 -22.89 -34.79 23.49
N ASP C 5 -21.84 -34.10 23.90
CA ASP C 5 -21.93 -33.05 24.94
C ASP C 5 -22.96 -32.01 24.48
N PRO C 6 -23.89 -31.55 25.36
CA PRO C 6 -24.91 -30.60 24.93
C PRO C 6 -24.34 -29.20 24.61
N ARG C 7 -23.07 -28.94 24.93
CA ARG C 7 -22.40 -27.66 24.54
C ARG C 7 -21.75 -27.76 23.14
N ALA C 8 -21.85 -28.90 22.44
CA ALA C 8 -21.40 -29.03 21.04
C ALA C 8 -22.50 -28.55 20.08
N ILE C 9 -22.13 -28.20 18.84
CA ILE C 9 -23.05 -27.78 17.75
C ILE C 9 -22.98 -28.88 16.68
N ILE C 10 -24.07 -29.61 16.46
CA ILE C 10 -24.17 -30.65 15.39
C ILE C 10 -25.14 -30.11 14.35
N ASP C 11 -24.66 -29.72 13.16
CA ASP C 11 -25.52 -29.34 12.03
C ASP C 11 -26.57 -30.44 11.86
N PRO C 12 -27.84 -30.10 11.53
CA PRO C 12 -28.87 -31.11 11.28
C PRO C 12 -28.45 -32.13 10.20
N SER C 13 -27.71 -31.68 9.17
CA SER C 13 -27.33 -32.50 7.98
C SER C 13 -26.13 -33.40 8.29
N ALA C 14 -25.50 -33.26 9.46
CA ALA C 14 -24.45 -34.19 9.96
C ALA C 14 -25.05 -35.60 10.08
N ARG C 15 -24.20 -36.62 10.14
CA ARG C 15 -24.58 -38.05 10.13
C ARG C 15 -23.67 -38.78 11.11
N LEU C 16 -24.01 -38.68 12.40
CA LEU C 16 -23.30 -39.34 13.53
C LEU C 16 -23.90 -40.73 13.74
N ALA C 17 -23.05 -41.73 13.96
CA ALA C 17 -23.41 -43.14 14.23
C ALA C 17 -23.59 -43.32 15.74
N ALA C 18 -24.25 -44.39 16.14
CA ALA C 18 -24.91 -44.55 17.47
C ALA C 18 -24.02 -44.00 18.59
N ASP C 19 -22.76 -44.45 18.65
CA ASP C 19 -21.89 -44.37 19.86
C ASP C 19 -20.80 -43.30 19.69
N VAL C 20 -20.85 -42.49 18.64
CA VAL C 20 -19.95 -41.33 18.42
C VAL C 20 -20.02 -40.40 19.63
N GLN C 21 -18.87 -40.05 20.22
CA GLN C 21 -18.77 -38.99 21.27
C GLN C 21 -18.26 -37.67 20.68
N VAL C 22 -18.93 -36.57 21.03
CA VAL C 22 -18.47 -35.19 20.70
C VAL C 22 -18.30 -34.39 22.00
N GLY C 23 -17.11 -33.82 22.20
CA GLY C 23 -16.76 -33.07 23.41
C GLY C 23 -17.43 -31.70 23.40
N PRO C 24 -17.38 -30.96 24.54
CA PRO C 24 -17.90 -29.61 24.60
C PRO C 24 -17.21 -28.61 23.66
N TRP C 25 -18.01 -27.71 23.06
CA TRP C 25 -17.52 -26.54 22.26
C TRP C 25 -16.89 -27.00 20.95
N SER C 26 -17.30 -28.16 20.45
CA SER C 26 -16.85 -28.70 19.15
C SER C 26 -17.99 -28.50 18.17
N ILE C 27 -17.67 -28.28 16.89
CA ILE C 27 -18.66 -28.07 15.79
C ILE C 27 -18.56 -29.27 14.84
N VAL C 28 -19.64 -30.02 14.67
CA VAL C 28 -19.79 -31.02 13.57
C VAL C 28 -20.64 -30.34 12.50
N GLY C 29 -20.00 -29.68 11.54
CA GLY C 29 -20.66 -28.87 10.51
C GLY C 29 -21.46 -29.73 9.54
N ALA C 30 -22.05 -29.05 8.57
CA ALA C 30 -22.89 -29.61 7.48
C ALA C 30 -22.07 -30.65 6.68
N GLU C 31 -22.76 -31.73 6.27
CA GLU C 31 -22.28 -32.81 5.37
C GLU C 31 -21.09 -33.54 6.00
N VAL C 32 -21.03 -33.60 7.33
CA VAL C 32 -19.93 -34.29 8.08
C VAL C 32 -20.48 -35.61 8.62
N GLU C 33 -19.99 -36.74 8.07
CA GLU C 33 -20.32 -38.11 8.53
C GLU C 33 -19.23 -38.59 9.49
N ILE C 34 -19.62 -39.26 10.57
CA ILE C 34 -18.69 -39.82 11.58
C ILE C 34 -19.11 -41.25 11.90
N GLY C 35 -18.18 -42.20 11.79
CA GLY C 35 -18.40 -43.64 11.99
C GLY C 35 -18.36 -44.05 13.44
N GLU C 36 -18.82 -45.27 13.70
CA GLU C 36 -18.94 -45.93 15.02
C GLU C 36 -17.61 -45.85 15.77
N GLY C 37 -17.65 -45.57 17.07
CA GLY C 37 -16.50 -45.69 17.99
C GLY C 37 -15.60 -44.46 17.98
N THR C 38 -15.90 -43.45 17.14
CA THR C 38 -15.07 -42.22 16.97
C THR C 38 -15.35 -41.24 18.11
N VAL C 39 -14.28 -40.75 18.73
CA VAL C 39 -14.30 -39.72 19.82
C VAL C 39 -13.80 -38.39 19.22
N ILE C 40 -14.69 -37.42 19.10
CA ILE C 40 -14.35 -35.99 18.85
C ILE C 40 -14.11 -35.35 20.21
N GLY C 41 -12.91 -34.78 20.42
CA GLY C 41 -12.54 -34.06 21.66
C GLY C 41 -13.29 -32.74 21.79
N PRO C 42 -12.97 -31.94 22.82
CA PRO C 42 -13.51 -30.59 22.96
C PRO C 42 -12.75 -29.62 22.04
N HIS C 43 -13.35 -28.49 21.69
CA HIS C 43 -12.73 -27.43 20.85
C HIS C 43 -12.23 -28.02 19.51
N VAL C 44 -12.99 -28.94 18.90
CA VAL C 44 -12.71 -29.44 17.52
C VAL C 44 -13.65 -28.69 16.56
N VAL C 45 -13.15 -28.35 15.37
CA VAL C 45 -14.00 -27.87 14.25
C VAL C 45 -13.93 -28.92 13.14
N LEU C 46 -15.08 -29.50 12.79
CA LEU C 46 -15.26 -30.34 11.57
C LEU C 46 -16.07 -29.56 10.55
N LYS C 47 -15.62 -29.57 9.29
CA LYS C 47 -16.36 -29.03 8.13
C LYS C 47 -16.39 -30.10 7.03
N GLY C 48 -17.40 -30.02 6.16
CA GLY C 48 -17.66 -31.01 5.10
C GLY C 48 -17.69 -30.32 3.75
N PRO C 49 -18.05 -31.04 2.66
CA PRO C 49 -18.37 -32.46 2.71
C PRO C 49 -17.20 -33.34 3.19
N THR C 50 -17.41 -34.11 4.26
CA THR C 50 -16.35 -34.92 4.91
C THR C 50 -16.95 -36.23 5.41
N LYS C 51 -16.24 -37.33 5.21
CA LYS C 51 -16.52 -38.63 5.87
C LYS C 51 -15.35 -39.01 6.77
N ILE C 52 -15.66 -39.36 8.03
CA ILE C 52 -14.74 -39.87 9.08
C ILE C 52 -15.17 -41.29 9.48
N GLY C 53 -14.32 -42.30 9.26
CA GLY C 53 -14.65 -43.71 9.54
C GLY C 53 -14.79 -44.00 11.03
N LYS C 54 -14.18 -45.08 11.50
CA LYS C 54 -14.55 -45.73 12.77
C LYS C 54 -13.33 -45.78 13.70
N HIS C 55 -13.59 -45.61 15.00
CA HIS C 55 -12.59 -45.78 16.09
C HIS C 55 -11.44 -44.79 15.88
N ASN C 56 -11.78 -43.60 15.38
CA ASN C 56 -10.90 -42.41 15.26
C ASN C 56 -10.91 -41.65 16.57
N ARG C 57 -9.85 -40.90 16.84
CA ARG C 57 -9.76 -39.92 17.95
C ARG C 57 -9.25 -38.59 17.34
N ILE C 58 -10.03 -37.53 17.45
CA ILE C 58 -9.61 -36.19 16.96
C ILE C 58 -9.50 -35.26 18.17
N TYR C 59 -8.30 -34.73 18.42
CA TYR C 59 -7.98 -33.94 19.64
C TYR C 59 -8.34 -32.46 19.46
N GLN C 60 -8.44 -31.75 20.59
CA GLN C 60 -8.75 -30.29 20.72
C GLN C 60 -7.92 -29.42 19.77
N PHE C 61 -8.57 -28.38 19.24
CA PHE C 61 -7.98 -27.21 18.50
C PHE C 61 -7.67 -27.64 17.06
N SER C 62 -8.08 -28.84 16.68
CA SER C 62 -7.99 -29.36 15.30
C SER C 62 -9.05 -28.70 14.44
N SER C 63 -8.70 -28.40 13.19
CA SER C 63 -9.62 -27.94 12.13
C SER C 63 -9.53 -28.98 11.01
N VAL C 64 -10.56 -29.82 10.90
CA VAL C 64 -10.60 -30.97 9.96
C VAL C 64 -11.71 -30.70 8.94
N GLY C 65 -11.33 -30.47 7.68
CA GLY C 65 -12.25 -30.31 6.54
C GLY C 65 -12.41 -28.87 6.11
N GLU C 66 -11.57 -27.95 6.58
CA GLU C 66 -11.59 -26.54 6.14
C GLU C 66 -11.24 -26.49 4.65
N ASP C 67 -11.60 -25.40 3.98
CA ASP C 67 -11.18 -25.10 2.59
C ASP C 67 -9.69 -24.78 2.59
N THR C 68 -9.00 -25.11 1.50
CA THR C 68 -7.62 -24.61 1.31
C THR C 68 -7.72 -23.11 1.08
N PRO C 69 -6.83 -22.29 1.69
CA PRO C 69 -6.71 -20.88 1.33
C PRO C 69 -6.00 -20.67 -0.01
N ASP C 70 -5.47 -21.75 -0.60
CA ASP C 70 -4.85 -21.74 -1.96
C ASP C 70 -5.77 -20.95 -2.91
N LEU C 71 -5.19 -19.96 -3.60
CA LEU C 71 -5.87 -19.04 -4.56
C LEU C 71 -6.56 -19.82 -5.69
N LYS C 72 -6.17 -21.07 -5.95
CA LYS C 72 -6.71 -21.90 -7.07
C LYS C 72 -8.03 -22.56 -6.66
N TYR C 73 -8.33 -22.70 -5.37
CA TYR C 73 -9.65 -23.15 -4.88
C TYR C 73 -10.65 -21.98 -4.99
N LYS C 74 -11.95 -22.27 -5.17
CA LYS C 74 -13.01 -21.26 -5.42
C LYS C 74 -14.41 -21.76 -4.99
N GLY C 75 -14.51 -22.52 -3.90
CA GLY C 75 -15.77 -22.79 -3.20
C GLY C 75 -16.52 -24.03 -3.68
N GLU C 76 -15.94 -24.81 -4.60
CA GLU C 76 -16.57 -26.06 -5.16
C GLU C 76 -16.77 -27.06 -4.02
N PRO C 77 -17.65 -28.09 -4.17
CA PRO C 77 -17.97 -29.02 -3.09
C PRO C 77 -16.98 -30.20 -2.94
N THR C 78 -15.70 -29.88 -2.77
CA THR C 78 -14.56 -30.85 -2.70
C THR C 78 -14.66 -31.60 -1.37
N ARG C 79 -14.01 -32.76 -1.24
CA ARG C 79 -14.26 -33.72 -0.14
C ARG C 79 -12.98 -34.07 0.65
N LEU C 80 -13.19 -34.51 1.88
CA LEU C 80 -12.15 -35.13 2.75
C LEU C 80 -12.69 -36.48 3.24
N VAL C 81 -11.96 -37.55 2.97
CA VAL C 81 -12.30 -38.93 3.39
C VAL C 81 -11.21 -39.40 4.35
N ILE C 82 -11.60 -39.74 5.58
CA ILE C 82 -10.71 -40.36 6.59
C ILE C 82 -11.21 -41.78 6.88
N GLY C 83 -10.31 -42.78 6.96
CA GLY C 83 -10.67 -44.18 7.27
C GLY C 83 -10.86 -44.42 8.77
N ASP C 84 -10.32 -45.54 9.28
CA ASP C 84 -10.63 -46.07 10.64
C ASP C 84 -9.35 -46.09 11.46
N HIS C 85 -9.48 -45.97 12.79
CA HIS C 85 -8.41 -46.23 13.79
C HIS C 85 -7.27 -45.20 13.68
N ASN C 86 -7.58 -43.98 13.22
CA ASN C 86 -6.63 -42.86 13.13
C ASN C 86 -6.64 -42.05 14.43
N VAL C 87 -5.48 -41.50 14.80
CA VAL C 87 -5.31 -40.52 15.90
C VAL C 87 -4.84 -39.20 15.29
N ILE C 88 -5.68 -38.17 15.44
CA ILE C 88 -5.40 -36.79 14.99
C ILE C 88 -5.24 -35.94 16.26
N ARG C 89 -4.01 -35.49 16.53
CA ARG C 89 -3.65 -34.86 17.81
C ARG C 89 -3.99 -33.36 17.80
N GLU C 90 -3.41 -32.62 18.75
CA GLU C 90 -3.78 -31.22 19.09
C GLU C 90 -3.48 -30.30 17.91
N GLY C 91 -4.45 -29.47 17.55
CA GLY C 91 -4.32 -28.37 16.58
C GLY C 91 -3.96 -28.81 15.17
N VAL C 92 -4.32 -30.03 14.77
CA VAL C 92 -3.96 -30.51 13.40
C VAL C 92 -4.88 -29.78 12.42
N THR C 93 -4.38 -29.47 11.21
CA THR C 93 -5.21 -28.90 10.11
C THR C 93 -5.27 -29.90 8.95
N ILE C 94 -6.47 -30.20 8.48
CA ILE C 94 -6.70 -31.05 7.28
C ILE C 94 -7.68 -30.31 6.36
N HIS C 95 -7.21 -29.97 5.16
CA HIS C 95 -7.99 -29.22 4.16
C HIS C 95 -8.61 -30.20 3.18
N ARG C 96 -9.74 -29.86 2.59
CA ARG C 96 -10.43 -30.70 1.58
C ARG C 96 -9.75 -30.47 0.22
N GLY C 97 -10.11 -31.27 -0.77
CA GLY C 97 -9.45 -31.26 -2.10
C GLY C 97 -9.78 -30.04 -2.95
N THR C 98 -9.33 -30.08 -4.20
CA THR C 98 -9.60 -29.04 -5.23
C THR C 98 -10.05 -29.75 -6.51
N VAL C 99 -10.85 -29.06 -7.34
CA VAL C 99 -11.38 -29.61 -8.62
C VAL C 99 -10.21 -29.80 -9.61
N GLN C 100 -9.05 -29.18 -9.36
CA GLN C 100 -7.87 -29.21 -10.27
C GLN C 100 -7.25 -30.60 -10.29
N ASP C 101 -7.50 -31.44 -9.28
CA ASP C 101 -6.93 -32.81 -9.14
C ASP C 101 -8.09 -33.82 -9.15
N ARG C 102 -8.43 -34.41 -8.00
CA ARG C 102 -9.47 -35.45 -7.83
C ARG C 102 -10.56 -34.92 -6.91
N ALA C 103 -10.48 -33.64 -6.53
CA ALA C 103 -11.42 -32.94 -5.62
C ALA C 103 -11.56 -33.69 -4.29
N GLU C 104 -10.49 -34.35 -3.81
CA GLU C 104 -10.54 -35.14 -2.56
C GLU C 104 -9.17 -35.15 -1.85
N THR C 105 -9.19 -34.95 -0.54
CA THR C 105 -8.09 -35.29 0.41
C THR C 105 -8.44 -36.64 0.99
N THR C 106 -7.50 -37.59 1.06
CA THR C 106 -7.79 -38.97 1.55
C THR C 106 -6.76 -39.42 2.60
N ILE C 107 -7.24 -39.93 3.74
CA ILE C 107 -6.44 -40.63 4.78
C ILE C 107 -7.04 -42.03 4.96
N GLY C 108 -6.19 -43.07 4.98
CA GLY C 108 -6.57 -44.49 5.23
C GLY C 108 -6.73 -44.80 6.71
N ASP C 109 -6.10 -45.87 7.19
CA ASP C 109 -6.35 -46.49 8.51
C ASP C 109 -5.10 -46.46 9.40
N HIS C 110 -5.28 -46.41 10.71
CA HIS C 110 -4.20 -46.63 11.73
C HIS C 110 -3.09 -45.60 11.58
N ASN C 111 -3.42 -44.41 11.09
CA ASN C 111 -2.44 -43.33 10.91
C ASN C 111 -2.34 -42.56 12.25
N LEU C 112 -1.13 -42.13 12.62
CA LEU C 112 -0.90 -41.22 13.77
C LEU C 112 -0.40 -39.87 13.21
N ILE C 113 -1.25 -38.86 13.30
CA ILE C 113 -0.95 -37.47 12.87
C ILE C 113 -0.83 -36.60 14.13
N MET C 114 0.40 -36.24 14.50
CA MET C 114 0.71 -35.57 15.79
C MET C 114 0.45 -34.05 15.69
N ALA C 115 0.64 -33.35 16.81
CA ALA C 115 0.22 -31.95 17.04
C ALA C 115 0.71 -31.01 15.94
N TYR C 116 -0.22 -30.22 15.41
CA TYR C 116 0.01 -29.04 14.53
C TYR C 116 0.51 -29.51 13.17
N ALA C 117 0.41 -30.81 12.90
CA ALA C 117 0.63 -31.35 11.55
C ALA C 117 -0.39 -30.69 10.62
N HIS C 118 -0.02 -30.59 9.34
CA HIS C 118 -0.81 -30.01 8.26
C HIS C 118 -0.90 -30.98 7.10
N ILE C 119 -2.12 -31.31 6.69
CA ILE C 119 -2.42 -32.16 5.52
C ILE C 119 -3.17 -31.29 4.54
N GLY C 120 -2.43 -30.76 3.56
CA GLY C 120 -2.93 -29.84 2.54
C GLY C 120 -3.82 -30.54 1.52
N HIS C 121 -4.67 -29.76 0.86
CA HIS C 121 -5.61 -30.19 -0.19
C HIS C 121 -4.98 -31.26 -1.09
N ASP C 122 -5.76 -32.33 -1.36
CA ASP C 122 -5.52 -33.34 -2.43
C ASP C 122 -4.44 -34.33 -2.00
N SER C 123 -3.97 -34.25 -0.76
CA SER C 123 -2.94 -35.18 -0.24
C SER C 123 -3.63 -36.53 -0.06
N VAL C 124 -2.88 -37.60 -0.21
CA VAL C 124 -3.37 -39.01 -0.03
C VAL C 124 -2.39 -39.72 0.91
N ILE C 125 -2.86 -40.00 2.13
CA ILE C 125 -2.10 -40.76 3.17
C ILE C 125 -2.71 -42.16 3.22
N GLY C 126 -1.88 -43.21 3.20
CA GLY C 126 -2.33 -44.62 3.21
C GLY C 126 -2.64 -45.08 4.61
N ASN C 127 -1.97 -46.14 5.05
CA ASN C 127 -2.23 -46.81 6.35
C ASN C 127 -0.95 -46.87 7.17
N HIS C 128 -1.10 -46.76 8.49
CA HIS C 128 -0.04 -47.03 9.49
C HIS C 128 1.13 -46.06 9.28
N CYS C 129 0.82 -44.83 8.87
CA CYS C 129 1.79 -43.70 8.73
C CYS C 129 1.89 -42.96 10.07
N ILE C 130 3.05 -42.39 10.38
CA ILE C 130 3.23 -41.44 11.51
C ILE C 130 3.69 -40.12 10.91
N LEU C 131 2.88 -39.07 11.05
CA LEU C 131 3.31 -37.67 10.77
C LEU C 131 3.58 -37.03 12.13
N VAL C 132 4.85 -36.80 12.46
CA VAL C 132 5.25 -36.25 13.79
C VAL C 132 4.91 -34.76 13.79
N ASN C 133 4.96 -34.15 14.98
CA ASN C 133 4.55 -32.74 15.23
C ASN C 133 4.99 -31.83 14.08
N ASN C 134 4.07 -30.99 13.60
CA ASN C 134 4.34 -29.82 12.71
C ASN C 134 4.88 -30.28 11.35
N THR C 135 4.74 -31.57 11.03
CA THR C 135 4.90 -32.06 9.65
C THR C 135 3.87 -31.35 8.78
N ALA C 136 4.25 -30.95 7.57
CA ALA C 136 3.39 -30.20 6.64
C ALA C 136 3.46 -30.81 5.23
N LEU C 137 2.33 -31.30 4.74
CA LEU C 137 2.14 -31.73 3.34
C LEU C 137 1.48 -30.58 2.59
N ALA C 138 2.24 -29.87 1.77
CA ALA C 138 1.81 -28.58 1.17
C ALA C 138 0.58 -28.80 0.27
N GLY C 139 0.52 -29.92 -0.45
CA GLY C 139 -0.65 -30.25 -1.30
C GLY C 139 -0.33 -31.30 -2.35
N HIS C 140 -1.32 -32.10 -2.74
CA HIS C 140 -1.20 -33.23 -3.69
C HIS C 140 -0.03 -34.16 -3.31
N VAL C 141 0.28 -34.31 -2.01
CA VAL C 141 1.35 -35.20 -1.48
C VAL C 141 0.76 -36.60 -1.24
N HIS C 142 1.39 -37.64 -1.77
CA HIS C 142 1.03 -39.06 -1.55
C HIS C 142 2.01 -39.70 -0.56
N VAL C 143 1.51 -40.10 0.62
CA VAL C 143 2.29 -40.84 1.66
C VAL C 143 1.80 -42.30 1.65
N ASP C 144 2.63 -43.24 1.23
CA ASP C 144 2.25 -44.68 1.14
C ASP C 144 2.46 -45.32 2.53
N ASP C 145 1.98 -46.56 2.71
CA ASP C 145 1.81 -47.22 4.04
C ASP C 145 3.13 -47.29 4.80
N TRP C 146 3.07 -47.04 6.11
CA TRP C 146 4.15 -47.28 7.10
C TRP C 146 5.21 -46.17 7.03
N ALA C 147 5.00 -45.12 6.25
CA ALA C 147 5.97 -44.01 6.15
C ALA C 147 5.97 -43.30 7.50
N ILE C 148 7.16 -42.86 7.95
CA ILE C 148 7.40 -42.03 9.16
C ILE C 148 8.04 -40.71 8.74
N LEU C 149 7.33 -39.60 9.00
CA LEU C 149 7.86 -38.23 8.77
C LEU C 149 8.13 -37.62 10.14
N SER C 150 9.40 -37.40 10.47
CA SER C 150 9.79 -36.91 11.82
C SER C 150 9.36 -35.44 11.95
N GLY C 151 9.52 -34.88 13.16
CA GLY C 151 9.05 -33.52 13.52
C GLY C 151 9.48 -32.46 12.53
N TYR C 152 8.54 -31.60 12.13
CA TYR C 152 8.76 -30.42 11.26
C TYR C 152 9.31 -30.83 9.90
N THR C 153 8.94 -32.02 9.41
CA THR C 153 9.21 -32.44 8.00
C THR C 153 8.27 -31.62 7.11
N LEU C 154 8.84 -30.91 6.12
CA LEU C 154 8.08 -30.10 5.13
C LEU C 154 8.12 -30.83 3.79
N VAL C 155 6.97 -31.01 3.14
CA VAL C 155 6.87 -31.72 1.83
C VAL C 155 6.25 -30.76 0.82
N HIS C 156 7.02 -30.44 -0.23
CA HIS C 156 6.59 -29.66 -1.41
C HIS C 156 5.43 -30.35 -2.11
N GLN C 157 4.60 -29.58 -2.80
CA GLN C 157 3.45 -30.10 -3.57
C GLN C 157 3.91 -31.20 -4.53
N TYR C 158 3.07 -32.24 -4.64
CA TYR C 158 3.06 -33.29 -5.70
C TYR C 158 4.04 -34.43 -5.37
N CYS C 159 4.82 -34.31 -4.30
CA CYS C 159 5.86 -35.29 -3.95
C CYS C 159 5.22 -36.58 -3.47
N ARG C 160 5.76 -37.74 -3.89
CA ARG C 160 5.37 -39.07 -3.34
C ARG C 160 6.36 -39.50 -2.25
N ILE C 161 5.83 -39.93 -1.11
CA ILE C 161 6.61 -40.49 0.03
C ILE C 161 6.33 -42.00 0.06
N GLY C 162 7.31 -42.83 -0.26
CA GLY C 162 7.13 -44.29 -0.49
C GLY C 162 6.85 -45.06 0.79
N ALA C 163 6.28 -46.26 0.65
CA ALA C 163 6.02 -47.19 1.77
C ALA C 163 7.29 -47.38 2.60
N HIS C 164 7.18 -47.27 3.93
CA HIS C 164 8.24 -47.55 4.93
C HIS C 164 9.37 -46.52 4.85
N SER C 165 9.20 -45.39 4.13
CA SER C 165 10.24 -44.34 4.09
C SER C 165 10.26 -43.60 5.43
N PHE C 166 11.37 -42.92 5.70
CA PHE C 166 11.61 -42.21 6.98
C PHE C 166 12.27 -40.87 6.67
N SER C 167 11.73 -39.78 7.20
CA SER C 167 12.38 -38.46 7.14
C SER C 167 12.81 -38.11 8.56
N GLY C 168 14.03 -37.61 8.72
CA GLY C 168 14.56 -37.04 9.97
C GLY C 168 13.99 -35.67 10.28
N MET C 169 14.15 -35.16 11.49
CA MET C 169 13.43 -33.94 11.94
C MET C 169 13.91 -32.75 11.13
N GLY C 170 13.00 -31.85 10.75
CA GLY C 170 13.35 -30.64 9.97
C GLY C 170 13.69 -30.93 8.51
N SER C 171 13.39 -32.13 7.99
CA SER C 171 13.62 -32.52 6.58
C SER C 171 12.74 -31.64 5.71
N ALA C 172 13.24 -31.19 4.57
CA ALA C 172 12.46 -30.44 3.57
C ALA C 172 12.54 -31.21 2.25
N ILE C 173 11.44 -31.86 1.90
CA ILE C 173 11.39 -32.85 0.78
C ILE C 173 10.87 -32.16 -0.49
N GLY C 174 11.70 -32.06 -1.53
CA GLY C 174 11.36 -31.45 -2.82
C GLY C 174 11.25 -32.46 -3.96
N LYS C 175 11.68 -33.71 -3.74
CA LYS C 175 11.45 -34.81 -4.72
C LYS C 175 10.91 -36.03 -3.99
N ASP C 176 10.44 -37.00 -4.77
CA ASP C 176 9.86 -38.27 -4.28
C ASP C 176 10.89 -38.94 -3.37
N VAL C 177 10.41 -39.62 -2.34
CA VAL C 177 11.24 -40.51 -1.48
C VAL C 177 10.84 -41.93 -1.83
N PRO C 178 11.72 -42.75 -2.46
CA PRO C 178 11.36 -44.12 -2.79
C PRO C 178 10.98 -44.90 -1.51
N ALA C 179 10.25 -46.01 -1.66
CA ALA C 179 9.95 -46.92 -0.53
C ALA C 179 11.25 -47.21 0.23
N TYR C 180 11.17 -47.20 1.56
CA TYR C 180 12.20 -47.73 2.50
C TYR C 180 13.32 -46.71 2.73
N VAL C 181 13.41 -45.66 1.91
CA VAL C 181 14.60 -44.76 1.94
C VAL C 181 14.48 -43.80 3.13
N THR C 182 15.61 -43.52 3.75
CA THR C 182 15.72 -42.57 4.89
C THR C 182 16.33 -41.29 4.33
N VAL C 183 15.71 -40.16 4.63
CA VAL C 183 16.14 -38.85 4.10
C VAL C 183 16.28 -37.90 5.28
N PHE C 184 17.21 -36.95 5.19
CA PHE C 184 17.48 -35.96 6.25
C PHE C 184 17.92 -34.64 5.62
N GLY C 185 17.70 -33.55 6.35
CA GLY C 185 18.20 -32.20 6.04
C GLY C 185 17.31 -31.41 5.10
N ASN C 186 17.71 -30.16 4.89
CA ASN C 186 17.00 -29.18 4.05
C ASN C 186 18.05 -28.62 3.08
N PRO C 187 18.06 -28.97 1.77
CA PRO C 187 17.16 -29.98 1.18
C PRO C 187 17.44 -31.42 1.61
N ALA C 188 16.40 -32.25 1.67
CA ALA C 188 16.48 -33.70 1.98
C ALA C 188 17.52 -34.38 1.10
N GLU C 189 18.31 -35.28 1.68
CA GLU C 189 19.20 -36.18 0.92
C GLU C 189 19.00 -37.59 1.46
N ALA C 190 19.11 -38.58 0.56
CA ALA C 190 19.11 -40.03 0.87
C ALA C 190 20.27 -40.38 1.80
N ARG C 191 20.06 -41.27 2.76
CA ARG C 191 21.13 -41.76 3.66
C ARG C 191 21.20 -43.29 3.57
N SER C 192 20.10 -43.99 3.78
CA SER C 192 20.06 -45.48 3.89
C SER C 192 18.63 -46.02 3.71
N MET C 193 18.35 -47.22 4.22
CA MET C 193 17.01 -47.88 4.17
C MET C 193 16.43 -47.98 5.59
N ASN C 194 15.11 -48.15 5.70
CA ASN C 194 14.41 -48.24 7.02
C ASN C 194 14.37 -49.70 7.50
N PHE C 195 15.50 -50.30 7.88
CA PHE C 195 15.56 -51.73 8.30
C PHE C 195 14.71 -51.96 9.56
N GLU C 196 14.73 -51.04 10.52
CA GLU C 196 13.86 -51.11 11.72
C GLU C 196 12.40 -51.31 11.26
N GLY C 197 11.98 -50.53 10.27
CA GLY C 197 10.65 -50.68 9.63
C GLY C 197 10.44 -52.08 9.06
N MET C 198 11.47 -52.64 8.40
CA MET C 198 11.38 -53.98 7.76
C MET C 198 11.21 -55.05 8.84
N ARG C 199 11.95 -54.95 9.95
CA ARG C 199 11.84 -55.88 11.12
C ARG C 199 10.45 -55.72 11.75
N ARG C 200 9.99 -54.47 11.95
CA ARG C 200 8.64 -54.16 12.50
C ARG C 200 7.56 -54.90 11.70
N ARG C 201 7.84 -55.18 10.42
CA ARG C 201 6.93 -55.88 9.48
C ARG C 201 7.26 -57.38 9.41
N GLY C 202 8.28 -57.85 10.11
CA GLY C 202 8.68 -59.27 10.09
C GLY C 202 9.17 -59.70 8.71
N PHE C 203 9.85 -58.80 7.99
CA PHE C 203 10.50 -59.12 6.70
C PHE C 203 11.47 -60.28 6.95
N SER C 204 11.53 -61.25 6.03
CA SER C 204 12.58 -62.31 6.00
C SER C 204 13.94 -61.64 5.76
N SER C 205 15.03 -62.20 6.32
CA SER C 205 16.41 -61.69 6.12
C SER C 205 16.73 -61.68 4.61
N GLU C 206 16.13 -62.60 3.84
CA GLU C 206 16.29 -62.73 2.37
C GLU C 206 15.77 -61.45 1.71
N ALA C 207 14.56 -61.01 2.03
CA ALA C 207 13.99 -59.73 1.53
C ALA C 207 14.85 -58.56 2.00
N ILE C 208 15.28 -58.54 3.27
CA ILE C 208 16.05 -57.42 3.87
C ILE C 208 17.40 -57.33 3.14
N HIS C 209 18.05 -58.48 2.89
CA HIS C 209 19.30 -58.60 2.11
C HIS C 209 19.04 -58.14 0.66
N ALA C 210 17.92 -58.52 0.04
CA ALA C 210 17.59 -58.11 -1.35
C ALA C 210 17.39 -56.59 -1.44
N LEU C 211 16.72 -55.99 -0.45
CA LEU C 211 16.47 -54.52 -0.39
C LEU C 211 17.78 -53.77 -0.10
N ARG C 212 18.62 -54.32 0.78
CA ARG C 212 19.98 -53.78 1.06
C ARG C 212 20.72 -53.67 -0.29
N ARG C 213 20.73 -54.75 -1.06
CA ARG C 213 21.32 -54.77 -2.44
C ARG C 213 20.64 -53.70 -3.30
N ALA C 214 19.30 -53.70 -3.39
CA ALA C 214 18.51 -52.80 -4.26
C ALA C 214 18.93 -51.34 -4.03
N TYR C 215 19.07 -50.92 -2.77
CA TYR C 215 19.53 -49.55 -2.42
C TYR C 215 20.87 -49.25 -3.11
N LYS C 216 21.88 -50.09 -2.90
CA LYS C 216 23.24 -49.91 -3.50
C LYS C 216 23.08 -49.73 -5.02
N VAL C 217 22.30 -50.59 -5.68
CA VAL C 217 22.11 -50.58 -7.16
C VAL C 217 21.59 -49.20 -7.59
N VAL C 218 20.73 -48.55 -6.80
CA VAL C 218 20.12 -47.23 -7.15
C VAL C 218 21.07 -46.08 -6.78
N TYR C 219 21.74 -46.15 -5.62
CA TYR C 219 22.39 -44.96 -4.97
C TYR C 219 23.92 -45.02 -4.95
N ARG C 220 24.56 -46.19 -5.04
CA ARG C 220 26.00 -46.36 -4.65
C ARG C 220 26.84 -46.96 -5.80
N GLN C 221 26.23 -47.34 -6.93
CA GLN C 221 26.93 -48.06 -8.03
C GLN C 221 26.93 -47.19 -9.31
N GLY C 222 26.79 -45.87 -9.17
CA GLY C 222 26.82 -44.90 -10.28
C GLY C 222 25.95 -45.31 -11.47
N HIS C 223 24.84 -46.02 -11.22
CA HIS C 223 23.82 -46.39 -12.24
C HIS C 223 22.88 -45.20 -12.48
N THR C 224 22.36 -45.06 -13.70
CA THR C 224 21.17 -44.23 -14.00
C THR C 224 19.92 -44.96 -13.48
N VAL C 225 18.80 -44.26 -13.38
CA VAL C 225 17.53 -44.86 -12.87
C VAL C 225 17.18 -46.05 -13.77
N GLU C 226 17.23 -45.85 -15.09
CA GLU C 226 16.77 -46.84 -16.11
C GLU C 226 17.58 -48.13 -15.97
N GLU C 227 18.90 -48.02 -15.84
CA GLU C 227 19.84 -49.17 -15.65
C GLU C 227 19.53 -49.86 -14.32
N ALA C 228 19.33 -49.07 -13.26
CA ALA C 228 18.91 -49.55 -11.92
C ALA C 228 17.59 -50.34 -12.04
N LEU C 229 16.59 -49.74 -12.67
CA LEU C 229 15.26 -50.37 -12.89
C LEU C 229 15.44 -51.71 -13.62
N ALA C 230 16.22 -51.73 -14.72
CA ALA C 230 16.57 -52.96 -15.48
C ALA C 230 17.25 -53.99 -14.58
N GLU C 231 18.24 -53.56 -13.79
CA GLU C 231 19.04 -54.40 -12.88
C GLU C 231 18.19 -54.94 -11.72
N LEU C 232 17.08 -54.27 -11.36
CA LEU C 232 16.23 -54.62 -10.19
C LEU C 232 15.14 -55.63 -10.58
N ALA C 233 14.91 -55.85 -11.88
CA ALA C 233 13.82 -56.70 -12.43
C ALA C 233 13.88 -58.11 -11.84
N GLU C 234 15.08 -58.72 -11.81
CA GLU C 234 15.35 -60.06 -11.22
C GLU C 234 14.76 -60.10 -9.80
N SER C 235 15.32 -59.27 -8.91
CA SER C 235 15.02 -59.22 -7.46
C SER C 235 13.54 -58.83 -7.23
N ALA C 236 13.02 -57.92 -8.05
CA ALA C 236 11.66 -57.35 -7.90
C ALA C 236 10.61 -58.42 -8.24
N ALA C 237 10.86 -59.22 -9.27
CA ALA C 237 9.96 -60.33 -9.70
C ALA C 237 9.90 -61.38 -8.58
N GLN C 238 10.97 -61.50 -7.80
CA GLN C 238 11.18 -62.55 -6.78
C GLN C 238 10.61 -62.11 -5.43
N PHE C 239 10.99 -60.91 -4.96
CA PHE C 239 10.55 -60.33 -3.66
C PHE C 239 9.52 -59.24 -3.91
N PRO C 240 8.25 -59.39 -3.48
CA PRO C 240 7.29 -58.29 -3.50
C PRO C 240 7.84 -57.02 -2.82
N GLU C 241 8.59 -57.20 -1.72
CA GLU C 241 9.24 -56.13 -0.93
C GLU C 241 10.08 -55.26 -1.85
N VAL C 242 10.81 -55.89 -2.78
CA VAL C 242 11.75 -55.19 -3.71
C VAL C 242 10.91 -54.57 -4.84
N ALA C 243 9.86 -55.25 -5.30
CA ALA C 243 8.89 -54.70 -6.28
C ALA C 243 8.34 -53.36 -5.78
N VAL C 244 8.08 -53.22 -4.47
CA VAL C 244 7.59 -51.97 -3.81
C VAL C 244 8.67 -50.89 -3.99
N PHE C 245 9.92 -51.20 -3.65
CA PHE C 245 11.08 -50.29 -3.87
C PHE C 245 11.10 -49.81 -5.32
N ARG C 246 11.10 -50.79 -6.25
CA ARG C 246 11.32 -50.60 -7.71
C ARG C 246 10.17 -49.76 -8.27
N ASP C 247 8.93 -50.09 -7.94
CA ASP C 247 7.73 -49.38 -8.49
C ASP C 247 7.78 -47.92 -8.04
N SER C 248 8.25 -47.65 -6.82
CA SER C 248 8.28 -46.28 -6.22
C SER C 248 9.29 -45.39 -6.95
N ILE C 249 10.33 -45.99 -7.53
CA ILE C 249 11.35 -45.27 -8.36
C ILE C 249 10.78 -45.11 -9.78
N GLN C 250 10.19 -46.18 -10.32
CA GLN C 250 9.59 -46.24 -11.68
C GLN C 250 8.52 -45.14 -11.78
N SER C 251 7.77 -44.91 -10.71
CA SER C 251 6.57 -44.02 -10.69
C SER C 251 6.98 -42.59 -10.31
N ALA C 252 8.27 -42.28 -10.23
CA ALA C 252 8.82 -40.95 -9.84
C ALA C 252 9.26 -40.18 -11.10
N THR C 253 8.32 -39.71 -11.92
CA THR C 253 8.60 -38.92 -13.15
C THR C 253 9.12 -37.52 -12.77
N ARG C 254 8.90 -37.06 -11.53
CA ARG C 254 9.52 -35.85 -10.92
C ARG C 254 11.03 -36.05 -10.69
N GLY C 255 11.46 -37.26 -10.34
CA GLY C 255 12.84 -37.59 -9.93
C GLY C 255 12.88 -38.03 -8.48
N ILE C 256 13.99 -38.62 -8.02
CA ILE C 256 14.12 -39.20 -6.64
C ILE C 256 15.07 -38.34 -5.80
N THR C 257 14.81 -38.24 -4.49
CA THR C 257 15.73 -37.64 -3.51
C THR C 257 17.06 -38.41 -3.60
N ARG C 258 18.17 -37.70 -3.81
CA ARG C 258 19.49 -38.31 -4.14
C ARG C 258 20.39 -38.16 -2.92
N SER D 2 -33.36 4.67 -20.24
CA SER D 2 -32.07 4.45 -20.95
C SER D 2 -32.08 5.15 -22.32
N LEU D 3 -31.26 6.18 -22.49
CA LEU D 3 -31.12 6.91 -23.77
C LEU D 3 -29.65 6.83 -24.17
N ILE D 4 -29.34 5.96 -25.14
CA ILE D 4 -27.99 5.80 -25.74
C ILE D 4 -27.98 6.59 -27.05
N ASP D 5 -27.34 7.74 -27.07
CA ASP D 5 -27.30 8.58 -28.28
C ASP D 5 -26.60 7.79 -29.38
N PRO D 6 -27.20 7.68 -30.61
CA PRO D 6 -26.58 6.93 -31.70
C PRO D 6 -25.25 7.52 -32.19
N ARG D 7 -24.98 8.78 -31.84
CA ARG D 7 -23.73 9.52 -32.19
C ARG D 7 -22.62 9.20 -31.19
N ALA D 8 -22.93 8.47 -30.10
CA ALA D 8 -21.95 7.87 -29.17
C ALA D 8 -21.31 6.63 -29.81
N ILE D 9 -20.08 6.32 -29.44
CA ILE D 9 -19.41 5.06 -29.86
C ILE D 9 -19.35 4.17 -28.62
N ILE D 10 -20.07 3.05 -28.67
CA ILE D 10 -20.05 2.03 -27.58
C ILE D 10 -19.23 0.87 -28.10
N ASP D 11 -18.08 0.56 -27.47
CA ASP D 11 -17.29 -0.63 -27.82
C ASP D 11 -18.15 -1.87 -27.59
N PRO D 12 -18.10 -2.87 -28.50
CA PRO D 12 -18.83 -4.13 -28.29
C PRO D 12 -18.52 -4.86 -26.97
N SER D 13 -17.33 -4.70 -26.40
CA SER D 13 -16.98 -5.37 -25.12
C SER D 13 -17.40 -4.48 -23.94
N ALA D 14 -17.95 -3.28 -24.16
CA ALA D 14 -18.44 -2.39 -23.07
C ALA D 14 -19.73 -2.98 -22.50
N ARG D 15 -20.02 -2.73 -21.22
CA ARG D 15 -21.23 -3.28 -20.53
C ARG D 15 -22.03 -2.13 -19.91
N LEU D 16 -23.27 -1.97 -20.39
CA LEU D 16 -24.22 -0.93 -19.95
C LEU D 16 -25.32 -1.61 -19.15
N ALA D 17 -25.56 -1.14 -17.92
CA ALA D 17 -26.70 -1.57 -17.07
C ALA D 17 -27.95 -0.82 -17.51
N ALA D 18 -29.11 -1.16 -16.91
CA ALA D 18 -30.43 -0.59 -17.20
C ALA D 18 -30.42 0.90 -16.87
N ASP D 19 -31.17 1.69 -17.66
CA ASP D 19 -31.40 3.15 -17.45
C ASP D 19 -30.09 3.94 -17.57
N VAL D 20 -29.08 3.42 -18.25
CA VAL D 20 -27.84 4.20 -18.47
C VAL D 20 -28.09 5.18 -19.61
N GLN D 21 -27.67 6.44 -19.45
CA GLN D 21 -27.74 7.46 -20.53
C GLN D 21 -26.32 7.79 -20.99
N VAL D 22 -26.13 7.95 -22.29
CA VAL D 22 -24.82 8.29 -22.92
C VAL D 22 -25.11 9.36 -23.97
N GLY D 23 -24.57 10.57 -23.75
CA GLY D 23 -24.76 11.76 -24.61
C GLY D 23 -24.08 11.63 -25.96
N PRO D 24 -24.43 12.53 -26.91
CA PRO D 24 -23.84 12.48 -28.24
C PRO D 24 -22.34 12.71 -28.20
N TRP D 25 -21.61 12.00 -29.05
CA TRP D 25 -20.18 12.21 -29.35
C TRP D 25 -19.32 11.72 -28.17
N SER D 26 -19.87 10.81 -27.36
CA SER D 26 -19.16 10.23 -26.21
C SER D 26 -18.61 8.87 -26.65
N ILE D 27 -17.55 8.39 -25.98
CA ILE D 27 -16.88 7.08 -26.27
C ILE D 27 -16.93 6.26 -24.99
N VAL D 28 -17.60 5.10 -25.03
CA VAL D 28 -17.47 4.03 -23.99
C VAL D 28 -16.52 2.98 -24.56
N GLY D 29 -15.25 3.05 -24.17
CA GLY D 29 -14.16 2.19 -24.67
C GLY D 29 -14.35 0.75 -24.28
N ALA D 30 -13.41 -0.09 -24.73
CA ALA D 30 -13.34 -1.53 -24.41
C ALA D 30 -13.23 -1.68 -22.89
N GLU D 31 -13.91 -2.70 -22.36
CA GLU D 31 -13.84 -3.16 -20.94
C GLU D 31 -14.23 -2.00 -20.03
N VAL D 32 -15.15 -1.13 -20.48
CA VAL D 32 -15.84 -0.17 -19.58
C VAL D 32 -17.20 -0.76 -19.23
N GLU D 33 -17.48 -0.86 -17.93
CA GLU D 33 -18.78 -1.28 -17.36
C GLU D 33 -19.42 -0.07 -16.69
N ILE D 34 -20.66 0.28 -17.08
CA ILE D 34 -21.41 1.41 -16.46
C ILE D 34 -22.61 0.82 -15.72
N GLY D 35 -22.71 1.18 -14.44
CA GLY D 35 -23.77 0.74 -13.50
C GLY D 35 -25.09 1.44 -13.71
N GLU D 36 -26.13 0.90 -13.07
CA GLU D 36 -27.57 1.23 -13.24
C GLU D 36 -27.79 2.74 -13.07
N GLY D 37 -28.47 3.38 -14.02
CA GLY D 37 -28.91 4.78 -13.88
C GLY D 37 -27.77 5.79 -13.88
N THR D 38 -26.58 5.42 -14.35
CA THR D 38 -25.45 6.36 -14.51
C THR D 38 -25.70 7.20 -15.77
N VAL D 39 -25.53 8.53 -15.64
CA VAL D 39 -25.74 9.47 -16.77
C VAL D 39 -24.35 9.93 -17.25
N ILE D 40 -24.01 9.54 -18.48
CA ILE D 40 -22.80 10.01 -19.21
C ILE D 40 -23.23 11.15 -20.13
N GLY D 41 -22.79 12.38 -19.85
CA GLY D 41 -22.98 13.59 -20.67
C GLY D 41 -22.43 13.43 -22.09
N PRO D 42 -22.50 14.48 -22.94
CA PRO D 42 -21.91 14.45 -24.27
C PRO D 42 -20.41 14.77 -24.18
N HIS D 43 -19.62 14.42 -25.20
CA HIS D 43 -18.17 14.74 -25.33
C HIS D 43 -17.38 14.08 -24.19
N VAL D 44 -17.81 12.92 -23.70
CA VAL D 44 -17.07 12.20 -22.61
C VAL D 44 -16.27 11.08 -23.25
N VAL D 45 -15.03 10.89 -22.82
CA VAL D 45 -14.18 9.71 -23.19
C VAL D 45 -14.04 8.79 -21.96
N LEU D 46 -14.56 7.58 -22.05
CA LEU D 46 -14.35 6.51 -21.03
C LEU D 46 -13.43 5.48 -21.64
N LYS D 47 -12.33 5.16 -20.95
CA LYS D 47 -11.39 4.07 -21.34
C LYS D 47 -11.31 3.10 -20.17
N GLY D 48 -11.07 1.83 -20.48
CA GLY D 48 -11.07 0.71 -19.53
C GLY D 48 -9.69 0.07 -19.46
N PRO D 49 -9.52 -1.02 -18.68
CA PRO D 49 -10.60 -1.64 -17.91
C PRO D 49 -11.09 -0.78 -16.73
N THR D 50 -12.36 -0.39 -16.76
CA THR D 50 -12.99 0.57 -15.82
C THR D 50 -14.37 0.03 -15.43
N LYS D 51 -14.64 0.03 -14.13
CA LYS D 51 -15.97 -0.27 -13.52
C LYS D 51 -16.50 1.03 -12.91
N ILE D 52 -17.62 1.52 -13.41
CA ILE D 52 -18.36 2.67 -12.79
C ILE D 52 -19.68 2.10 -12.27
N GLY D 53 -20.04 2.40 -11.02
CA GLY D 53 -21.26 1.89 -10.38
C GLY D 53 -22.51 2.68 -10.74
N LYS D 54 -23.40 2.89 -9.77
CA LYS D 54 -24.81 3.28 -10.03
C LYS D 54 -25.02 4.78 -9.77
N HIS D 55 -25.89 5.38 -10.56
CA HIS D 55 -26.45 6.74 -10.33
C HIS D 55 -25.30 7.74 -10.31
N ASN D 56 -24.28 7.52 -11.11
CA ASN D 56 -23.17 8.48 -11.31
C ASN D 56 -23.63 9.48 -12.40
N ARG D 57 -23.04 10.69 -12.36
CA ARG D 57 -23.23 11.76 -13.38
C ARG D 57 -21.83 12.19 -13.83
N ILE D 58 -21.52 12.02 -15.11
CA ILE D 58 -20.20 12.41 -15.70
C ILE D 58 -20.44 13.47 -16.81
N TYR D 59 -19.82 14.65 -16.64
CA TYR D 59 -20.01 15.83 -17.50
C TYR D 59 -19.01 15.84 -18.67
N GLN D 60 -19.40 16.61 -19.69
CA GLN D 60 -18.72 16.81 -20.99
C GLN D 60 -17.23 17.10 -20.82
N PHE D 61 -16.44 16.59 -21.79
CA PHE D 61 -14.99 16.87 -21.98
C PHE D 61 -14.15 16.13 -20.93
N SER D 62 -14.76 15.31 -20.08
CA SER D 62 -14.04 14.52 -19.06
C SER D 62 -13.34 13.34 -19.76
N SER D 63 -12.16 12.96 -19.28
CA SER D 63 -11.42 11.75 -19.70
C SER D 63 -11.30 10.84 -18.48
N VAL D 64 -12.13 9.80 -18.42
CA VAL D 64 -12.18 8.90 -17.24
C VAL D 64 -11.67 7.52 -17.68
N GLY D 65 -10.56 7.05 -17.07
CA GLY D 65 -9.99 5.72 -17.35
C GLY D 65 -8.81 5.78 -18.30
N GLU D 66 -8.26 6.97 -18.57
CA GLU D 66 -7.02 7.08 -19.38
C GLU D 66 -5.87 6.41 -18.61
N ASP D 67 -4.79 6.13 -19.35
CA ASP D 67 -3.46 5.71 -18.84
C ASP D 67 -2.72 6.96 -18.38
N THR D 68 -1.98 6.86 -17.28
CA THR D 68 -1.02 7.92 -16.85
C THR D 68 0.00 8.07 -17.97
N PRO D 69 0.38 9.31 -18.35
CA PRO D 69 1.17 9.52 -19.56
C PRO D 69 2.64 9.09 -19.50
N ASP D 70 3.30 9.20 -18.35
CA ASP D 70 4.78 9.00 -18.28
C ASP D 70 5.12 7.52 -18.51
N LEU D 71 6.03 7.22 -19.45
CA LEU D 71 6.40 5.86 -19.94
C LEU D 71 6.88 4.97 -18.80
N LYS D 72 7.46 5.54 -17.74
CA LYS D 72 8.09 4.77 -16.63
C LYS D 72 7.01 3.99 -15.83
N TYR D 73 5.72 4.28 -16.03
CA TYR D 73 4.62 3.54 -15.37
C TYR D 73 4.11 2.38 -16.23
N LYS D 74 4.74 2.13 -17.38
CA LYS D 74 4.33 1.08 -18.35
C LYS D 74 4.15 -0.25 -17.61
N GLY D 75 3.15 -1.03 -18.03
CA GLY D 75 2.70 -2.28 -17.38
C GLY D 75 1.19 -2.38 -17.41
N GLU D 76 0.66 -3.61 -17.46
CA GLU D 76 -0.77 -3.94 -17.70
C GLU D 76 -1.07 -5.36 -17.22
N PRO D 77 -2.32 -5.70 -16.83
CA PRO D 77 -3.45 -4.76 -16.83
C PRO D 77 -3.50 -3.82 -15.62
N THR D 78 -4.17 -2.67 -15.77
CA THR D 78 -4.46 -1.70 -14.69
C THR D 78 -5.91 -1.20 -14.84
N ARG D 79 -6.50 -0.75 -13.72
CA ARG D 79 -7.96 -0.60 -13.55
C ARG D 79 -8.31 0.75 -12.92
N LEU D 80 -9.54 1.18 -13.17
CA LEU D 80 -10.22 2.26 -12.41
C LEU D 80 -11.52 1.65 -11.88
N VAL D 81 -11.84 1.93 -10.63
CA VAL D 81 -13.13 1.56 -9.98
C VAL D 81 -13.74 2.82 -9.39
N ILE D 82 -14.95 3.15 -9.84
CA ILE D 82 -15.80 4.26 -9.34
C ILE D 82 -17.08 3.61 -8.77
N GLY D 83 -17.49 4.03 -7.58
CA GLY D 83 -18.71 3.57 -6.90
C GLY D 83 -19.97 4.26 -7.40
N ASP D 84 -20.86 4.60 -6.47
CA ASP D 84 -22.23 5.06 -6.75
C ASP D 84 -22.39 6.53 -6.38
N HIS D 85 -23.30 7.23 -7.06
CA HIS D 85 -23.83 8.56 -6.66
C HIS D 85 -22.73 9.61 -6.64
N ASN D 86 -21.75 9.46 -7.52
CA ASN D 86 -20.65 10.45 -7.68
C ASN D 86 -21.07 11.41 -8.79
N VAL D 87 -20.61 12.65 -8.68
CA VAL D 87 -20.76 13.67 -9.75
C VAL D 87 -19.35 14.06 -10.18
N ILE D 88 -19.05 13.80 -11.45
CA ILE D 88 -17.77 14.19 -12.11
C ILE D 88 -18.11 15.30 -13.11
N ARG D 89 -17.58 16.50 -12.86
CA ARG D 89 -17.94 17.75 -13.56
C ARG D 89 -17.06 17.92 -14.81
N GLU D 90 -17.11 19.11 -15.40
CA GLU D 90 -16.57 19.41 -16.75
C GLU D 90 -15.06 19.15 -16.76
N GLY D 91 -14.61 18.35 -17.72
CA GLY D 91 -13.20 18.25 -18.12
C GLY D 91 -12.35 17.56 -17.06
N VAL D 92 -12.96 16.79 -16.15
CA VAL D 92 -12.18 16.03 -15.13
C VAL D 92 -11.37 14.96 -15.85
N THR D 93 -10.14 14.74 -15.38
CA THR D 93 -9.27 13.63 -15.83
C THR D 93 -9.09 12.66 -14.66
N ILE D 94 -9.28 11.38 -14.92
CA ILE D 94 -9.07 10.29 -13.91
C ILE D 94 -8.29 9.19 -14.62
N HIS D 95 -7.13 8.85 -14.07
CA HIS D 95 -6.23 7.84 -14.69
C HIS D 95 -6.37 6.54 -13.91
N ARG D 96 -6.10 5.43 -14.59
CA ARG D 96 -6.15 4.08 -14.01
C ARG D 96 -4.87 3.90 -13.18
N GLY D 97 -4.76 2.79 -12.45
CA GLY D 97 -3.61 2.53 -11.59
C GLY D 97 -2.38 2.16 -12.40
N THR D 98 -1.31 1.79 -11.70
CA THR D 98 -0.03 1.33 -12.28
C THR D 98 0.41 0.06 -11.56
N VAL D 99 1.14 -0.80 -12.24
CA VAL D 99 1.58 -2.11 -11.71
C VAL D 99 2.63 -1.88 -10.63
N GLN D 100 3.25 -0.71 -10.60
CA GLN D 100 4.29 -0.35 -9.60
C GLN D 100 3.65 -0.04 -8.23
N ASP D 101 2.32 0.07 -8.16
CA ASP D 101 1.61 0.38 -6.87
C ASP D 101 0.40 -0.57 -6.73
N ARG D 102 -0.83 -0.06 -6.87
CA ARG D 102 -2.09 -0.79 -6.58
C ARG D 102 -2.68 -1.45 -7.84
N ALA D 103 -2.21 -1.10 -9.04
CA ALA D 103 -2.83 -1.48 -10.33
C ALA D 103 -4.30 -1.01 -10.37
N GLU D 104 -4.67 -0.03 -9.54
CA GLU D 104 -6.07 0.44 -9.41
C GLU D 104 -6.10 1.87 -8.87
N THR D 105 -6.86 2.74 -9.55
CA THR D 105 -7.38 4.01 -9.02
C THR D 105 -8.81 3.75 -8.55
N THR D 106 -9.14 4.16 -7.32
CA THR D 106 -10.36 3.76 -6.56
C THR D 106 -11.08 5.02 -6.07
N ILE D 107 -12.36 5.14 -6.41
CA ILE D 107 -13.27 6.19 -5.91
C ILE D 107 -14.49 5.46 -5.34
N GLY D 108 -14.96 5.89 -4.16
CA GLY D 108 -16.18 5.36 -3.52
C GLY D 108 -17.45 6.07 -3.95
N ASP D 109 -18.24 6.53 -2.98
CA ASP D 109 -19.64 6.95 -3.20
C ASP D 109 -19.82 8.39 -2.78
N HIS D 110 -20.77 9.10 -3.42
CA HIS D 110 -21.29 10.43 -3.02
C HIS D 110 -20.14 11.44 -3.05
N ASN D 111 -19.19 11.28 -3.97
CA ASN D 111 -18.12 12.28 -4.15
C ASN D 111 -18.55 13.32 -5.17
N LEU D 112 -18.16 14.57 -4.94
CA LEU D 112 -18.28 15.66 -5.92
C LEU D 112 -16.88 16.07 -6.41
N ILE D 113 -16.59 15.79 -7.68
CA ILE D 113 -15.29 16.08 -8.36
C ILE D 113 -15.56 17.17 -9.40
N MET D 114 -15.18 18.40 -9.07
N MET D 114 -15.17 18.39 -9.08
CA MET D 114 -15.60 19.61 -9.82
CA MET D 114 -15.62 19.61 -9.80
C MET D 114 -14.70 19.81 -11.03
C MET D 114 -14.60 19.94 -10.91
N ALA D 115 -14.95 20.87 -11.80
CA ALA D 115 -14.42 21.03 -13.17
C ALA D 115 -12.89 20.99 -13.18
N TYR D 116 -12.31 20.22 -14.10
CA TYR D 116 -10.86 20.18 -14.41
C TYR D 116 -10.04 19.65 -13.23
N ALA D 117 -10.67 18.98 -12.25
CA ALA D 117 -9.90 18.27 -11.20
C ALA D 117 -9.15 17.12 -11.85
N HIS D 118 -8.03 16.75 -11.24
CA HIS D 118 -7.16 15.63 -11.70
C HIS D 118 -7.01 14.59 -10.57
N ILE D 119 -7.35 13.35 -10.86
CA ILE D 119 -7.16 12.19 -9.95
C ILE D 119 -6.09 11.28 -10.57
N GLY D 120 -4.85 11.43 -10.07
CA GLY D 120 -3.67 10.69 -10.53
C GLY D 120 -3.81 9.20 -10.27
N HIS D 121 -3.15 8.41 -11.12
CA HIS D 121 -2.96 6.94 -11.00
C HIS D 121 -2.77 6.55 -9.52
N ASP D 122 -3.50 5.51 -9.08
CA ASP D 122 -3.26 4.80 -7.79
C ASP D 122 -3.85 5.63 -6.62
N SER D 123 -4.53 6.73 -6.91
CA SER D 123 -5.22 7.52 -5.87
C SER D 123 -6.43 6.70 -5.38
N VAL D 124 -6.83 6.93 -4.14
CA VAL D 124 -7.99 6.29 -3.48
C VAL D 124 -8.80 7.39 -2.80
N ILE D 125 -10.04 7.54 -3.22
CA ILE D 125 -10.96 8.53 -2.62
C ILE D 125 -12.10 7.74 -1.96
N GLY D 126 -12.43 8.10 -0.72
CA GLY D 126 -13.50 7.44 0.05
C GLY D 126 -14.86 7.96 -0.36
N ASN D 127 -15.61 8.45 0.60
CA ASN D 127 -17.05 8.78 0.43
C ASN D 127 -17.27 10.22 0.89
N HIS D 128 -18.16 10.94 0.21
CA HIS D 128 -18.68 12.27 0.61
C HIS D 128 -17.56 13.33 0.55
N CYS D 129 -16.56 13.11 -0.29
CA CYS D 129 -15.45 14.06 -0.54
C CYS D 129 -15.89 15.10 -1.58
N ILE D 130 -15.38 16.32 -1.44
CA ILE D 130 -15.50 17.43 -2.42
C ILE D 130 -14.08 17.81 -2.86
N LEU D 131 -13.74 17.51 -4.12
CA LEU D 131 -12.58 18.08 -4.83
C LEU D 131 -13.06 19.24 -5.70
N VAL D 132 -12.74 20.46 -5.24
CA VAL D 132 -13.18 21.73 -5.86
C VAL D 132 -12.34 21.92 -7.14
N ASN D 133 -12.79 22.77 -8.05
CA ASN D 133 -12.21 23.01 -9.39
C ASN D 133 -10.68 22.90 -9.40
N ASN D 134 -10.15 22.12 -10.36
CA ASN D 134 -8.72 22.07 -10.71
C ASN D 134 -7.89 21.49 -9.54
N THR D 135 -8.51 20.79 -8.58
CA THR D 135 -7.75 20.04 -7.55
C THR D 135 -7.00 18.93 -8.28
N ALA D 136 -5.70 18.74 -7.99
CA ALA D 136 -4.80 17.78 -8.65
C ALA D 136 -4.18 16.85 -7.60
N LEU D 137 -4.52 15.57 -7.70
CA LEU D 137 -3.89 14.48 -6.92
C LEU D 137 -2.79 13.87 -7.81
N ALA D 138 -1.53 14.16 -7.54
CA ALA D 138 -0.41 13.84 -8.45
C ALA D 138 -0.38 12.33 -8.73
N GLY D 139 -0.69 11.52 -7.71
CA GLY D 139 -0.67 10.05 -7.79
C GLY D 139 -0.50 9.45 -6.40
N HIS D 140 -0.98 8.22 -6.22
CA HIS D 140 -0.91 7.44 -4.94
C HIS D 140 -1.51 8.25 -3.77
N VAL D 141 -2.48 9.14 -4.01
CA VAL D 141 -3.06 10.00 -2.93
C VAL D 141 -4.27 9.31 -2.32
N HIS D 142 -4.38 9.29 -1.00
CA HIS D 142 -5.54 8.71 -0.28
C HIS D 142 -6.33 9.86 0.35
N VAL D 143 -7.58 10.04 -0.06
CA VAL D 143 -8.48 11.06 0.51
C VAL D 143 -9.55 10.29 1.29
N ASP D 144 -9.61 10.50 2.60
CA ASP D 144 -10.59 9.82 3.49
C ASP D 144 -11.89 10.64 3.48
N ASP D 145 -12.94 10.07 4.07
CA ASP D 145 -14.34 10.52 3.95
C ASP D 145 -14.51 11.98 4.38
N TRP D 146 -15.43 12.69 3.72
CA TRP D 146 -15.91 14.05 4.10
C TRP D 146 -14.83 15.13 3.90
N ALA D 147 -13.66 14.78 3.36
CA ALA D 147 -12.57 15.73 3.03
C ALA D 147 -13.05 16.72 1.95
N ILE D 148 -12.65 17.97 2.10
CA ILE D 148 -12.90 19.09 1.14
C ILE D 148 -11.54 19.66 0.75
N LEU D 149 -11.20 19.56 -0.52
CA LEU D 149 -10.02 20.23 -1.10
C LEU D 149 -10.53 21.40 -1.94
N SER D 150 -10.31 22.64 -1.49
CA SER D 150 -10.73 23.89 -2.19
C SER D 150 -10.04 24.00 -3.56
N GLY D 151 -10.47 24.97 -4.35
CA GLY D 151 -10.04 25.15 -5.75
C GLY D 151 -8.53 25.15 -5.87
N TYR D 152 -7.99 24.39 -6.82
CA TYR D 152 -6.56 24.48 -7.19
C TYR D 152 -5.68 24.01 -6.03
N THR D 153 -6.20 23.08 -5.22
CA THR D 153 -5.37 22.35 -4.21
C THR D 153 -4.52 21.33 -4.98
N LEU D 154 -3.22 21.38 -4.78
CA LEU D 154 -2.25 20.42 -5.38
C LEU D 154 -1.80 19.49 -4.27
N VAL D 155 -1.79 18.18 -4.53
CA VAL D 155 -1.40 17.20 -3.48
C VAL D 155 -0.27 16.35 -4.06
N HIS D 156 0.91 16.47 -3.47
CA HIS D 156 2.13 15.65 -3.72
C HIS D 156 1.77 14.16 -3.66
N GLN D 157 2.43 13.36 -4.48
CA GLN D 157 2.39 11.87 -4.50
C GLN D 157 2.49 11.32 -3.06
N TYR D 158 1.69 10.29 -2.77
CA TYR D 158 1.69 9.44 -1.54
C TYR D 158 1.14 10.18 -0.33
N CYS D 159 0.61 11.40 -0.46
CA CYS D 159 0.02 12.12 0.68
C CYS D 159 -1.34 11.54 1.02
N ARG D 160 -1.66 11.54 2.31
CA ARG D 160 -2.94 11.08 2.87
C ARG D 160 -3.66 12.36 3.33
N ILE D 161 -4.92 12.50 2.93
CA ILE D 161 -5.80 13.63 3.31
C ILE D 161 -6.83 13.06 4.28
N GLY D 162 -6.84 13.54 5.52
CA GLY D 162 -7.61 12.95 6.63
C GLY D 162 -9.11 13.22 6.51
N ALA D 163 -9.89 12.37 7.14
CA ALA D 163 -11.35 12.50 7.23
C ALA D 163 -11.67 13.90 7.73
N HIS D 164 -12.60 14.57 7.05
CA HIS D 164 -13.24 15.84 7.49
C HIS D 164 -12.24 17.00 7.45
N SER D 165 -11.13 16.84 6.75
CA SER D 165 -10.10 17.91 6.64
C SER D 165 -10.51 18.89 5.55
N PHE D 166 -9.80 20.01 5.51
CA PHE D 166 -10.11 21.16 4.63
C PHE D 166 -8.79 21.81 4.23
N SER D 167 -8.58 21.93 2.93
CA SER D 167 -7.52 22.74 2.28
C SER D 167 -8.13 24.02 1.70
N GLY D 168 -7.54 25.18 1.99
CA GLY D 168 -7.91 26.46 1.35
C GLY D 168 -7.51 26.49 -0.12
N MET D 169 -8.11 27.39 -0.90
CA MET D 169 -7.80 27.56 -2.35
C MET D 169 -6.29 27.62 -2.52
N GLY D 170 -5.78 27.05 -3.60
CA GLY D 170 -4.36 27.20 -4.00
C GLY D 170 -3.40 26.50 -3.04
N SER D 171 -3.88 25.65 -2.14
CA SER D 171 -3.06 24.92 -1.16
C SER D 171 -2.12 23.98 -1.93
N ALA D 172 -0.87 23.88 -1.49
CA ALA D 172 0.14 22.98 -2.07
C ALA D 172 0.61 22.02 -0.96
N ILE D 173 0.04 20.81 -0.94
CA ILE D 173 0.10 19.83 0.18
C ILE D 173 1.25 18.86 -0.11
N GLY D 174 2.28 18.88 0.75
CA GLY D 174 3.48 18.02 0.61
C GLY D 174 3.59 17.00 1.71
N LYS D 175 2.86 17.16 2.82
CA LYS D 175 2.85 16.19 3.93
C LYS D 175 1.40 15.84 4.25
N ASP D 176 1.20 14.74 4.98
CA ASP D 176 -0.14 14.19 5.30
C ASP D 176 -0.91 15.28 6.04
N VAL D 177 -2.23 15.32 5.84
CA VAL D 177 -3.14 16.24 6.56
C VAL D 177 -3.95 15.38 7.53
N PRO D 178 -3.76 15.54 8.86
CA PRO D 178 -4.56 14.79 9.82
C PRO D 178 -6.06 15.04 9.61
N ALA D 179 -6.89 14.08 10.05
CA ALA D 179 -8.36 14.21 10.09
C ALA D 179 -8.71 15.54 10.75
N TYR D 180 -9.69 16.24 10.16
CA TYR D 180 -10.35 17.46 10.70
C TYR D 180 -9.50 18.72 10.55
N VAL D 181 -8.20 18.62 10.23
CA VAL D 181 -7.28 19.78 10.23
C VAL D 181 -7.53 20.66 8.99
N THR D 182 -7.40 21.99 9.16
CA THR D 182 -7.48 22.99 8.07
C THR D 182 -6.06 23.41 7.72
N VAL D 183 -5.72 23.34 6.43
CA VAL D 183 -4.39 23.73 5.89
C VAL D 183 -4.61 24.79 4.80
N PHE D 184 -3.65 25.72 4.68
CA PHE D 184 -3.67 26.87 3.76
C PHE D 184 -2.25 27.08 3.24
N GLY D 185 -2.13 27.51 1.99
CA GLY D 185 -0.91 28.16 1.49
C GLY D 185 -0.03 27.21 0.71
N ASN D 186 1.04 27.75 0.17
CA ASN D 186 2.02 27.04 -0.67
C ASN D 186 3.40 27.41 -0.14
N PRO D 187 4.11 26.56 0.63
CA PRO D 187 3.62 25.24 1.04
C PRO D 187 2.52 25.27 2.12
N ALA D 188 1.61 24.28 2.14
CA ALA D 188 0.45 24.24 3.07
C ALA D 188 0.92 24.25 4.53
N GLU D 189 0.17 24.94 5.38
CA GLU D 189 0.41 24.99 6.85
C GLU D 189 -0.91 24.62 7.52
N ALA D 190 -0.84 23.92 8.66
CA ALA D 190 -1.99 23.67 9.54
C ALA D 190 -2.41 24.98 10.20
N ARG D 191 -3.71 25.23 10.30
CA ARG D 191 -4.21 26.46 10.95
C ARG D 191 -5.04 26.09 12.16
N SER D 192 -6.10 25.31 11.96
CA SER D 192 -7.05 24.96 13.04
C SER D 192 -7.70 23.64 12.68
N MET D 193 -8.93 23.43 13.16
CA MET D 193 -9.74 22.25 12.80
C MET D 193 -11.02 22.73 12.11
N ASN D 194 -11.60 21.83 11.32
CA ASN D 194 -12.80 22.06 10.49
C ASN D 194 -14.02 21.97 11.41
N PHE D 195 -14.15 22.95 12.32
CA PHE D 195 -15.20 22.97 13.38
C PHE D 195 -16.58 23.12 12.72
N GLU D 196 -16.64 23.87 11.61
CA GLU D 196 -17.91 24.10 10.85
C GLU D 196 -18.42 22.74 10.35
N GLY D 197 -17.55 22.00 9.66
CA GLY D 197 -17.83 20.63 9.19
C GLY D 197 -18.34 19.73 10.33
N MET D 198 -17.75 19.81 11.52
CA MET D 198 -18.13 18.93 12.67
C MET D 198 -19.61 19.18 13.05
N ARG D 199 -20.02 20.46 13.11
CA ARG D 199 -21.40 20.87 13.46
C ARG D 199 -22.35 20.35 12.39
N ARG D 200 -22.07 20.61 11.11
CA ARG D 200 -22.94 20.24 9.96
C ARG D 200 -23.07 18.71 9.84
N ARG D 201 -22.08 17.96 10.32
CA ARG D 201 -22.09 16.48 10.34
C ARG D 201 -22.79 16.00 11.62
N GLY D 202 -23.05 16.91 12.57
CA GLY D 202 -23.87 16.66 13.76
C GLY D 202 -23.07 16.07 14.93
N PHE D 203 -21.77 16.36 15.03
CA PHE D 203 -20.93 15.94 16.20
C PHE D 203 -21.49 16.54 17.50
N SER D 204 -21.39 15.81 18.60
CA SER D 204 -21.71 16.32 19.96
C SER D 204 -20.74 17.46 20.31
N SER D 205 -21.18 18.42 21.11
CA SER D 205 -20.32 19.52 21.63
C SER D 205 -19.12 18.93 22.38
N GLU D 206 -19.33 17.83 23.12
CA GLU D 206 -18.26 17.12 23.88
C GLU D 206 -17.19 16.61 22.92
N ALA D 207 -17.58 15.96 21.82
CA ALA D 207 -16.66 15.42 20.79
C ALA D 207 -15.81 16.56 20.19
N ILE D 208 -16.45 17.70 19.90
CA ILE D 208 -15.80 18.92 19.35
C ILE D 208 -14.79 19.48 20.35
N HIS D 209 -15.16 19.65 21.62
CA HIS D 209 -14.25 20.13 22.71
C HIS D 209 -13.05 19.19 22.84
N ALA D 210 -13.28 17.88 22.76
CA ALA D 210 -12.23 16.83 22.81
C ALA D 210 -11.25 16.98 21.64
N LEU D 211 -11.77 17.08 20.42
CA LEU D 211 -10.98 17.26 19.19
C LEU D 211 -10.22 18.59 19.24
N ARG D 212 -10.77 19.62 19.87
CA ARG D 212 -10.06 20.91 20.10
C ARG D 212 -8.89 20.70 21.08
N ARG D 213 -9.09 19.96 22.18
CA ARG D 213 -7.99 19.65 23.15
C ARG D 213 -6.90 18.87 22.42
N ALA D 214 -7.30 17.91 21.57
CA ALA D 214 -6.41 17.00 20.82
C ALA D 214 -5.52 17.80 19.87
N TYR D 215 -6.09 18.79 19.17
CA TYR D 215 -5.33 19.62 18.19
C TYR D 215 -4.15 20.26 18.93
N LYS D 216 -4.44 20.86 20.10
CA LYS D 216 -3.46 21.54 20.98
C LYS D 216 -2.39 20.53 21.45
N VAL D 217 -2.82 19.34 21.85
CA VAL D 217 -1.87 18.28 22.33
C VAL D 217 -0.86 18.02 21.20
N VAL D 218 -1.30 17.94 19.94
CA VAL D 218 -0.44 17.58 18.77
C VAL D 218 0.39 18.78 18.31
N TYR D 219 -0.17 19.99 18.34
CA TYR D 219 0.42 21.16 17.62
C TYR D 219 1.04 22.20 18.55
N ARG D 220 0.53 22.41 19.76
CA ARG D 220 0.79 23.66 20.52
C ARG D 220 1.43 23.41 21.91
N GLN D 221 1.74 22.17 22.31
CA GLN D 221 2.15 21.88 23.71
C GLN D 221 3.59 21.35 23.77
N GLY D 222 4.34 21.43 22.66
CA GLY D 222 5.77 21.06 22.60
C GLY D 222 6.00 19.54 22.56
N HIS D 223 4.94 18.73 22.48
CA HIS D 223 5.01 17.24 22.45
C HIS D 223 5.62 16.78 21.13
N THR D 224 6.38 15.68 21.13
CA THR D 224 6.70 14.89 19.90
C THR D 224 5.40 14.24 19.45
N VAL D 225 5.30 13.85 18.17
CA VAL D 225 4.22 12.98 17.60
C VAL D 225 4.00 11.78 18.54
N GLU D 226 5.09 11.07 18.88
CA GLU D 226 5.07 9.84 19.73
C GLU D 226 4.39 10.18 21.08
N GLU D 227 4.78 11.27 21.73
CA GLU D 227 4.22 11.68 23.05
C GLU D 227 2.74 12.04 22.88
N ALA D 228 2.44 12.79 21.81
CA ALA D 228 1.07 13.27 21.49
C ALA D 228 0.14 12.06 21.35
N LEU D 229 0.54 11.03 20.60
CA LEU D 229 -0.26 9.78 20.41
C LEU D 229 -0.56 9.13 21.76
N ALA D 230 0.48 9.01 22.61
CA ALA D 230 0.38 8.43 23.98
C ALA D 230 -0.53 9.31 24.83
N GLU D 231 -0.40 10.64 24.72
CA GLU D 231 -1.27 11.59 25.45
C GLU D 231 -2.72 11.41 24.98
N LEU D 232 -2.98 11.05 23.71
CA LEU D 232 -4.35 11.06 23.11
C LEU D 232 -5.10 9.73 23.30
N ALA D 233 -4.45 8.66 23.74
CA ALA D 233 -5.04 7.29 23.79
C ALA D 233 -6.34 7.29 24.62
N GLU D 234 -6.35 7.96 25.77
CA GLU D 234 -7.52 7.97 26.69
C GLU D 234 -8.71 8.63 25.95
N SER D 235 -8.52 9.85 25.45
CA SER D 235 -9.54 10.61 24.68
C SER D 235 -9.99 9.78 23.46
N ALA D 236 -9.04 9.15 22.77
CA ALA D 236 -9.28 8.22 21.65
C ALA D 236 -10.19 7.05 22.07
N ALA D 237 -10.04 6.47 23.28
CA ALA D 237 -10.92 5.38 23.79
C ALA D 237 -12.32 5.91 24.10
N GLN D 238 -12.41 7.13 24.63
CA GLN D 238 -13.68 7.78 25.07
C GLN D 238 -14.43 8.38 23.87
N PHE D 239 -13.73 8.85 22.82
CA PHE D 239 -14.34 9.51 21.63
C PHE D 239 -13.84 8.88 20.32
N PRO D 240 -14.69 8.17 19.54
CA PRO D 240 -14.28 7.64 18.24
C PRO D 240 -13.77 8.75 17.29
N GLU D 241 -14.46 9.90 17.30
CA GLU D 241 -14.06 11.13 16.56
C GLU D 241 -12.60 11.44 16.85
N VAL D 242 -12.12 11.28 18.09
CA VAL D 242 -10.69 11.58 18.45
C VAL D 242 -9.80 10.41 17.99
N ALA D 243 -10.32 9.18 18.02
CA ALA D 243 -9.63 8.01 17.42
C ALA D 243 -9.30 8.32 15.96
N VAL D 244 -10.28 8.81 15.19
CA VAL D 244 -10.07 9.19 13.75
C VAL D 244 -8.85 10.10 13.66
N PHE D 245 -8.76 11.13 14.50
CA PHE D 245 -7.64 12.10 14.59
C PHE D 245 -6.32 11.38 14.92
N ARG D 246 -6.26 10.68 16.05
CA ARG D 246 -5.04 9.93 16.49
C ARG D 246 -4.61 8.98 15.37
N ASP D 247 -5.57 8.24 14.80
CA ASP D 247 -5.32 7.21 13.75
C ASP D 247 -4.61 7.84 12.54
N SER D 248 -5.04 9.04 12.11
CA SER D 248 -4.52 9.75 10.90
C SER D 248 -3.09 10.22 11.17
N ILE D 249 -2.81 10.67 12.41
CA ILE D 249 -1.45 11.07 12.84
C ILE D 249 -0.54 9.81 12.80
N GLN D 250 -1.00 8.72 13.44
CA GLN D 250 -0.22 7.45 13.53
C GLN D 250 0.14 6.99 12.12
N SER D 251 -0.80 7.10 11.18
CA SER D 251 -0.63 6.48 9.85
C SER D 251 0.02 7.48 8.89
N ALA D 252 0.85 8.42 9.38
CA ALA D 252 1.59 9.39 8.52
C ALA D 252 3.11 9.19 8.60
N THR D 253 3.71 8.50 7.62
CA THR D 253 5.19 8.36 7.45
C THR D 253 5.67 9.29 6.31
N ARG D 254 4.91 10.35 6.01
CA ARG D 254 5.43 11.54 5.27
C ARG D 254 5.60 12.69 6.29
N GLY D 255 5.38 12.40 7.58
CA GLY D 255 5.15 13.42 8.62
C GLY D 255 3.79 14.07 8.44
N ILE D 256 3.36 14.87 9.41
CA ILE D 256 2.08 15.62 9.39
C ILE D 256 2.36 17.08 8.97
N THR D 257 1.39 17.71 8.29
CA THR D 257 1.47 19.15 7.89
C THR D 257 1.49 19.96 9.18
N ARG D 258 2.57 20.71 9.42
CA ARG D 258 2.80 21.54 10.63
C ARG D 258 2.28 22.97 10.36
N SER E 2 -10.12 2.77 -41.96
CA SER E 2 -9.79 4.05 -42.67
C SER E 2 -9.18 5.06 -41.67
N LEU E 3 -7.99 5.54 -41.95
CA LEU E 3 -7.14 6.21 -40.92
C LEU E 3 -7.75 7.56 -40.53
N ILE E 4 -8.37 8.26 -41.47
CA ILE E 4 -9.13 9.52 -41.21
C ILE E 4 -10.58 9.10 -41.03
N ASP E 5 -11.05 9.19 -39.79
CA ASP E 5 -12.40 8.77 -39.38
C ASP E 5 -13.38 9.57 -40.23
N PRO E 6 -14.48 8.95 -40.72
CA PRO E 6 -15.41 9.67 -41.59
C PRO E 6 -16.13 10.83 -40.87
N ARG E 7 -16.07 10.90 -39.53
CA ARG E 7 -16.72 11.98 -38.74
C ARG E 7 -15.73 13.12 -38.41
N ALA E 8 -14.47 13.05 -38.86
CA ALA E 8 -13.53 14.20 -38.72
C ALA E 8 -13.86 15.22 -39.81
N ILE E 9 -13.42 16.47 -39.64
CA ILE E 9 -13.49 17.52 -40.71
C ILE E 9 -12.06 17.90 -41.08
N ILE E 10 -11.64 17.55 -42.30
CA ILE E 10 -10.31 17.87 -42.89
C ILE E 10 -10.50 19.00 -43.89
N ASP E 11 -9.91 20.18 -43.67
CA ASP E 11 -10.04 21.32 -44.61
C ASP E 11 -9.38 20.92 -45.94
N PRO E 12 -9.98 21.27 -47.10
CA PRO E 12 -9.33 21.12 -48.39
C PRO E 12 -7.85 21.54 -48.44
N SER E 13 -7.49 22.64 -47.77
CA SER E 13 -6.13 23.25 -47.85
C SER E 13 -5.20 22.64 -46.80
N ALA E 14 -5.69 21.72 -45.95
CA ALA E 14 -4.84 20.93 -45.01
C ALA E 14 -4.04 19.90 -45.82
N ARG E 15 -2.81 19.60 -45.40
CA ARG E 15 -1.96 18.57 -46.06
C ARG E 15 -1.61 17.49 -45.02
N LEU E 16 -2.27 16.35 -45.11
CA LEU E 16 -2.01 15.20 -44.21
C LEU E 16 -1.12 14.20 -44.96
N ALA E 17 -0.03 13.75 -44.33
CA ALA E 17 0.70 12.54 -44.80
C ALA E 17 -0.33 11.43 -44.91
N ALA E 18 -0.20 10.58 -45.93
CA ALA E 18 -1.13 9.50 -46.29
C ALA E 18 -1.57 8.64 -45.08
N ASP E 19 -0.65 8.32 -44.14
CA ASP E 19 -0.92 7.33 -43.06
C ASP E 19 -1.27 8.03 -41.73
N VAL E 20 -1.53 9.34 -41.75
CA VAL E 20 -1.92 10.13 -40.55
C VAL E 20 -3.26 9.56 -40.07
N GLN E 21 -3.44 9.38 -38.75
CA GLN E 21 -4.77 9.00 -38.18
C GLN E 21 -5.43 10.21 -37.55
N VAL E 22 -6.72 10.38 -37.79
CA VAL E 22 -7.54 11.47 -37.18
C VAL E 22 -8.82 10.85 -36.60
N GLY E 23 -9.04 11.07 -35.30
CA GLY E 23 -10.18 10.53 -34.54
C GLY E 23 -11.49 11.21 -34.92
N PRO E 24 -12.62 10.58 -34.52
CA PRO E 24 -13.93 11.13 -34.84
C PRO E 24 -14.08 12.52 -34.20
N TRP E 25 -14.79 13.40 -34.88
CA TRP E 25 -15.18 14.75 -34.39
C TRP E 25 -13.93 15.62 -34.16
N SER E 26 -12.80 15.33 -34.83
CA SER E 26 -11.62 16.24 -34.89
C SER E 26 -11.69 17.17 -36.11
N ILE E 27 -11.16 18.39 -35.97
CA ILE E 27 -11.09 19.42 -37.04
C ILE E 27 -9.63 19.69 -37.38
N VAL E 28 -9.23 19.42 -38.63
CA VAL E 28 -7.92 19.86 -39.21
C VAL E 28 -8.21 21.03 -40.17
N GLY E 29 -7.91 22.25 -39.72
CA GLY E 29 -8.21 23.51 -40.45
C GLY E 29 -7.26 23.74 -41.61
N ALA E 30 -7.56 24.78 -42.40
CA ALA E 30 -6.73 25.24 -43.53
C ALA E 30 -5.31 25.53 -43.02
N GLU E 31 -4.30 25.26 -43.84
CA GLU E 31 -2.88 25.61 -43.58
C GLU E 31 -2.35 24.81 -42.38
N VAL E 32 -2.89 23.61 -42.14
CA VAL E 32 -2.31 22.65 -41.15
C VAL E 32 -1.66 21.50 -41.94
N GLU E 33 -0.37 21.22 -41.67
CA GLU E 33 0.37 20.06 -42.23
C GLU E 33 0.70 19.09 -41.10
N ILE E 34 0.54 17.79 -41.35
CA ILE E 34 0.75 16.72 -40.35
C ILE E 34 1.61 15.63 -41.02
N GLY E 35 2.73 15.28 -40.38
CA GLY E 35 3.72 14.31 -40.90
C GLY E 35 3.29 12.89 -40.60
N GLU E 36 3.97 11.91 -41.20
CA GLU E 36 3.58 10.47 -41.20
C GLU E 36 3.65 9.90 -39.78
N GLY E 37 2.78 8.92 -39.49
CA GLY E 37 2.76 8.21 -38.21
C GLY E 37 2.04 9.00 -37.13
N THR E 38 1.78 10.30 -37.32
CA THR E 38 1.07 11.13 -36.31
C THR E 38 -0.38 10.62 -36.13
N VAL E 39 -0.82 10.46 -34.88
CA VAL E 39 -2.23 10.12 -34.51
C VAL E 39 -2.88 11.34 -33.86
N ILE E 40 -3.94 11.84 -34.49
CA ILE E 40 -4.87 12.84 -33.89
C ILE E 40 -6.04 12.04 -33.33
N GLY E 41 -6.29 12.17 -32.02
CA GLY E 41 -7.36 11.43 -31.32
C GLY E 41 -8.70 12.07 -31.67
N PRO E 42 -9.79 11.68 -30.97
CA PRO E 42 -11.09 12.33 -31.12
C PRO E 42 -11.14 13.74 -30.50
N HIS E 43 -12.08 14.57 -30.94
CA HIS E 43 -12.37 15.91 -30.33
C HIS E 43 -11.13 16.83 -30.27
N VAL E 44 -10.30 16.86 -31.32
CA VAL E 44 -9.10 17.73 -31.40
C VAL E 44 -9.37 18.90 -32.38
N VAL E 45 -8.99 20.13 -32.03
CA VAL E 45 -9.01 21.30 -32.96
C VAL E 45 -7.58 21.66 -33.34
N LEU E 46 -7.23 21.58 -34.63
CA LEU E 46 -5.96 22.09 -35.21
C LEU E 46 -6.29 23.30 -36.10
N LYS E 47 -5.62 24.41 -35.85
CA LYS E 47 -5.74 25.64 -36.67
C LYS E 47 -4.31 25.95 -37.14
N GLY E 48 -4.18 26.61 -38.30
CA GLY E 48 -2.89 26.95 -38.93
C GLY E 48 -2.74 28.46 -39.08
N PRO E 49 -1.67 28.93 -39.76
CA PRO E 49 -0.62 28.07 -40.28
C PRO E 49 0.19 27.29 -39.23
N THR E 50 0.16 25.96 -39.33
CA THR E 50 0.79 25.02 -38.35
C THR E 50 1.39 23.86 -39.11
N LYS E 51 2.60 23.45 -38.74
CA LYS E 51 3.26 22.24 -39.25
C LYS E 51 3.46 21.30 -38.06
N ILE E 52 2.99 20.06 -38.16
CA ILE E 52 3.20 19.01 -37.14
C ILE E 52 4.00 17.92 -37.81
N GLY E 53 5.05 17.43 -37.15
CA GLY E 53 6.01 16.45 -37.69
C GLY E 53 5.49 15.03 -37.58
N LYS E 54 6.42 14.07 -37.48
CA LYS E 54 6.19 12.62 -37.58
C LYS E 54 5.93 12.03 -36.19
N HIS E 55 5.08 11.01 -36.11
CA HIS E 55 4.89 10.07 -34.96
C HIS E 55 4.51 10.86 -33.69
N ASN E 56 3.71 11.91 -33.83
CA ASN E 56 3.15 12.67 -32.68
C ASN E 56 1.82 12.02 -32.28
N ARG E 57 1.41 12.23 -31.02
CA ARG E 57 0.10 11.80 -30.47
C ARG E 57 -0.54 13.02 -29.82
N ILE E 58 -1.72 13.44 -30.28
CA ILE E 58 -2.44 14.62 -29.69
C ILE E 58 -3.79 14.14 -29.16
N TYR E 59 -4.02 14.32 -27.86
CA TYR E 59 -5.18 13.72 -27.16
C TYR E 59 -6.38 14.65 -27.26
N GLN E 60 -7.54 14.07 -26.95
CA GLN E 60 -8.88 14.71 -26.98
C GLN E 60 -8.86 16.06 -26.26
N PHE E 61 -9.62 17.01 -26.82
CA PHE E 61 -9.98 18.32 -26.23
C PHE E 61 -8.81 19.29 -26.34
N SER E 62 -7.73 18.92 -27.02
CA SER E 62 -6.59 19.81 -27.32
C SER E 62 -6.99 20.82 -28.42
N SER E 63 -6.64 22.08 -28.21
CA SER E 63 -6.67 23.19 -29.20
C SER E 63 -5.23 23.54 -29.60
N VAL E 64 -4.79 23.08 -30.77
CA VAL E 64 -3.39 23.25 -31.24
C VAL E 64 -3.36 24.14 -32.49
N GLY E 65 -2.81 25.34 -32.35
CA GLY E 65 -2.55 26.27 -33.46
C GLY E 65 -3.55 27.42 -33.49
N GLU E 66 -4.36 27.59 -32.44
CA GLU E 66 -5.28 28.75 -32.34
C GLU E 66 -4.44 30.04 -32.25
N ASP E 67 -5.04 31.14 -32.68
CA ASP E 67 -4.53 32.53 -32.45
C ASP E 67 -4.44 32.75 -30.95
N THR E 68 -3.39 33.46 -30.51
CA THR E 68 -3.30 34.00 -29.15
C THR E 68 -4.41 35.02 -29.00
N PRO E 69 -5.12 35.02 -27.86
CA PRO E 69 -6.02 36.12 -27.53
C PRO E 69 -5.24 37.40 -27.18
N ASP E 70 -3.91 37.32 -26.99
CA ASP E 70 -3.03 38.48 -26.68
C ASP E 70 -3.44 39.63 -27.63
N LEU E 71 -3.75 40.81 -27.09
CA LEU E 71 -4.33 41.97 -27.80
C LEU E 71 -3.36 42.49 -28.88
N LYS E 72 -2.06 42.24 -28.72
CA LYS E 72 -1.02 42.76 -29.65
C LYS E 72 -0.97 41.92 -30.93
N TYR E 73 -1.71 40.80 -30.98
CA TYR E 73 -1.87 39.95 -32.19
C TYR E 73 -3.06 40.47 -33.01
N LYS E 74 -2.85 40.83 -34.29
CA LYS E 74 -3.90 41.43 -35.17
C LYS E 74 -4.13 40.56 -36.41
N GLY E 75 -3.97 39.24 -36.30
CA GLY E 75 -4.43 38.26 -37.31
C GLY E 75 -3.38 37.92 -38.37
N GLU E 76 -2.12 38.31 -38.15
CA GLU E 76 -1.02 38.09 -39.12
C GLU E 76 -0.86 36.58 -39.38
N PRO E 77 -0.22 36.17 -40.50
CA PRO E 77 -0.10 34.74 -40.84
C PRO E 77 1.01 34.00 -40.07
N THR E 78 1.11 34.25 -38.75
CA THR E 78 2.10 33.65 -37.82
C THR E 78 1.91 32.13 -37.78
N ARG E 79 2.92 31.41 -37.27
CA ARG E 79 3.03 29.92 -37.41
C ARG E 79 3.14 29.21 -36.06
N LEU E 80 2.95 27.89 -36.11
CA LEU E 80 3.28 26.93 -35.03
C LEU E 80 4.02 25.80 -35.71
N VAL E 81 5.15 25.43 -35.14
CA VAL E 81 6.01 24.33 -35.64
C VAL E 81 6.18 23.33 -34.50
N ILE E 82 5.71 22.10 -34.67
CA ILE E 82 5.90 20.98 -33.70
C ILE E 82 6.69 19.90 -34.42
N GLY E 83 7.67 19.32 -33.73
CA GLY E 83 8.54 18.30 -34.32
C GLY E 83 7.90 16.94 -34.30
N ASP E 84 8.70 15.94 -33.93
CA ASP E 84 8.38 14.49 -34.04
C ASP E 84 8.35 13.89 -32.65
N HIS E 85 7.60 12.79 -32.51
CA HIS E 85 7.61 11.87 -31.33
C HIS E 85 7.13 12.58 -30.07
N ASN E 86 6.33 13.64 -30.22
CA ASN E 86 5.74 14.39 -29.07
C ASN E 86 4.40 13.76 -28.68
N VAL E 87 4.11 13.77 -27.37
CA VAL E 87 2.79 13.37 -26.78
C VAL E 87 2.20 14.63 -26.19
N ILE E 88 1.04 15.03 -26.70
CA ILE E 88 0.25 16.19 -26.22
C ILE E 88 -1.06 15.60 -25.69
N ARG E 89 -1.27 15.75 -24.38
CA ARG E 89 -2.33 15.02 -23.64
C ARG E 89 -3.64 15.82 -23.69
N GLU E 90 -4.57 15.45 -22.80
CA GLU E 90 -5.96 15.97 -22.75
C GLU E 90 -5.96 17.50 -22.59
N GLY E 91 -6.66 18.22 -23.47
CA GLY E 91 -7.02 19.65 -23.27
C GLY E 91 -5.85 20.64 -23.34
N VAL E 92 -4.75 20.29 -23.98
CA VAL E 92 -3.56 21.19 -24.05
C VAL E 92 -3.90 22.34 -24.99
N THR E 93 -3.50 23.57 -24.64
CA THR E 93 -3.59 24.73 -25.56
C THR E 93 -2.17 25.13 -25.99
N ILE E 94 -1.99 25.29 -27.30
CA ILE E 94 -0.73 25.75 -27.97
C ILE E 94 -1.11 26.82 -29.00
N HIS E 95 -0.56 28.02 -28.82
CA HIS E 95 -0.89 29.21 -29.65
C HIS E 95 0.23 29.44 -30.66
N ARG E 96 -0.13 30.06 -31.80
CA ARG E 96 0.83 30.44 -32.85
C ARG E 96 1.54 31.72 -32.39
N GLY E 97 2.53 32.16 -33.16
CA GLY E 97 3.43 33.29 -32.80
C GLY E 97 2.79 34.65 -32.97
N THR E 98 3.59 35.68 -32.72
CA THR E 98 3.26 37.10 -32.96
C THR E 98 4.40 37.69 -33.81
N VAL E 99 4.06 38.58 -34.74
CA VAL E 99 5.04 39.24 -35.68
C VAL E 99 6.03 40.06 -34.84
N GLN E 100 5.61 40.50 -33.65
CA GLN E 100 6.43 41.24 -32.65
C GLN E 100 7.67 40.44 -32.23
N ASP E 101 7.73 39.13 -32.49
CA ASP E 101 8.89 38.27 -32.13
C ASP E 101 9.45 37.65 -33.42
N ARG E 102 9.26 36.35 -33.64
CA ARG E 102 9.75 35.60 -34.84
C ARG E 102 8.55 35.02 -35.58
N ALA E 103 7.34 35.45 -35.24
CA ALA E 103 6.07 35.04 -35.88
C ALA E 103 5.89 33.52 -35.77
N GLU E 104 6.42 32.90 -34.72
CA GLU E 104 6.40 31.42 -34.60
C GLU E 104 6.52 30.95 -33.14
N THR E 105 5.64 30.03 -32.78
CA THR E 105 5.80 29.08 -31.64
C THR E 105 6.42 27.79 -32.19
N THR E 106 7.43 27.28 -31.51
CA THR E 106 8.26 26.12 -31.96
C THR E 106 8.35 25.09 -30.82
N ILE E 107 8.17 23.81 -31.15
CA ILE E 107 8.40 22.66 -30.22
C ILE E 107 9.21 21.62 -30.98
N GLY E 108 10.24 21.09 -30.33
CA GLY E 108 11.14 20.10 -30.92
C GLY E 108 10.55 18.73 -30.83
N ASP E 109 11.32 17.77 -30.31
CA ASP E 109 11.09 16.32 -30.47
C ASP E 109 10.98 15.67 -29.09
N HIS E 110 10.20 14.57 -28.98
CA HIS E 110 10.11 13.68 -27.79
C HIS E 110 9.70 14.47 -26.55
N ASN E 111 8.87 15.50 -26.70
CA ASN E 111 8.33 16.26 -25.55
C ASN E 111 7.07 15.56 -25.06
N LEU E 112 6.86 15.57 -23.74
CA LEU E 112 5.59 15.07 -23.14
C LEU E 112 4.90 16.29 -22.56
N ILE E 113 3.73 16.61 -23.09
CA ILE E 113 2.97 17.82 -22.68
C ILE E 113 1.66 17.30 -22.08
N MET E 114 1.56 17.38 -20.76
CA MET E 114 0.49 16.73 -19.97
C MET E 114 -0.76 17.62 -19.94
N ALA E 115 -1.82 17.09 -19.33
CA ALA E 115 -3.21 17.58 -19.39
C ALA E 115 -3.28 19.06 -19.01
N TYR E 116 -3.89 19.84 -19.92
CA TYR E 116 -4.25 21.26 -19.75
C TYR E 116 -3.02 22.18 -19.63
N ALA E 117 -1.83 21.71 -19.97
CA ALA E 117 -0.63 22.59 -20.12
C ALA E 117 -0.96 23.64 -21.19
N HIS E 118 -0.40 24.85 -21.05
CA HIS E 118 -0.57 25.97 -22.02
C HIS E 118 0.80 26.41 -22.52
N ILE E 119 0.96 26.43 -23.83
CA ILE E 119 2.19 26.88 -24.54
C ILE E 119 1.83 28.14 -25.30
N GLY E 120 2.04 29.30 -24.67
CA GLY E 120 1.67 30.62 -25.19
C GLY E 120 2.50 31.00 -26.41
N HIS E 121 2.06 32.03 -27.11
CA HIS E 121 2.68 32.57 -28.34
C HIS E 121 4.18 32.77 -28.20
N ASP E 122 4.93 32.34 -29.22
CA ASP E 122 6.37 32.65 -29.42
C ASP E 122 7.23 31.77 -28.49
N SER E 123 6.62 30.88 -27.71
CA SER E 123 7.41 29.97 -26.84
C SER E 123 8.22 28.99 -27.71
N VAL E 124 9.40 28.62 -27.26
CA VAL E 124 10.31 27.67 -27.95
C VAL E 124 10.66 26.59 -26.94
N ILE E 125 10.22 25.37 -27.19
CA ILE E 125 10.53 24.17 -26.39
C ILE E 125 11.45 23.31 -27.27
N GLY E 126 12.52 22.78 -26.70
CA GLY E 126 13.46 21.91 -27.42
C GLY E 126 12.92 20.51 -27.46
N ASN E 127 13.71 19.57 -26.93
CA ASN E 127 13.58 18.10 -27.04
C ASN E 127 13.56 17.47 -25.64
N HIS E 128 12.79 16.39 -25.49
CA HIS E 128 12.75 15.51 -24.29
C HIS E 128 12.31 16.32 -23.06
N CYS E 129 11.56 17.39 -23.26
CA CYS E 129 10.98 18.18 -22.14
C CYS E 129 9.71 17.50 -21.61
N ILE E 130 9.41 17.71 -20.34
CA ILE E 130 8.09 17.31 -19.74
C ILE E 130 7.43 18.54 -19.13
N LEU E 131 6.24 18.90 -19.61
CA LEU E 131 5.37 19.91 -18.92
C LEU E 131 4.23 19.14 -18.25
N VAL E 132 4.23 19.12 -16.91
CA VAL E 132 3.22 18.36 -16.11
C VAL E 132 1.89 19.15 -16.17
N ASN E 133 0.79 18.51 -15.80
CA ASN E 133 -0.58 19.08 -15.83
C ASN E 133 -0.57 20.59 -15.50
N ASN E 134 -1.18 21.41 -16.37
CA ASN E 134 -1.55 22.83 -16.09
C ASN E 134 -0.30 23.72 -15.94
N THR E 135 0.86 23.26 -16.43
CA THR E 135 2.01 24.15 -16.66
C THR E 135 1.57 25.19 -17.69
N ALA E 136 1.74 26.49 -17.39
CA ALA E 136 1.46 27.65 -18.29
C ALA E 136 2.75 28.42 -18.61
N LEU E 137 3.11 28.44 -19.89
CA LEU E 137 4.14 29.35 -20.49
C LEU E 137 3.39 30.54 -21.10
N ALA E 138 3.43 31.69 -20.42
CA ALA E 138 2.61 32.89 -20.74
C ALA E 138 2.90 33.38 -22.16
N GLY E 139 4.16 33.28 -22.62
CA GLY E 139 4.58 33.62 -23.99
C GLY E 139 6.07 33.91 -24.05
N HIS E 140 6.68 33.70 -25.21
CA HIS E 140 8.12 33.99 -25.46
C HIS E 140 8.97 33.26 -24.41
N VAL E 141 8.56 32.09 -23.96
CA VAL E 141 9.34 31.30 -22.97
C VAL E 141 10.15 30.28 -23.75
N HIS E 142 11.43 30.16 -23.41
CA HIS E 142 12.38 29.20 -24.01
C HIS E 142 12.67 28.10 -22.99
N VAL E 143 12.31 26.86 -23.35
CA VAL E 143 12.54 25.63 -22.52
C VAL E 143 13.55 24.76 -23.25
N ASP E 144 14.77 24.69 -22.70
CA ASP E 144 15.88 23.92 -23.29
C ASP E 144 15.72 22.43 -22.90
N ASP E 145 16.50 21.56 -23.56
CA ASP E 145 16.32 20.09 -23.64
C ASP E 145 16.26 19.47 -22.24
N TRP E 146 15.39 18.47 -22.06
CA TRP E 146 15.27 17.66 -20.82
C TRP E 146 14.69 18.45 -19.63
N ALA E 147 14.24 19.68 -19.80
CA ALA E 147 13.65 20.41 -18.66
C ALA E 147 12.36 19.72 -18.26
N ILE E 148 12.08 19.76 -16.96
CA ILE E 148 10.86 19.20 -16.32
C ILE E 148 10.23 20.31 -15.49
N LEU E 149 9.00 20.70 -15.84
CA LEU E 149 8.18 21.68 -15.09
C LEU E 149 7.04 20.87 -14.45
N SER E 150 7.04 20.80 -13.13
CA SER E 150 6.03 20.06 -12.33
C SER E 150 4.68 20.74 -12.46
N GLY E 151 3.64 20.06 -11.99
CA GLY E 151 2.25 20.52 -12.17
C GLY E 151 2.04 21.95 -11.70
N TYR E 152 1.27 22.70 -12.49
CA TYR E 152 0.80 24.07 -12.18
C TYR E 152 2.01 25.00 -12.02
N THR E 153 3.09 24.74 -12.77
CA THR E 153 4.24 25.67 -12.91
C THR E 153 3.82 26.81 -13.84
N LEU E 154 3.84 28.05 -13.34
CA LEU E 154 3.54 29.29 -14.11
C LEU E 154 4.87 29.94 -14.51
N VAL E 155 5.05 30.24 -15.81
CA VAL E 155 6.30 30.87 -16.30
C VAL E 155 5.94 32.24 -16.92
N HIS E 156 6.44 33.32 -16.32
CA HIS E 156 6.34 34.70 -16.85
C HIS E 156 6.90 34.75 -18.28
N GLN E 157 6.39 35.68 -19.09
CA GLN E 157 6.84 35.93 -20.49
C GLN E 157 8.36 36.13 -20.51
N TYR E 158 9.05 35.57 -21.52
CA TYR E 158 10.46 35.86 -21.88
C TYR E 158 11.44 35.08 -20.98
N CYS E 159 10.98 34.27 -20.02
CA CYS E 159 11.89 33.49 -19.16
C CYS E 159 12.49 32.34 -19.95
N ARG E 160 13.76 32.05 -19.71
CA ARG E 160 14.46 30.86 -20.25
C ARG E 160 14.49 29.80 -19.13
N ILE E 161 14.07 28.58 -19.45
CA ILE E 161 14.17 27.39 -18.55
C ILE E 161 15.31 26.53 -19.08
N GLY E 162 16.40 26.44 -18.32
CA GLY E 162 17.66 25.80 -18.77
C GLY E 162 17.51 24.31 -18.98
N ALA E 163 18.43 23.69 -19.73
CA ALA E 163 18.52 22.24 -19.95
C ALA E 163 18.60 21.52 -18.60
N HIS E 164 17.88 20.39 -18.45
CA HIS E 164 17.86 19.48 -17.27
C HIS E 164 17.42 20.22 -16.00
N SER E 165 16.90 21.44 -16.11
CA SER E 165 16.35 22.18 -14.95
C SER E 165 15.04 21.51 -14.50
N PHE E 166 14.64 21.79 -13.26
CA PHE E 166 13.47 21.17 -12.59
C PHE E 166 12.77 22.24 -11.75
N SER E 167 11.45 22.32 -11.90
CA SER E 167 10.59 23.22 -11.09
C SER E 167 9.69 22.34 -10.22
N GLY E 168 9.53 22.68 -8.95
CA GLY E 168 8.55 22.01 -8.07
C GLY E 168 7.11 22.33 -8.47
N MET E 169 6.20 21.51 -7.99
CA MET E 169 4.72 21.65 -8.14
C MET E 169 4.32 23.08 -7.75
N GLY E 170 3.60 23.79 -8.62
CA GLY E 170 3.01 25.10 -8.28
C GLY E 170 4.05 26.20 -8.15
N SER E 171 5.22 26.05 -8.79
CA SER E 171 6.25 27.12 -8.91
C SER E 171 5.68 28.26 -9.77
N ALA E 172 6.04 29.50 -9.42
CA ALA E 172 5.84 30.72 -10.25
C ALA E 172 7.24 31.27 -10.59
N ILE E 173 7.65 31.09 -11.84
CA ILE E 173 9.01 31.44 -12.33
C ILE E 173 8.92 32.84 -12.94
N GLY E 174 9.65 33.80 -12.37
CA GLY E 174 9.72 35.20 -12.83
C GLY E 174 11.06 35.54 -13.47
N LYS E 175 12.10 34.73 -13.25
CA LYS E 175 13.43 34.96 -13.89
C LYS E 175 13.96 33.65 -14.49
N ASP E 176 15.02 33.75 -15.28
CA ASP E 176 15.65 32.58 -15.93
C ASP E 176 16.05 31.58 -14.84
N VAL E 177 15.88 30.30 -15.17
CA VAL E 177 16.35 29.14 -14.38
C VAL E 177 17.56 28.58 -15.11
N PRO E 178 18.78 28.71 -14.54
CA PRO E 178 19.96 28.12 -15.17
C PRO E 178 19.77 26.62 -15.37
N ALA E 179 20.46 26.06 -16.36
CA ALA E 179 20.51 24.62 -16.63
C ALA E 179 20.79 23.88 -15.32
N TYR E 180 20.11 22.75 -15.13
CA TYR E 180 20.27 21.78 -14.02
C TYR E 180 19.64 22.27 -12.72
N VAL E 181 19.35 23.57 -12.54
CA VAL E 181 18.88 24.11 -11.23
C VAL E 181 17.45 23.63 -10.93
N THR E 182 17.19 23.25 -9.68
CA THR E 182 15.86 22.94 -9.11
C THR E 182 15.33 24.21 -8.41
N VAL E 183 14.11 24.61 -8.75
CA VAL E 183 13.45 25.77 -8.12
C VAL E 183 12.09 25.29 -7.62
N PHE E 184 11.55 26.02 -6.64
CA PHE E 184 10.30 25.72 -5.92
C PHE E 184 9.75 27.04 -5.39
N GLY E 185 8.44 27.14 -5.28
CA GLY E 185 7.77 28.25 -4.58
C GLY E 185 7.19 29.29 -5.51
N ASN E 186 6.36 30.14 -4.93
CA ASN E 186 5.85 31.41 -5.50
C ASN E 186 6.28 32.52 -4.56
N PRO E 187 7.29 33.36 -4.90
CA PRO E 187 8.01 33.29 -6.16
C PRO E 187 9.10 32.21 -6.12
N ALA E 188 9.49 31.68 -7.28
CA ALA E 188 10.38 30.50 -7.37
C ALA E 188 11.74 30.86 -6.77
N GLU E 189 12.35 29.91 -6.06
CA GLU E 189 13.74 30.08 -5.55
C GLU E 189 14.53 28.79 -5.81
N ALA E 190 15.81 28.97 -6.14
CA ALA E 190 16.81 27.91 -6.38
C ALA E 190 17.03 27.13 -5.10
N ARG E 191 17.19 25.81 -5.20
CA ARG E 191 17.39 24.91 -4.04
C ARG E 191 18.64 24.06 -4.28
N SER E 192 18.74 23.40 -5.43
CA SER E 192 19.86 22.47 -5.72
C SER E 192 20.01 22.28 -7.22
N MET E 193 20.64 21.18 -7.61
CA MET E 193 20.78 20.77 -9.03
C MET E 193 19.98 19.47 -9.24
N ASN E 194 19.55 19.23 -10.48
CA ASN E 194 18.75 18.04 -10.87
C ASN E 194 19.73 16.85 -11.06
N PHE E 195 20.34 16.36 -9.98
CA PHE E 195 21.29 15.22 -10.00
C PHE E 195 20.65 13.98 -10.63
N GLU E 196 19.36 13.72 -10.40
CA GLU E 196 18.62 12.56 -10.96
C GLU E 196 18.56 12.65 -12.50
N GLY E 197 18.27 13.84 -13.01
CA GLY E 197 18.32 14.15 -14.46
C GLY E 197 19.68 13.83 -15.06
N MET E 198 20.77 14.27 -14.41
CA MET E 198 22.16 14.01 -14.89
C MET E 198 22.38 12.49 -14.90
N ARG E 199 21.95 11.83 -13.83
CA ARG E 199 22.04 10.36 -13.68
C ARG E 199 21.35 9.66 -14.87
N ARG E 200 20.13 10.11 -15.22
CA ARG E 200 19.30 9.50 -16.30
C ARG E 200 20.02 9.62 -17.65
N ARG E 201 20.82 10.66 -17.84
CA ARG E 201 21.54 10.95 -19.11
C ARG E 201 22.85 10.15 -19.14
N GLY E 202 23.25 9.55 -18.02
CA GLY E 202 24.54 8.84 -17.91
C GLY E 202 25.71 9.81 -17.90
N PHE E 203 25.54 11.01 -17.32
CA PHE E 203 26.65 11.92 -16.97
C PHE E 203 27.68 11.06 -16.20
N SER E 204 28.97 11.24 -16.50
CA SER E 204 30.09 10.70 -15.70
C SER E 204 29.99 11.29 -14.30
N SER E 205 30.53 10.60 -13.29
CA SER E 205 30.58 11.06 -11.88
C SER E 205 31.41 12.34 -11.81
N GLU E 206 32.50 12.41 -12.58
CA GLU E 206 33.40 13.59 -12.67
C GLU E 206 32.55 14.83 -13.05
N ALA E 207 31.79 14.75 -14.15
CA ALA E 207 30.90 15.84 -14.62
C ALA E 207 29.90 16.20 -13.52
N ILE E 208 29.32 15.22 -12.85
CA ILE E 208 28.32 15.47 -11.76
C ILE E 208 29.01 16.23 -10.62
N HIS E 209 30.23 15.85 -10.20
CA HIS E 209 30.96 16.54 -9.10
C HIS E 209 31.32 17.98 -9.51
N ALA E 210 31.81 18.15 -10.74
CA ALA E 210 32.06 19.48 -11.39
C ALA E 210 30.80 20.36 -11.31
N LEU E 211 29.63 19.83 -11.64
CA LEU E 211 28.36 20.62 -11.62
C LEU E 211 27.96 20.96 -10.18
N ARG E 212 28.08 20.01 -9.24
CA ARG E 212 27.79 20.25 -7.80
C ARG E 212 28.69 21.41 -7.32
N ARG E 213 29.96 21.42 -7.72
CA ARG E 213 30.91 22.49 -7.35
C ARG E 213 30.43 23.81 -7.98
N ALA E 214 30.02 23.78 -9.24
CA ALA E 214 29.59 24.98 -10.00
C ALA E 214 28.33 25.61 -9.36
N TYR E 215 27.40 24.82 -8.82
CA TYR E 215 26.25 25.37 -8.05
C TYR E 215 26.78 26.21 -6.87
N LYS E 216 27.66 25.63 -6.04
CA LYS E 216 28.27 26.33 -4.88
C LYS E 216 28.81 27.68 -5.36
N VAL E 217 29.69 27.66 -6.37
CA VAL E 217 30.38 28.87 -6.89
C VAL E 217 29.33 29.96 -7.14
N VAL E 218 28.24 29.65 -7.84
CA VAL E 218 27.21 30.66 -8.24
C VAL E 218 26.37 31.09 -7.03
N TYR E 219 25.97 30.16 -6.16
CA TYR E 219 24.86 30.40 -5.20
C TYR E 219 25.33 30.54 -3.75
N ARG E 220 26.33 29.77 -3.31
CA ARG E 220 26.61 29.55 -1.86
C ARG E 220 27.95 30.13 -1.42
N GLN E 221 28.51 31.13 -2.14
CA GLN E 221 29.87 31.68 -1.85
C GLN E 221 29.90 33.20 -1.96
N GLY E 222 28.74 33.87 -2.01
CA GLY E 222 28.62 35.35 -1.92
C GLY E 222 29.14 36.07 -3.14
N HIS E 223 29.43 35.36 -4.24
CA HIS E 223 29.96 35.94 -5.51
C HIS E 223 28.88 36.76 -6.23
N THR E 224 29.27 37.85 -6.89
CA THR E 224 28.51 38.45 -8.01
C THR E 224 28.37 37.40 -9.11
N VAL E 225 27.50 37.62 -10.09
CA VAL E 225 27.37 36.75 -11.30
C VAL E 225 28.69 36.81 -12.07
N GLU E 226 29.28 38.00 -12.22
CA GLU E 226 30.53 38.24 -13.01
C GLU E 226 31.68 37.41 -12.43
N GLU E 227 31.88 37.45 -11.11
CA GLU E 227 32.90 36.67 -10.37
C GLU E 227 32.71 35.17 -10.65
N ALA E 228 31.47 34.68 -10.50
CA ALA E 228 31.04 33.28 -10.71
C ALA E 228 31.47 32.80 -12.10
N LEU E 229 31.11 33.53 -13.16
CA LEU E 229 31.38 33.19 -14.59
C LEU E 229 32.88 32.99 -14.82
N ALA E 230 33.72 33.76 -14.11
CA ALA E 230 35.19 33.76 -14.24
C ALA E 230 35.75 32.49 -13.59
N GLU E 231 35.32 32.21 -12.36
CA GLU E 231 35.74 30.99 -11.61
C GLU E 231 35.33 29.74 -12.41
N LEU E 232 34.18 29.80 -13.09
CA LEU E 232 33.59 28.65 -13.83
C LEU E 232 34.32 28.41 -15.17
N ALA E 233 35.06 29.41 -15.69
CA ALA E 233 35.67 29.40 -17.05
C ALA E 233 36.47 28.11 -17.29
N GLU E 234 37.24 27.64 -16.30
CA GLU E 234 38.16 26.49 -16.48
C GLU E 234 37.33 25.19 -16.48
N SER E 235 36.43 25.04 -15.51
CA SER E 235 35.55 23.84 -15.35
C SER E 235 34.74 23.66 -16.64
N ALA E 236 34.26 24.76 -17.20
CA ALA E 236 33.46 24.84 -18.45
C ALA E 236 34.30 24.38 -19.64
N ALA E 237 35.58 24.75 -19.68
CA ALA E 237 36.53 24.36 -20.75
C ALA E 237 36.77 22.84 -20.70
N GLN E 238 36.83 22.27 -19.49
CA GLN E 238 37.08 20.82 -19.24
C GLN E 238 35.83 19.98 -19.53
N PHE E 239 34.65 20.44 -19.11
CA PHE E 239 33.37 19.66 -19.12
C PHE E 239 32.31 20.38 -19.94
N PRO E 240 31.89 19.85 -21.12
CA PRO E 240 30.84 20.49 -21.91
C PRO E 240 29.55 20.58 -21.08
N GLU E 241 29.36 19.64 -20.15
CA GLU E 241 28.19 19.60 -19.22
C GLU E 241 28.22 20.87 -18.34
N VAL E 242 29.40 21.34 -17.94
CA VAL E 242 29.52 22.57 -17.10
C VAL E 242 29.34 23.80 -17.97
N ALA E 243 29.90 23.83 -19.19
CA ALA E 243 29.72 24.96 -20.13
C ALA E 243 28.22 25.25 -20.31
N VAL E 244 27.38 24.19 -20.37
CA VAL E 244 25.89 24.33 -20.53
C VAL E 244 25.37 25.11 -19.32
N PHE E 245 25.90 24.85 -18.13
CA PHE E 245 25.53 25.57 -16.88
C PHE E 245 25.92 27.04 -17.01
N ARG E 246 27.21 27.29 -17.26
CA ARG E 246 27.84 28.64 -17.36
C ARG E 246 27.14 29.48 -18.45
N ASP E 247 26.88 28.92 -19.63
CA ASP E 247 26.26 29.71 -20.72
C ASP E 247 24.82 30.10 -20.32
N SER E 248 24.12 29.29 -19.53
CA SER E 248 22.69 29.59 -19.20
C SER E 248 22.63 30.81 -18.25
N ILE E 249 23.65 30.96 -17.41
CA ILE E 249 23.84 32.10 -16.46
C ILE E 249 24.25 33.33 -17.25
N GLN E 250 25.19 33.16 -18.18
CA GLN E 250 25.71 34.25 -19.05
C GLN E 250 24.56 34.79 -19.90
N SER E 251 23.67 33.92 -20.38
CA SER E 251 22.49 34.28 -21.22
C SER E 251 21.42 35.02 -20.41
N ALA E 252 21.30 34.73 -19.12
CA ALA E 252 20.24 35.26 -18.22
C ALA E 252 20.44 36.77 -18.04
N THR E 253 19.87 37.54 -18.97
CA THR E 253 20.08 39.00 -19.11
C THR E 253 19.32 39.76 -18.01
N ARG E 254 18.09 39.32 -17.68
CA ARG E 254 17.21 39.91 -16.63
C ARG E 254 17.34 39.12 -15.32
N GLY E 255 18.53 38.55 -15.05
CA GLY E 255 18.89 37.96 -13.75
C GLY E 255 18.48 36.51 -13.63
N ILE E 256 19.22 35.74 -12.82
CA ILE E 256 18.96 34.28 -12.62
C ILE E 256 17.99 34.13 -11.45
N THR E 257 17.30 33.00 -11.40
CA THR E 257 16.47 32.61 -10.24
C THR E 257 17.42 32.30 -9.08
N ARG E 258 17.25 33.02 -7.96
CA ARG E 258 17.91 32.77 -6.66
C ARG E 258 16.81 32.40 -5.67
N SER F 2 -23.90 26.68 -44.62
CA SER F 2 -24.89 27.21 -43.63
C SER F 2 -24.14 27.87 -42.46
N LEU F 3 -24.73 28.94 -41.92
CA LEU F 3 -24.29 29.59 -40.67
C LEU F 3 -24.33 28.57 -39.51
N ILE F 4 -25.45 27.88 -39.30
CA ILE F 4 -25.58 26.83 -38.25
C ILE F 4 -25.17 25.51 -38.86
N ASP F 5 -24.05 24.95 -38.42
CA ASP F 5 -23.51 23.71 -39.00
C ASP F 5 -24.59 22.64 -38.82
N PRO F 6 -24.80 21.72 -39.79
CA PRO F 6 -25.82 20.67 -39.65
C PRO F 6 -25.50 19.65 -38.55
N ARG F 7 -24.27 19.59 -38.06
CA ARG F 7 -23.85 18.60 -37.02
C ARG F 7 -24.12 19.15 -35.61
N ALA F 8 -24.51 20.43 -35.48
CA ALA F 8 -24.89 21.06 -34.20
C ALA F 8 -26.30 20.64 -33.75
N ILE F 9 -26.58 20.70 -32.44
CA ILE F 9 -27.93 20.45 -31.86
C ILE F 9 -28.50 21.80 -31.41
N ILE F 10 -29.51 22.29 -32.15
CA ILE F 10 -30.24 23.55 -31.83
C ILE F 10 -31.61 23.13 -31.28
N ASP F 11 -31.88 23.47 -30.02
CA ASP F 11 -33.16 23.17 -29.36
C ASP F 11 -34.24 24.04 -30.00
N PRO F 12 -35.46 23.52 -30.24
CA PRO F 12 -36.52 24.35 -30.79
C PRO F 12 -36.82 25.58 -29.92
N SER F 13 -36.53 25.53 -28.62
CA SER F 13 -36.83 26.69 -27.71
C SER F 13 -35.69 27.70 -27.69
N ALA F 14 -34.59 27.46 -28.41
CA ALA F 14 -33.46 28.43 -28.58
C ALA F 14 -33.86 29.49 -29.60
N ARG F 15 -33.34 30.72 -29.47
CA ARG F 15 -33.65 31.86 -30.37
C ARG F 15 -32.34 32.44 -30.88
N LEU F 16 -31.99 32.12 -32.13
CA LEU F 16 -30.77 32.62 -32.80
C LEU F 16 -31.19 33.77 -33.71
N ALA F 17 -30.59 34.96 -33.57
CA ALA F 17 -30.68 36.02 -34.59
C ALA F 17 -30.12 35.47 -35.91
N ALA F 18 -30.50 36.07 -37.04
CA ALA F 18 -30.45 35.45 -38.39
C ALA F 18 -29.02 35.09 -38.80
N ASP F 19 -28.01 35.88 -38.38
CA ASP F 19 -26.61 35.74 -38.89
C ASP F 19 -25.71 35.02 -37.86
N VAL F 20 -26.27 34.39 -36.84
CA VAL F 20 -25.51 33.65 -35.78
C VAL F 20 -24.86 32.42 -36.43
N GLN F 21 -23.56 32.21 -36.17
CA GLN F 21 -22.84 30.99 -36.62
C GLN F 21 -22.67 30.03 -35.42
N VAL F 22 -22.88 28.75 -35.68
CA VAL F 22 -22.73 27.66 -34.67
C VAL F 22 -21.96 26.54 -35.36
N GLY F 23 -20.82 26.14 -34.78
CA GLY F 23 -19.92 25.13 -35.37
C GLY F 23 -20.44 23.72 -35.14
N PRO F 24 -19.81 22.72 -35.78
CA PRO F 24 -20.21 21.32 -35.63
C PRO F 24 -20.08 20.83 -34.18
N TRP F 25 -21.01 19.96 -33.77
CA TRP F 25 -21.06 19.25 -32.46
C TRP F 25 -21.21 20.21 -31.28
N SER F 26 -21.76 21.40 -31.50
CA SER F 26 -22.17 22.29 -30.40
C SER F 26 -23.64 22.03 -30.09
N ILE F 27 -24.03 22.31 -28.84
CA ILE F 27 -25.42 22.21 -28.30
C ILE F 27 -25.80 23.62 -27.88
N VAL F 28 -26.84 24.16 -28.52
CA VAL F 28 -27.55 25.36 -28.05
C VAL F 28 -28.84 24.85 -27.38
N GLY F 29 -28.86 24.85 -26.05
CA GLY F 29 -29.88 24.18 -25.24
C GLY F 29 -31.17 24.94 -25.25
N ALA F 30 -32.20 24.38 -24.59
CA ALA F 30 -33.49 25.05 -24.41
C ALA F 30 -33.25 26.42 -23.76
N GLU F 31 -34.01 27.44 -24.18
CA GLU F 31 -34.06 28.79 -23.57
C GLU F 31 -32.70 29.48 -23.65
N VAL F 32 -31.93 29.20 -24.71
CA VAL F 32 -30.69 29.97 -25.02
C VAL F 32 -31.01 30.96 -26.14
N GLU F 33 -30.81 32.26 -25.85
CA GLU F 33 -30.99 33.38 -26.79
C GLU F 33 -29.60 33.84 -27.24
N ILE F 34 -29.32 33.81 -28.56
CA ILE F 34 -28.04 34.27 -29.17
C ILE F 34 -28.31 35.48 -30.06
N GLY F 35 -27.63 36.59 -29.78
CA GLY F 35 -27.83 37.87 -30.47
C GLY F 35 -27.00 37.96 -31.75
N GLU F 36 -27.26 38.99 -32.55
CA GLU F 36 -26.72 39.23 -33.92
C GLU F 36 -25.19 39.18 -33.93
N GLY F 37 -24.62 38.46 -34.88
CA GLY F 37 -23.20 38.50 -35.23
C GLY F 37 -22.38 37.61 -34.33
N THR F 38 -22.99 36.91 -33.38
CA THR F 38 -22.25 36.04 -32.41
C THR F 38 -21.80 34.78 -33.13
N VAL F 39 -20.58 34.34 -32.86
CA VAL F 39 -20.01 33.11 -33.45
C VAL F 39 -19.71 32.14 -32.31
N ILE F 40 -20.43 31.01 -32.29
CA ILE F 40 -20.20 29.83 -31.41
C ILE F 40 -19.33 28.86 -32.19
N GLY F 41 -18.21 28.45 -31.62
CA GLY F 41 -17.29 27.54 -32.30
C GLY F 41 -17.80 26.10 -32.23
N PRO F 42 -16.96 25.13 -32.57
CA PRO F 42 -17.34 23.72 -32.46
C PRO F 42 -17.22 23.28 -30.99
N HIS F 43 -17.90 22.17 -30.65
CA HIS F 43 -17.74 21.45 -29.36
C HIS F 43 -18.06 22.40 -28.20
N VAL F 44 -19.06 23.25 -28.37
CA VAL F 44 -19.51 24.20 -27.31
C VAL F 44 -20.80 23.64 -26.74
N VAL F 45 -20.96 23.74 -25.43
CA VAL F 45 -22.25 23.40 -24.77
C VAL F 45 -22.79 24.69 -24.18
N LEU F 46 -23.99 25.08 -24.63
CA LEU F 46 -24.79 26.20 -24.09
C LEU F 46 -26.03 25.65 -23.40
N LYS F 47 -26.25 26.05 -22.16
CA LYS F 47 -27.46 25.71 -21.39
C LYS F 47 -28.10 27.01 -20.93
N GLY F 48 -29.42 27.04 -20.87
CA GLY F 48 -30.19 28.19 -20.40
C GLY F 48 -30.88 27.91 -19.09
N PRO F 49 -31.75 28.82 -18.58
CA PRO F 49 -32.04 30.08 -19.26
C PRO F 49 -30.86 31.03 -19.44
N THR F 50 -30.45 31.30 -20.69
CA THR F 50 -29.22 32.08 -21.03
C THR F 50 -29.50 33.08 -22.15
N LYS F 51 -29.07 34.35 -21.97
CA LYS F 51 -29.07 35.38 -23.03
C LYS F 51 -27.62 35.71 -23.36
N ILE F 52 -27.25 35.50 -24.62
CA ILE F 52 -25.97 35.93 -25.22
C ILE F 52 -26.30 37.11 -26.14
N GLY F 53 -25.59 38.23 -25.99
CA GLY F 53 -25.84 39.42 -26.83
C GLY F 53 -25.15 39.33 -28.18
N LYS F 54 -24.56 40.43 -28.61
CA LYS F 54 -24.19 40.63 -30.03
C LYS F 54 -22.69 40.52 -30.20
N HIS F 55 -22.26 39.98 -31.33
CA HIS F 55 -20.85 39.96 -31.81
C HIS F 55 -19.95 39.30 -30.75
N ASN F 56 -20.42 38.21 -30.13
CA ASN F 56 -19.59 37.44 -29.16
C ASN F 56 -18.86 36.33 -29.90
N ARG F 57 -17.79 35.84 -29.30
CA ARG F 57 -17.06 34.67 -29.83
C ARG F 57 -16.89 33.66 -28.70
N ILE F 58 -17.44 32.46 -28.86
CA ILE F 58 -17.32 31.38 -27.85
C ILE F 58 -16.57 30.21 -28.50
N TYR F 59 -15.39 29.91 -27.95
CA TYR F 59 -14.43 28.89 -28.47
C TYR F 59 -14.76 27.50 -27.93
N GLN F 60 -14.22 26.49 -28.61
CA GLN F 60 -14.42 25.05 -28.35
C GLN F 60 -14.23 24.63 -26.87
N PHE F 61 -15.01 23.62 -26.46
CA PHE F 61 -14.91 22.89 -25.16
C PHE F 61 -15.39 23.77 -24.01
N SER F 62 -16.01 24.89 -24.33
CA SER F 62 -16.66 25.76 -23.32
C SER F 62 -18.01 25.16 -22.94
N SER F 63 -18.36 25.34 -21.68
CA SER F 63 -19.68 25.03 -21.08
C SER F 63 -20.19 26.35 -20.52
N VAL F 64 -21.08 27.03 -21.24
CA VAL F 64 -21.68 28.33 -20.86
C VAL F 64 -23.17 28.13 -20.52
N GLY F 65 -23.57 28.48 -19.29
CA GLY F 65 -24.96 28.36 -18.78
C GLY F 65 -25.24 27.03 -18.09
N GLU F 66 -24.20 26.32 -17.66
CA GLU F 66 -24.34 25.07 -16.85
C GLU F 66 -24.83 25.42 -15.43
N ASP F 67 -25.47 24.44 -14.78
CA ASP F 67 -25.84 24.52 -13.35
C ASP F 67 -24.56 24.55 -12.51
N THR F 68 -24.50 25.35 -11.45
CA THR F 68 -23.40 25.27 -10.46
C THR F 68 -23.54 23.92 -9.75
N PRO F 69 -22.43 23.22 -9.44
CA PRO F 69 -22.50 22.04 -8.57
C PRO F 69 -22.75 22.40 -7.10
N ASP F 70 -22.75 23.70 -6.77
CA ASP F 70 -23.06 24.25 -5.43
C ASP F 70 -24.34 23.60 -4.89
N LEU F 71 -24.24 22.91 -3.75
CA LEU F 71 -25.32 22.02 -3.25
C LEU F 71 -26.53 22.86 -2.78
N LYS F 72 -26.35 24.18 -2.66
CA LYS F 72 -27.42 25.21 -2.43
C LYS F 72 -28.35 25.30 -3.65
N TYR F 73 -27.85 25.01 -4.86
CA TYR F 73 -28.64 24.98 -6.13
C TYR F 73 -29.52 23.72 -6.16
N LYS F 74 -30.78 23.85 -6.59
CA LYS F 74 -31.76 22.72 -6.62
C LYS F 74 -32.66 22.84 -7.85
N GLY F 75 -32.08 23.17 -9.00
CA GLY F 75 -32.69 23.06 -10.34
C GLY F 75 -33.55 24.27 -10.74
N GLU F 76 -33.51 25.38 -9.99
CA GLU F 76 -34.38 26.57 -10.24
C GLU F 76 -34.02 27.23 -11.57
N PRO F 77 -34.98 27.93 -12.23
CA PRO F 77 -34.74 28.58 -13.52
C PRO F 77 -33.90 29.87 -13.43
N THR F 78 -32.72 29.79 -12.80
CA THR F 78 -31.77 30.92 -12.65
C THR F 78 -31.11 31.24 -14.00
N ARG F 79 -30.43 32.38 -14.08
CA ARG F 79 -30.09 33.06 -15.36
C ARG F 79 -28.58 33.22 -15.54
N LEU F 80 -28.17 33.31 -16.81
CA LEU F 80 -26.87 33.85 -17.28
C LEU F 80 -27.18 34.86 -18.39
N VAL F 81 -26.71 36.09 -18.22
CA VAL F 81 -26.85 37.23 -19.19
C VAL F 81 -25.44 37.65 -19.61
N ILE F 82 -25.12 37.46 -20.89
CA ILE F 82 -23.85 37.92 -21.51
C ILE F 82 -24.19 39.03 -22.50
N GLY F 83 -23.54 40.19 -22.38
CA GLY F 83 -23.70 41.35 -23.30
C GLY F 83 -23.02 41.10 -24.63
N ASP F 84 -22.31 42.10 -25.13
CA ASP F 84 -21.85 42.22 -26.53
C ASP F 84 -20.33 42.22 -26.58
N HIS F 85 -19.78 41.77 -27.70
CA HIS F 85 -18.36 41.95 -28.11
C HIS F 85 -17.43 41.21 -27.12
N ASN F 86 -17.90 40.10 -26.54
CA ASN F 86 -17.09 39.31 -25.58
C ASN F 86 -16.34 38.20 -26.34
N VAL F 87 -15.13 37.86 -25.86
CA VAL F 87 -14.36 36.68 -26.35
C VAL F 87 -14.20 35.71 -25.18
N ILE F 88 -14.85 34.54 -25.31
CA ILE F 88 -14.77 33.39 -24.38
C ILE F 88 -13.95 32.30 -25.06
N ARG F 89 -12.75 32.05 -24.53
CA ARG F 89 -11.72 31.18 -25.14
C ARG F 89 -11.99 29.71 -24.76
N GLU F 90 -11.07 28.83 -25.16
CA GLU F 90 -11.14 27.35 -25.09
C GLU F 90 -11.43 26.90 -23.65
N GLY F 91 -12.42 26.01 -23.48
CA GLY F 91 -12.64 25.26 -22.21
C GLY F 91 -13.17 26.12 -21.06
N VAL F 92 -13.75 27.29 -21.32
CA VAL F 92 -14.21 28.18 -20.21
C VAL F 92 -15.50 27.60 -19.65
N THR F 93 -15.67 27.69 -18.33
CA THR F 93 -16.96 27.36 -17.67
C THR F 93 -17.57 28.63 -17.09
N ILE F 94 -18.84 28.84 -17.42
CA ILE F 94 -19.70 29.92 -16.85
C ILE F 94 -20.96 29.26 -16.31
N HIS F 95 -21.22 29.44 -15.02
CA HIS F 95 -22.40 28.86 -14.33
C HIS F 95 -23.46 29.94 -14.13
N ARG F 96 -24.73 29.52 -14.09
CA ARG F 96 -25.89 30.43 -13.90
C ARG F 96 -26.00 30.75 -12.42
N GLY F 97 -26.86 31.72 -12.10
CA GLY F 97 -27.05 32.16 -10.71
C GLY F 97 -27.77 31.14 -9.85
N THR F 98 -28.09 31.55 -8.62
CA THR F 98 -28.78 30.77 -7.57
C THR F 98 -29.82 31.71 -6.98
N VAL F 99 -30.93 31.16 -6.48
CA VAL F 99 -32.07 31.96 -5.95
C VAL F 99 -31.63 32.59 -4.62
N GLN F 100 -30.69 31.95 -3.92
CA GLN F 100 -30.13 32.45 -2.64
C GLN F 100 -29.59 33.87 -2.83
N ASP F 101 -28.97 34.15 -3.99
CA ASP F 101 -28.36 35.48 -4.28
C ASP F 101 -29.27 36.25 -5.27
N ARG F 102 -28.86 36.32 -6.54
CA ARG F 102 -29.37 37.28 -7.56
C ARG F 102 -30.25 36.52 -8.56
N ALA F 103 -30.17 35.19 -8.59
CA ALA F 103 -30.79 34.33 -9.63
C ALA F 103 -30.14 34.56 -11.00
N GLU F 104 -28.96 35.19 -11.04
CA GLU F 104 -28.31 35.59 -12.33
C GLU F 104 -26.78 35.72 -12.20
N THR F 105 -26.09 35.11 -13.14
CA THR F 105 -24.69 35.45 -13.47
C THR F 105 -24.74 36.46 -14.61
N THR F 106 -23.97 37.56 -14.48
CA THR F 106 -24.00 38.76 -15.36
C THR F 106 -22.59 39.07 -15.89
N ILE F 107 -22.43 39.06 -17.22
CA ILE F 107 -21.24 39.51 -17.97
C ILE F 107 -21.66 40.66 -18.91
N GLY F 108 -20.96 41.79 -18.83
CA GLY F 108 -21.19 42.97 -19.68
C GLY F 108 -20.57 42.80 -21.05
N ASP F 109 -19.78 43.79 -21.47
CA ASP F 109 -19.38 43.95 -22.89
C ASP F 109 -17.86 44.00 -22.99
N HIS F 110 -17.33 43.54 -24.13
CA HIS F 110 -15.91 43.73 -24.54
C HIS F 110 -14.98 43.02 -23.55
N ASN F 111 -15.42 41.94 -22.91
CA ASN F 111 -14.61 41.19 -21.92
C ASN F 111 -13.82 40.12 -22.70
N LEU F 112 -12.60 39.84 -22.26
CA LEU F 112 -11.74 38.77 -22.81
C LEU F 112 -11.53 37.77 -21.68
N ILE F 113 -12.06 36.55 -21.83
CA ILE F 113 -12.02 35.48 -20.80
C ILE F 113 -11.28 34.29 -21.40
N MET F 114 -10.04 34.11 -20.95
CA MET F 114 -9.05 33.23 -21.61
C MET F 114 -9.27 31.79 -21.13
N ALA F 115 -8.48 30.86 -21.67
CA ALA F 115 -8.69 29.40 -21.68
C ALA F 115 -8.82 28.87 -20.25
N TYR F 116 -9.87 28.07 -20.01
CA TYR F 116 -10.12 27.31 -18.75
C TYR F 116 -10.44 28.27 -17.60
N ALA F 117 -10.76 29.53 -17.90
CA ALA F 117 -11.26 30.47 -16.90
C ALA F 117 -12.61 29.93 -16.38
N HIS F 118 -12.94 30.27 -15.14
CA HIS F 118 -14.18 29.80 -14.48
C HIS F 118 -14.89 31.01 -13.90
N ILE F 119 -16.15 31.18 -14.28
CA ILE F 119 -17.01 32.27 -13.76
C ILE F 119 -18.12 31.60 -12.95
N GLY F 120 -17.98 31.65 -11.62
CA GLY F 120 -18.88 30.99 -10.67
C GLY F 120 -20.25 31.65 -10.64
N HIS F 121 -21.25 30.89 -10.20
CA HIS F 121 -22.67 31.33 -10.01
C HIS F 121 -22.71 32.70 -9.34
N ASP F 122 -23.51 33.61 -9.90
CA ASP F 122 -23.92 34.89 -9.24
C ASP F 122 -22.80 35.92 -9.38
N SER F 123 -21.74 35.58 -10.11
CA SER F 123 -20.65 36.54 -10.39
C SER F 123 -21.21 37.63 -11.32
N VAL F 124 -20.68 38.84 -11.20
CA VAL F 124 -21.03 40.01 -12.05
C VAL F 124 -19.73 40.54 -12.61
N ILE F 125 -19.53 40.39 -13.91
CA ILE F 125 -18.40 41.02 -14.63
C ILE F 125 -18.96 42.24 -15.38
N GLY F 126 -18.29 43.38 -15.24
CA GLY F 126 -18.62 44.61 -15.96
C GLY F 126 -18.14 44.56 -17.39
N ASN F 127 -17.39 45.58 -17.82
CA ASN F 127 -16.96 45.78 -19.22
C ASN F 127 -15.44 45.88 -19.31
N HIS F 128 -14.88 45.42 -20.44
CA HIS F 128 -13.45 45.54 -20.82
C HIS F 128 -12.55 44.82 -19.79
N CYS F 129 -13.04 43.76 -19.13
CA CYS F 129 -12.23 43.01 -18.14
C CYS F 129 -11.40 42.00 -18.92
N ILE F 130 -10.24 41.62 -18.38
CA ILE F 130 -9.41 40.50 -18.89
C ILE F 130 -9.22 39.49 -17.75
N LEU F 131 -9.70 38.28 -17.99
CA LEU F 131 -9.53 37.10 -17.09
C LEU F 131 -8.58 36.16 -17.83
N VAL F 132 -7.34 36.09 -17.38
CA VAL F 132 -6.30 35.31 -18.09
C VAL F 132 -6.53 33.84 -17.75
N ASN F 133 -5.86 32.96 -18.48
CA ASN F 133 -5.98 31.49 -18.41
C ASN F 133 -6.24 31.07 -16.95
N ASN F 134 -7.27 30.26 -16.75
CA ASN F 134 -7.48 29.49 -15.50
C ASN F 134 -7.78 30.43 -14.33
N THR F 135 -8.17 31.68 -14.59
CA THR F 135 -8.78 32.54 -13.54
C THR F 135 -10.02 31.84 -13.02
N ALA F 136 -10.23 31.79 -11.72
CA ALA F 136 -11.41 31.14 -11.13
C ALA F 136 -12.11 32.11 -10.18
N LEU F 137 -13.39 32.42 -10.47
CA LEU F 137 -14.28 33.20 -9.57
C LEU F 137 -15.19 32.20 -8.89
N ALA F 138 -15.01 31.95 -7.57
CA ALA F 138 -15.67 30.83 -6.83
C ALA F 138 -17.19 31.01 -6.88
N GLY F 139 -17.66 32.24 -6.65
CA GLY F 139 -19.11 32.56 -6.67
C GLY F 139 -19.40 33.93 -6.10
N HIS F 140 -20.43 34.62 -6.60
CA HIS F 140 -20.85 35.97 -6.14
C HIS F 140 -19.68 36.95 -6.26
N VAL F 141 -18.79 36.80 -7.23
CA VAL F 141 -17.63 37.74 -7.37
C VAL F 141 -18.05 38.84 -8.34
N HIS F 142 -17.83 40.09 -7.94
CA HIS F 142 -18.10 41.34 -8.71
C HIS F 142 -16.76 41.83 -9.26
N VAL F 143 -16.60 41.84 -10.58
CA VAL F 143 -15.38 42.31 -11.28
C VAL F 143 -15.76 43.58 -12.07
N ASP F 144 -15.26 44.72 -11.61
CA ASP F 144 -15.60 46.06 -12.14
C ASP F 144 -14.71 46.36 -13.36
N ASP F 145 -15.08 47.42 -14.10
CA ASP F 145 -14.63 47.70 -15.49
C ASP F 145 -13.10 47.74 -15.56
N TRP F 146 -12.56 47.10 -16.60
CA TRP F 146 -11.16 47.21 -17.08
C TRP F 146 -10.20 46.39 -16.22
N ALA F 147 -10.72 45.65 -15.25
CA ALA F 147 -9.85 44.93 -14.29
C ALA F 147 -9.15 43.79 -15.04
N ILE F 148 -7.91 43.50 -14.64
CA ILE F 148 -7.11 42.42 -15.25
C ILE F 148 -6.74 41.44 -14.15
N LEU F 149 -7.09 40.18 -14.38
CA LEU F 149 -6.80 39.04 -13.49
C LEU F 149 -5.80 38.17 -14.22
N SER F 150 -4.53 38.17 -13.80
CA SER F 150 -3.48 37.38 -14.48
C SER F 150 -3.76 35.87 -14.35
N GLY F 151 -3.03 35.06 -15.13
CA GLY F 151 -3.22 33.59 -15.19
C GLY F 151 -3.30 32.98 -13.81
N TYR F 152 -4.27 32.08 -13.59
CA TYR F 152 -4.43 31.26 -12.36
C TYR F 152 -4.69 32.17 -11.15
N THR F 153 -5.35 33.30 -11.36
CA THR F 153 -5.89 34.14 -10.26
C THR F 153 -7.12 33.43 -9.67
N LEU F 154 -7.12 33.23 -8.35
CA LEU F 154 -8.24 32.59 -7.59
C LEU F 154 -8.95 33.65 -6.77
N VAL F 155 -10.27 33.69 -6.83
CA VAL F 155 -11.03 34.73 -6.10
C VAL F 155 -12.07 34.04 -5.24
N HIS F 156 -11.97 34.25 -3.93
CA HIS F 156 -12.91 33.73 -2.89
C HIS F 156 -14.32 34.30 -3.13
N GLN F 157 -15.35 33.51 -2.77
CA GLN F 157 -16.77 33.91 -2.93
C GLN F 157 -16.96 35.30 -2.27
N TYR F 158 -17.79 36.16 -2.88
CA TYR F 158 -18.27 37.46 -2.33
C TYR F 158 -17.21 38.56 -2.51
N CYS F 159 -16.00 38.26 -2.96
CA CYS F 159 -14.96 39.31 -3.18
C CYS F 159 -15.34 40.26 -4.32
N ARG F 160 -15.02 41.54 -4.14
CA ARG F 160 -15.17 42.62 -5.13
C ARG F 160 -13.78 42.93 -5.70
N ILE F 161 -13.67 42.98 -7.03
CA ILE F 161 -12.42 43.32 -7.77
C ILE F 161 -12.62 44.69 -8.43
N GLY F 162 -11.87 45.68 -7.95
CA GLY F 162 -12.01 47.11 -8.31
C GLY F 162 -11.75 47.35 -9.79
N ALA F 163 -12.34 48.42 -10.32
CA ALA F 163 -12.10 48.89 -11.72
C ALA F 163 -10.61 49.20 -11.88
N HIS F 164 -10.05 48.84 -13.03
CA HIS F 164 -8.65 49.10 -13.43
C HIS F 164 -7.65 48.45 -12.46
N SER F 165 -8.10 47.55 -11.58
CA SER F 165 -7.24 46.72 -10.71
C SER F 165 -6.49 45.68 -11.57
N PHE F 166 -5.43 45.11 -11.00
CA PHE F 166 -4.54 44.11 -11.64
C PHE F 166 -4.17 43.10 -10.56
N SER F 167 -4.26 41.81 -10.91
CA SER F 167 -3.82 40.69 -10.05
C SER F 167 -2.69 39.97 -10.78
N GLY F 168 -1.55 39.82 -10.13
CA GLY F 168 -0.42 39.00 -10.62
C GLY F 168 -0.83 37.54 -10.78
N MET F 169 -0.09 36.83 -11.63
CA MET F 169 -0.09 35.37 -11.85
C MET F 169 -0.12 34.65 -10.49
N GLY F 170 -1.10 33.76 -10.31
CA GLY F 170 -1.18 32.84 -9.17
C GLY F 170 -1.68 33.57 -7.95
N SER F 171 -2.27 34.74 -8.10
CA SER F 171 -2.80 35.50 -6.95
C SER F 171 -4.00 34.73 -6.38
N ALA F 172 -4.12 34.77 -5.05
CA ALA F 172 -5.17 34.11 -4.25
C ALA F 172 -5.81 35.19 -3.39
N ILE F 173 -6.94 35.71 -3.88
CA ILE F 173 -7.65 36.89 -3.34
C ILE F 173 -8.79 36.39 -2.45
N GLY F 174 -8.74 36.78 -1.18
CA GLY F 174 -9.74 36.42 -0.17
C GLY F 174 -10.38 37.66 0.41
N LYS F 175 -9.83 38.83 0.13
CA LYS F 175 -10.41 40.15 0.48
C LYS F 175 -10.61 40.97 -0.81
N ASP F 176 -11.39 42.03 -0.71
CA ASP F 176 -11.70 42.98 -1.81
C ASP F 176 -10.40 43.64 -2.32
N VAL F 177 -10.25 43.70 -3.65
CA VAL F 177 -9.19 44.46 -4.34
C VAL F 177 -9.77 45.83 -4.67
N PRO F 178 -9.30 46.91 -4.03
CA PRO F 178 -9.78 48.24 -4.37
C PRO F 178 -9.50 48.58 -5.84
N ALA F 179 -10.25 49.55 -6.32
CA ALA F 179 -10.08 50.19 -7.64
C ALA F 179 -8.60 50.57 -7.82
N TYR F 180 -8.05 50.23 -8.98
CA TYR F 180 -6.71 50.68 -9.46
C TYR F 180 -5.56 49.97 -8.73
N VAL F 181 -5.80 49.14 -7.72
CA VAL F 181 -4.72 48.53 -6.90
C VAL F 181 -4.20 47.30 -7.64
N THR F 182 -2.89 47.06 -7.53
CA THR F 182 -2.19 45.86 -8.01
C THR F 182 -1.99 44.94 -6.80
N VAL F 183 -2.32 43.65 -6.92
CA VAL F 183 -2.12 42.63 -5.85
C VAL F 183 -1.31 41.46 -6.43
N PHE F 184 -0.62 40.73 -5.56
CA PHE F 184 0.24 39.57 -5.92
C PHE F 184 0.24 38.61 -4.74
N GLY F 185 0.38 37.32 -5.05
CA GLY F 185 0.75 36.27 -4.10
C GLY F 185 -0.43 35.46 -3.59
N ASN F 186 -0.10 34.54 -2.70
CA ASN F 186 -1.03 33.61 -2.01
C ASN F 186 -0.74 33.66 -0.52
N PRO F 187 -1.51 34.36 0.34
CA PRO F 187 -2.63 35.19 -0.08
C PRO F 187 -2.21 36.53 -0.72
N ALA F 188 -3.11 37.12 -1.49
CA ALA F 188 -2.86 38.32 -2.31
C ALA F 188 -2.44 39.49 -1.41
N GLU F 189 -1.47 40.28 -1.86
CA GLU F 189 -0.96 41.49 -1.15
C GLU F 189 -1.15 42.74 -2.02
N ALA F 190 -1.53 43.85 -1.40
CA ALA F 190 -1.49 45.21 -2.02
C ALA F 190 -0.02 45.62 -2.30
N ARG F 191 0.35 45.76 -3.58
CA ARG F 191 1.70 46.10 -4.08
C ARG F 191 1.61 47.28 -5.06
N SER F 192 1.07 48.40 -4.60
CA SER F 192 1.01 49.70 -5.35
C SER F 192 -0.26 49.82 -6.20
N MET F 193 -0.31 50.84 -7.05
CA MET F 193 -1.42 51.06 -7.98
C MET F 193 -0.98 50.71 -9.40
N ASN F 194 -1.96 50.30 -10.22
CA ASN F 194 -1.79 49.85 -11.62
C ASN F 194 -1.46 51.08 -12.47
N PHE F 195 -0.27 51.68 -12.24
CA PHE F 195 0.18 52.92 -12.90
C PHE F 195 0.31 52.65 -14.41
N GLU F 196 0.81 51.46 -14.72
CA GLU F 196 0.95 50.93 -16.09
C GLU F 196 -0.44 50.88 -16.76
N GLY F 197 -1.43 50.27 -16.10
CA GLY F 197 -2.82 50.24 -16.56
C GLY F 197 -3.36 51.63 -16.87
N MET F 198 -3.14 52.58 -15.95
CA MET F 198 -3.62 54.00 -16.05
C MET F 198 -2.96 54.70 -17.24
N ARG F 199 -1.68 54.45 -17.52
CA ARG F 199 -0.94 55.15 -18.63
C ARG F 199 -1.35 54.50 -19.97
N ARG F 200 -1.43 53.17 -20.00
CA ARG F 200 -2.00 52.41 -21.16
C ARG F 200 -3.39 52.94 -21.51
N ARG F 201 -4.20 53.33 -20.50
CA ARG F 201 -5.63 53.76 -20.64
C ARG F 201 -5.67 55.26 -21.02
N GLY F 202 -4.63 56.02 -20.67
CA GLY F 202 -4.52 57.44 -21.01
C GLY F 202 -5.17 58.32 -19.97
N PHE F 203 -5.08 57.92 -18.70
CA PHE F 203 -5.52 58.71 -17.53
C PHE F 203 -4.68 59.99 -17.44
N SER F 204 -5.24 61.04 -16.86
CA SER F 204 -4.55 62.32 -16.62
C SER F 204 -3.47 62.13 -15.57
N SER F 205 -2.33 62.81 -15.76
CA SER F 205 -1.24 62.99 -14.77
C SER F 205 -1.81 63.41 -13.41
N GLU F 206 -2.79 64.32 -13.39
CA GLU F 206 -3.37 64.86 -12.13
C GLU F 206 -4.15 63.76 -11.40
N ALA F 207 -4.88 62.91 -12.13
CA ALA F 207 -5.71 61.87 -11.48
C ALA F 207 -4.77 60.78 -10.95
N ILE F 208 -3.71 60.47 -11.70
CA ILE F 208 -2.67 59.51 -11.26
C ILE F 208 -2.05 59.98 -9.93
N HIS F 209 -1.74 61.27 -9.79
CA HIS F 209 -1.13 61.85 -8.55
C HIS F 209 -2.15 61.82 -7.43
N ALA F 210 -3.41 62.13 -7.72
CA ALA F 210 -4.46 62.10 -6.69
C ALA F 210 -4.66 60.65 -6.23
N LEU F 211 -4.58 59.66 -7.11
CA LEU F 211 -4.73 58.22 -6.73
C LEU F 211 -3.49 57.80 -5.90
N ARG F 212 -2.29 58.21 -6.32
CA ARG F 212 -1.01 58.03 -5.57
C ARG F 212 -1.21 58.47 -4.12
N ARG F 213 -1.67 59.70 -3.88
CA ARG F 213 -1.89 60.28 -2.52
C ARG F 213 -2.95 59.44 -1.79
N ALA F 214 -4.00 59.02 -2.51
CA ALA F 214 -5.16 58.30 -1.95
C ALA F 214 -4.70 56.92 -1.45
N TYR F 215 -3.78 56.26 -2.18
CA TYR F 215 -3.20 54.96 -1.77
C TYR F 215 -2.48 55.16 -0.42
N LYS F 216 -1.63 56.20 -0.31
CA LYS F 216 -0.87 56.55 0.93
C LYS F 216 -1.85 56.69 2.10
N VAL F 217 -2.95 57.41 1.89
CA VAL F 217 -3.99 57.70 2.93
C VAL F 217 -4.56 56.38 3.44
N VAL F 218 -4.91 55.47 2.53
CA VAL F 218 -5.57 54.19 2.92
C VAL F 218 -4.54 53.21 3.52
N TYR F 219 -3.30 53.18 3.03
CA TYR F 219 -2.35 52.03 3.28
C TYR F 219 -1.15 52.44 4.16
N ARG F 220 -0.68 53.68 4.12
CA ARG F 220 0.70 54.04 4.60
C ARG F 220 0.68 55.05 5.76
N GLN F 221 -0.49 55.48 6.23
CA GLN F 221 -0.58 56.55 7.24
C GLN F 221 -1.19 55.99 8.53
N GLY F 222 -1.37 54.67 8.65
CA GLY F 222 -1.83 54.01 9.89
C GLY F 222 -3.21 54.47 10.34
N HIS F 223 -4.01 55.03 9.42
CA HIS F 223 -5.46 55.31 9.60
C HIS F 223 -6.24 53.99 9.71
N THR F 224 -7.24 53.93 10.60
CA THR F 224 -8.40 52.99 10.46
C THR F 224 -9.05 53.25 9.09
N VAL F 225 -9.73 52.26 8.51
CA VAL F 225 -10.52 52.40 7.24
C VAL F 225 -11.41 53.66 7.33
N GLU F 226 -12.11 53.84 8.46
CA GLU F 226 -13.06 54.97 8.65
C GLU F 226 -12.28 56.29 8.59
N GLU F 227 -11.20 56.42 9.36
CA GLU F 227 -10.34 57.63 9.33
C GLU F 227 -9.97 57.92 7.87
N ALA F 228 -9.58 56.87 7.12
CA ALA F 228 -9.11 56.95 5.72
C ALA F 228 -10.24 57.45 4.81
N LEU F 229 -11.44 56.87 4.96
CA LEU F 229 -12.70 57.28 4.26
C LEU F 229 -12.95 58.75 4.54
N ALA F 230 -12.96 59.12 5.83
CA ALA F 230 -13.08 60.52 6.31
C ALA F 230 -12.08 61.41 5.58
N GLU F 231 -10.83 60.93 5.44
CA GLU F 231 -9.70 61.70 4.84
C GLU F 231 -9.83 61.82 3.30
N LEU F 232 -10.44 60.85 2.64
CA LEU F 232 -10.52 60.75 1.15
C LEU F 232 -11.67 61.62 0.62
N ALA F 233 -12.69 61.89 1.45
CA ALA F 233 -13.98 62.50 1.05
C ALA F 233 -13.72 63.73 0.16
N GLU F 234 -12.82 64.61 0.59
CA GLU F 234 -12.45 65.84 -0.16
C GLU F 234 -12.04 65.46 -1.58
N SER F 235 -10.87 64.81 -1.74
CA SER F 235 -10.27 64.43 -3.04
C SER F 235 -11.25 63.60 -3.86
N ALA F 236 -12.01 62.71 -3.19
CA ALA F 236 -13.08 61.86 -3.79
C ALA F 236 -14.15 62.74 -4.44
N ALA F 237 -14.59 63.81 -3.78
CA ALA F 237 -15.61 64.75 -4.31
C ALA F 237 -15.01 65.58 -5.46
N GLN F 238 -13.68 65.60 -5.62
CA GLN F 238 -12.99 66.39 -6.67
C GLN F 238 -12.68 65.55 -7.92
N PHE F 239 -12.01 64.40 -7.74
CA PHE F 239 -11.51 63.51 -8.83
C PHE F 239 -12.36 62.25 -8.89
N PRO F 240 -13.03 61.91 -10.03
CA PRO F 240 -13.90 60.73 -10.08
C PRO F 240 -13.15 59.43 -9.75
N GLU F 241 -11.89 59.32 -10.17
CA GLU F 241 -11.05 58.12 -9.92
C GLU F 241 -10.95 57.89 -8.42
N VAL F 242 -10.75 58.97 -7.65
CA VAL F 242 -10.60 58.87 -6.16
C VAL F 242 -11.96 58.48 -5.57
N ALA F 243 -13.05 59.00 -6.13
CA ALA F 243 -14.44 58.61 -5.77
C ALA F 243 -14.61 57.12 -6.04
N VAL F 244 -14.13 56.61 -7.18
CA VAL F 244 -14.24 55.16 -7.50
C VAL F 244 -13.40 54.37 -6.48
N PHE F 245 -12.17 54.83 -6.19
CA PHE F 245 -11.26 54.19 -5.21
C PHE F 245 -11.91 54.22 -3.84
N ARG F 246 -12.33 55.40 -3.38
CA ARG F 246 -13.01 55.62 -2.07
C ARG F 246 -14.22 54.67 -1.98
N ASP F 247 -15.01 54.59 -3.06
CA ASP F 247 -16.24 53.75 -3.06
C ASP F 247 -15.84 52.28 -2.90
N SER F 248 -14.72 51.85 -3.50
CA SER F 248 -14.24 50.44 -3.41
C SER F 248 -13.78 50.12 -1.98
N ILE F 249 -13.22 51.12 -1.26
CA ILE F 249 -12.83 50.99 0.18
C ILE F 249 -14.13 50.89 1.01
N GLN F 250 -14.99 51.90 0.85
N GLN F 250 -14.99 51.91 0.91
CA GLN F 250 -16.32 52.05 1.49
CA GLN F 250 -16.31 51.96 1.59
C GLN F 250 -17.13 50.75 1.40
C GLN F 250 -16.99 50.60 1.48
N SER F 251 -17.08 50.04 0.26
CA SER F 251 -17.95 48.86 -0.05
C SER F 251 -17.29 47.51 0.25
N ALA F 252 -16.11 47.46 0.89
CA ALA F 252 -15.34 46.21 1.11
C ALA F 252 -16.04 45.36 2.18
N THR F 253 -16.45 44.13 1.83
CA THR F 253 -17.31 43.23 2.66
C THR F 253 -16.44 42.30 3.53
N ARG F 254 -15.25 41.91 3.04
CA ARG F 254 -14.29 41.03 3.77
C ARG F 254 -13.08 41.84 4.23
N GLY F 255 -13.23 43.17 4.36
CA GLY F 255 -12.13 44.15 4.48
C GLY F 255 -11.35 44.24 3.17
N ILE F 256 -10.34 45.12 3.09
CA ILE F 256 -9.54 45.30 1.83
C ILE F 256 -8.28 44.42 1.87
N THR F 257 -7.76 44.09 0.70
CA THR F 257 -6.43 43.43 0.54
C THR F 257 -5.35 44.44 0.98
N ARG F 258 -4.51 44.01 1.94
CA ARG F 258 -3.53 44.84 2.69
C ARG F 258 -2.12 44.45 2.22
C10 Q5M G . 10.03 -36.67 17.25
C13 Q5M G . 12.30 -37.80 16.46
C15 Q5M G . 14.23 -38.20 18.17
C01 Q5M G . 8.38 -32.96 18.38
C02 Q5M G . 9.44 -33.00 17.46
C03 Q5M G . 10.00 -34.21 17.07
C04 Q5M G . 9.49 -35.41 17.63
C05 Q5M G . 8.46 -35.36 18.54
C06 Q5M G . 7.89 -34.13 18.94
C07 Q5M G . 7.94 -36.57 19.09
C08 Q5M G . 8.48 -37.82 18.72
C09 Q5M G . 9.53 -37.86 17.80
C11 Q5M G . 11.18 -36.75 16.25
O12 Q5M G . 11.18 -35.99 15.33
C14 Q5M G . 12.90 -37.53 17.83
O16 Q5M G . 15.22 -38.01 17.44
O17 Q5M G . 14.38 -38.96 19.15
C10 Q5M H . -10.47 -15.18 32.71
C13 Q5M H . -7.73 -15.03 32.81
C15 Q5M H . -7.19 -13.47 30.77
C01 Q5M H . -13.63 -13.50 30.36
C02 Q5M H . -12.35 -13.66 29.78
C03 Q5M H . -11.30 -14.19 30.54
C04 Q5M H . -11.53 -14.62 31.91
C05 Q5M H . -12.80 -14.46 32.46
C06 Q5M H . -13.88 -13.89 31.67
C07 Q5M H . -13.05 -14.86 33.81
C08 Q5M H . -12.02 -15.40 34.59
C09 Q5M H . -10.73 -15.57 34.04
C11 Q5M H . -9.05 -15.40 32.12
O12 Q5M H . -9.00 -15.91 31.04
C14 Q5M H . -6.66 -14.47 31.84
O16 Q5M H . -8.00 -12.56 31.10
O17 Q5M H . -6.85 -13.54 29.55
C1 GOL I . 32.81 -33.48 40.17
O1 GOL I . 32.49 -33.23 38.80
C2 GOL I . 34.30 -33.59 40.40
O2 GOL I . 34.55 -33.64 41.81
C3 GOL I . 34.90 -34.78 39.71
O3 GOL I . 35.02 -34.55 38.30
C10 Q5M J . 12.71 -15.05 18.25
C13 Q5M J . 15.26 -14.53 17.60
C15 Q5M J . 17.87 -14.60 17.76
C01 Q5M J . 9.30 -16.55 16.27
C02 Q5M J . 10.58 -16.92 15.81
C03 Q5M J . 11.72 -16.46 16.44
C04 Q5M J . 11.56 -15.57 17.58
C05 Q5M J . 10.29 -15.20 18.01
C06 Q5M J . 9.14 -15.71 17.38
C07 Q5M J . 10.13 -14.32 19.13
C08 Q5M J . 11.25 -13.83 19.78
C09 Q5M J . 12.54 -14.19 19.34
C11 Q5M J . 14.09 -15.49 17.85
O12 Q5M J . 14.26 -16.67 17.76
C14 Q5M J . 16.57 -15.27 17.24
O16 Q5M J . 17.87 -13.51 18.38
O17 Q5M J . 18.98 -15.15 17.58
C1 GOL K . -14.88 -22.04 9.97
O1 GOL K . -14.76 -21.65 8.60
C2 GOL K . -16.00 -23.04 10.15
O2 GOL K . -15.72 -24.26 9.47
C3 GOL K . -16.30 -23.31 11.59
O3 GOL K . -17.18 -22.32 12.13
C1 GOL L . 4.85 0.16 -3.12
O1 GOL L . 5.35 1.42 -2.64
C2 GOL L . 5.90 -0.60 -3.92
O2 GOL L . 5.34 -1.84 -4.37
C3 GOL L . 7.19 -0.89 -3.18
O3 GOL L . 7.41 -0.02 -2.08
C10 Q5M M . 3.37 -24.08 0.72
C13 Q5M M . 5.10 -23.61 -1.27
C15 Q5M M . 5.24 -25.89 -2.29
C01 Q5M M . 2.59 -25.80 4.54
C02 Q5M M . 3.91 -25.56 4.14
C03 Q5M M . 4.17 -25.00 2.90
C04 Q5M M . 3.11 -24.65 2.01
C05 Q5M M . 1.82 -24.91 2.42
C06 Q5M M . 1.54 -25.49 3.69
C07 Q5M M . 0.73 -24.60 1.56
C08 Q5M M . 0.99 -24.04 0.33
C09 Q5M M . 2.29 -23.77 -0.10
C11 Q5M M . 4.79 -23.75 0.22
O12 Q5M M . 5.65 -23.53 1.00
C14 Q5M M . 4.39 -24.63 -2.18
O16 Q5M M . 5.00 -26.81 -3.13
O17 Q5M M . 6.22 -26.01 -1.52
C1 GOL N . 16.71 -47.14 11.35
O1 GOL N . 16.25 -48.36 10.79
C2 GOL N . 16.32 -45.92 10.54
O2 GOL N . 15.11 -46.17 9.82
C3 GOL N . 16.14 -44.68 11.38
O3 GOL N . 16.75 -43.55 10.77
C10 Q5M O . -14.46 27.30 -4.23
C13 Q5M O . -14.24 28.24 -1.89
C15 Q5M O . -13.23 28.53 0.37
C01 Q5M O . -13.17 27.73 -8.20
C02 Q5M O . -12.26 28.00 -7.17
C03 Q5M O . -12.69 27.86 -5.86
C04 Q5M O . -14.02 27.47 -5.58
C05 Q5M O . -14.91 27.22 -6.61
C06 Q5M O . -14.49 27.37 -7.96
C07 Q5M O . -16.26 26.85 -6.33
C08 Q5M O . -16.67 26.69 -5.02
C09 Q5M O . -15.79 26.92 -3.96
C11 Q5M O . -13.54 27.53 -3.04
O12 Q5M O . -12.36 27.23 -3.02
C14 Q5M O . -13.22 28.99 -1.07
O16 Q5M O . -14.29 28.11 0.88
O17 Q5M O . -12.17 28.58 1.01
C10 Q5M P . 3.11 15.78 -10.61
C13 Q5M P . 4.90 16.07 -8.64
C15 Q5M P . 7.24 16.30 -7.62
C01 Q5M P . -0.87 16.98 -11.50
C02 Q5M P . -0.10 17.75 -10.63
C03 Q5M P . 1.21 17.35 -10.35
C04 Q5M P . 1.75 16.18 -10.92
C05 Q5M P . 1.00 15.42 -11.77
C06 Q5M P . -0.34 15.81 -12.06
C07 Q5M P . 1.53 14.22 -12.34
C08 Q5M P . 2.84 13.83 -12.06
C09 Q5M P . 3.64 14.61 -11.20
C11 Q5M P . 3.96 16.66 -9.70
O12 Q5M P . 3.93 17.85 -9.86
C14 Q5M P . 6.17 16.95 -8.51
O16 Q5M P . 8.28 16.90 -7.27
O17 Q5M P . 7.06 15.13 -7.21
C10 Q5M Q . -0.31 35.86 -18.71
C13 Q5M Q . 0.97 37.78 -17.32
C15 Q5M Q . 3.48 38.00 -17.76
C01 Q5M Q . -0.95 31.66 -18.60
C02 Q5M Q . -0.51 32.29 -17.44
C03 Q5M Q . -0.27 33.67 -17.49
C04 Q5M Q . -0.52 34.44 -18.69
C05 Q5M Q . -0.95 33.80 -19.82
C06 Q5M Q . -1.16 32.39 -19.78
C07 Q5M Q . -1.19 34.56 -21.02
C08 Q5M Q . -0.96 35.96 -21.05
C09 Q5M Q . -0.53 36.61 -19.88
C11 Q5M Q . 0.13 36.50 -17.39
O12 Q5M Q . -0.22 35.93 -16.40
C14 Q5M Q . 2.37 37.38 -16.88
O16 Q5M Q . 3.33 39.18 -18.23
O17 Q5M Q . 4.54 37.35 -18.03
C10 Q5M R . -2.11 6.43 -49.59
C13 Q5M R . -4.43 7.83 -50.30
C15 Q5M R . -5.32 7.60 -52.73
C01 Q5M R . -2.40 4.65 -45.60
C02 Q5M R . -3.49 5.30 -46.19
C03 Q5M R . -3.47 5.90 -47.48
C04 Q5M R . -2.27 5.84 -48.24
C05 Q5M R . -1.19 5.17 -47.64
C06 Q5M R . -1.21 4.57 -46.33
C07 Q5M R . 0.04 5.07 -48.33
C08 Q5M R . 0.18 5.61 -49.59
C09 Q5M R . -0.88 6.26 -50.20
C11 Q5M R . -3.05 7.21 -50.55
O12 Q5M R . -2.64 7.35 -51.66
C14 Q5M R . -4.93 8.55 -51.58
O16 Q5M R . -5.40 8.01 -53.90
O17 Q5M R . -5.59 6.38 -52.57
#